data_3H4Y
# 
_entry.id   3H4Y 
# 
_audit_conform.dict_name       mmcif_pdbx.dic 
_audit_conform.dict_version    5.397 
_audit_conform.dict_location   http://mmcif.pdb.org/dictionaries/ascii/mmcif_pdbx.dic 
# 
loop_
_database_2.database_id 
_database_2.database_code 
_database_2.pdbx_database_accession 
_database_2.pdbx_DOI 
PDB   3H4Y         pdb_00003h4y 10.2210/pdb3h4y/pdb 
RCSB  RCSB052697   ?            ?                   
WWPDB D_1000052697 ?            ?                   
# 
loop_
_pdbx_audit_revision_history.ordinal 
_pdbx_audit_revision_history.data_content_type 
_pdbx_audit_revision_history.major_revision 
_pdbx_audit_revision_history.minor_revision 
_pdbx_audit_revision_history.revision_date 
1 'Structure model' 1 0 2009-05-05 
2 'Structure model' 1 1 2011-07-13 
3 'Structure model' 1 2 2017-11-01 
4 'Structure model' 1 3 2019-07-24 
5 'Structure model' 1 4 2023-02-01 
6 'Structure model' 1 5 2024-10-16 
# 
_pdbx_audit_revision_details.ordinal             1 
_pdbx_audit_revision_details.revision_ordinal    1 
_pdbx_audit_revision_details.data_content_type   'Structure model' 
_pdbx_audit_revision_details.provider            repository 
_pdbx_audit_revision_details.type                'Initial release' 
_pdbx_audit_revision_details.description         ? 
_pdbx_audit_revision_details.details             ? 
# 
loop_
_pdbx_audit_revision_group.ordinal 
_pdbx_audit_revision_group.revision_ordinal 
_pdbx_audit_revision_group.data_content_type 
_pdbx_audit_revision_group.group 
1  2 'Structure model' Advisory                    
2  2 'Structure model' 'Version format compliance' 
3  3 'Structure model' 'Refinement description'    
4  4 'Structure model' 'Data collection'           
5  4 'Structure model' 'Derived calculations'      
6  4 'Structure model' 'Refinement description'    
7  5 'Structure model' 'Database references'       
8  5 'Structure model' 'Derived calculations'      
9  6 'Structure model' 'Data collection'           
10 6 'Structure model' 'Structure summary'         
# 
loop_
_pdbx_audit_revision_category.ordinal 
_pdbx_audit_revision_category.revision_ordinal 
_pdbx_audit_revision_category.data_content_type 
_pdbx_audit_revision_category.category 
1  3 'Structure model' software                  
2  4 'Structure model' software                  
3  4 'Structure model' struct_conn               
4  5 'Structure model' database_2                
5  5 'Structure model' struct_ref_seq_dif        
6  5 'Structure model' struct_site               
7  6 'Structure model' chem_comp_atom            
8  6 'Structure model' chem_comp_bond            
9  6 'Structure model' pdbx_entry_details        
10 6 'Structure model' pdbx_modification_feature 
# 
loop_
_pdbx_audit_revision_item.ordinal 
_pdbx_audit_revision_item.revision_ordinal 
_pdbx_audit_revision_item.data_content_type 
_pdbx_audit_revision_item.item 
1  3 'Structure model' '_software.classification'                     
2  3 'Structure model' '_software.name'                               
3  4 'Structure model' '_software.classification'                     
4  4 'Structure model' '_software.contact_author'                     
5  4 'Structure model' '_software.contact_author_email'               
6  4 'Structure model' '_software.language'                           
7  4 'Structure model' '_software.location'                           
8  4 'Structure model' '_software.name'                               
9  4 'Structure model' '_software.type'                               
10 4 'Structure model' '_software.version'                            
11 4 'Structure model' '_struct_conn.pdbx_leaving_atom_flag'          
12 5 'Structure model' '_database_2.pdbx_DOI'                         
13 5 'Structure model' '_database_2.pdbx_database_accession'          
14 5 'Structure model' '_struct_ref_seq_dif.details'                  
15 5 'Structure model' '_struct_site.pdbx_auth_asym_id'               
16 5 'Structure model' '_struct_site.pdbx_auth_comp_id'               
17 5 'Structure model' '_struct_site.pdbx_auth_seq_id'                
18 6 'Structure model' '_pdbx_entry_details.has_protein_modification' 
# 
_pdbx_database_status.SG_entry                        Y 
_pdbx_database_status.entry_id                        3H4Y 
_pdbx_database_status.deposit_site                    RCSB 
_pdbx_database_status.process_site                    RCSB 
_pdbx_database_status.recvd_initial_deposition_date   2009-04-21 
_pdbx_database_status.status_code                     REL 
_pdbx_database_status.status_code_sf                  REL 
_pdbx_database_status.status_code_mr                  ? 
_pdbx_database_status.pdb_format_compatible           Y 
_pdbx_database_status.status_code_cs                  ? 
_pdbx_database_status.methods_development_category    ? 
_pdbx_database_status.status_code_nmr_data            ? 
# 
_pdbx_database_related.db_name        TargetDB 
_pdbx_database_related.db_id          394351 
_pdbx_database_related.details        . 
_pdbx_database_related.content_type   unspecified 
# 
_audit_author.name           'Joint Center for Structural Genomics (JCSG)' 
_audit_author.pdbx_ordinal   1 
# 
_citation.id                        primary 
_citation.title                     
'Crystal structure of putative chemotaxis protein (YP_009526.1) from DESULFOVIBRIO VULGARIS HILDENBOROUGH at 1.55 A resolution' 
_citation.journal_abbrev            'To be published' 
_citation.journal_volume            ? 
_citation.page_first                ? 
_citation.page_last                 ? 
_citation.year                      ? 
_citation.journal_id_ASTM           ? 
_citation.country                   ? 
_citation.journal_id_ISSN           ? 
_citation.journal_id_CSD            0353 
_citation.book_publisher            ? 
_citation.pdbx_database_id_PubMed   ? 
_citation.pdbx_database_id_DOI      ? 
# 
_citation_author.citation_id        primary 
_citation_author.name               'Joint Center for Structural Genomics (JCSG)' 
_citation_author.ordinal            1 
_citation_author.identifier_ORCID   ? 
# 
loop_
_entity.id 
_entity.type 
_entity.src_method 
_entity.pdbx_description 
_entity.formula_weight 
_entity.pdbx_number_of_molecules 
_entity.pdbx_ec 
_entity.pdbx_mutation 
_entity.pdbx_fragment 
_entity.details 
1 polymer     man 'putative chemotaxis protein'   16642.891 1   ? ? ? ? 
2 non-polymer syn 'CITRIC ACID'                   192.124   1   ? ? ? ? 
3 non-polymer syn '(4R)-2-METHYLPENTANE-2,4-DIOL' 118.174   1   ? ? ? ? 
4 water       nat water                           18.015    139 ? ? ? ? 
# 
_entity_name_com.entity_id   1 
_entity_name_com.name        'Chemotaxis protein CheX, putative' 
# 
_entity_poly.entity_id                      1 
_entity_poly.type                           'polypeptide(L)' 
_entity_poly.nstd_linkage                   no 
_entity_poly.nstd_monomer                   yes 
_entity_poly.pdbx_seq_one_letter_code       
;G(MSE)SVNGIEVAKPFIAATVNVLST(MSE)AGIQPQPGKPYVKKNNVAKGDVSAVIGITGHKNGSISVTFTKSCAIAL
VKG(MSE)LGDDIQDILQDTKDAVGEVTN(MSE)ISGQARAGLAE(MSE)G(MSE)VFQGSTPSVI(MSE)GDGHTISHV
TKSPI(MSE)AIPFLTNHGEFTVEFCFE
;
_entity_poly.pdbx_seq_one_letter_code_can   
;GMSVNGIEVAKPFIAATVNVLSTMAGIQPQPGKPYVKKNNVAKGDVSAVIGITGHKNGSISVTFTKSCAIALVKGMLGDD
IQDILQDTKDAVGEVTNMISGQARAGLAEMGMVFQGSTPSVIMGDGHTISHVTKSPIMAIPFLTNHGEFTVEFCFE
;
_entity_poly.pdbx_strand_id                 A 
_entity_poly.pdbx_target_identifier         394351 
# 
loop_
_pdbx_entity_nonpoly.entity_id 
_pdbx_entity_nonpoly.name 
_pdbx_entity_nonpoly.comp_id 
2 'CITRIC ACID'                   CIT 
3 '(4R)-2-METHYLPENTANE-2,4-DIOL' MRD 
4 water                           HOH 
# 
loop_
_entity_poly_seq.entity_id 
_entity_poly_seq.num 
_entity_poly_seq.mon_id 
_entity_poly_seq.hetero 
1 1   GLY n 
1 2   MSE n 
1 3   SER n 
1 4   VAL n 
1 5   ASN n 
1 6   GLY n 
1 7   ILE n 
1 8   GLU n 
1 9   VAL n 
1 10  ALA n 
1 11  LYS n 
1 12  PRO n 
1 13  PHE n 
1 14  ILE n 
1 15  ALA n 
1 16  ALA n 
1 17  THR n 
1 18  VAL n 
1 19  ASN n 
1 20  VAL n 
1 21  LEU n 
1 22  SER n 
1 23  THR n 
1 24  MSE n 
1 25  ALA n 
1 26  GLY n 
1 27  ILE n 
1 28  GLN n 
1 29  PRO n 
1 30  GLN n 
1 31  PRO n 
1 32  GLY n 
1 33  LYS n 
1 34  PRO n 
1 35  TYR n 
1 36  VAL n 
1 37  LYS n 
1 38  LYS n 
1 39  ASN n 
1 40  ASN n 
1 41  VAL n 
1 42  ALA n 
1 43  LYS n 
1 44  GLY n 
1 45  ASP n 
1 46  VAL n 
1 47  SER n 
1 48  ALA n 
1 49  VAL n 
1 50  ILE n 
1 51  GLY n 
1 52  ILE n 
1 53  THR n 
1 54  GLY n 
1 55  HIS n 
1 56  LYS n 
1 57  ASN n 
1 58  GLY n 
1 59  SER n 
1 60  ILE n 
1 61  SER n 
1 62  VAL n 
1 63  THR n 
1 64  PHE n 
1 65  THR n 
1 66  LYS n 
1 67  SER n 
1 68  CYS n 
1 69  ALA n 
1 70  ILE n 
1 71  ALA n 
1 72  LEU n 
1 73  VAL n 
1 74  LYS n 
1 75  GLY n 
1 76  MSE n 
1 77  LEU n 
1 78  GLY n 
1 79  ASP n 
1 80  ASP n 
1 81  ILE n 
1 82  GLN n 
1 83  ASP n 
1 84  ILE n 
1 85  LEU n 
1 86  GLN n 
1 87  ASP n 
1 88  THR n 
1 89  LYS n 
1 90  ASP n 
1 91  ALA n 
1 92  VAL n 
1 93  GLY n 
1 94  GLU n 
1 95  VAL n 
1 96  THR n 
1 97  ASN n 
1 98  MSE n 
1 99  ILE n 
1 100 SER n 
1 101 GLY n 
1 102 GLN n 
1 103 ALA n 
1 104 ARG n 
1 105 ALA n 
1 106 GLY n 
1 107 LEU n 
1 108 ALA n 
1 109 GLU n 
1 110 MSE n 
1 111 GLY n 
1 112 MSE n 
1 113 VAL n 
1 114 PHE n 
1 115 GLN n 
1 116 GLY n 
1 117 SER n 
1 118 THR n 
1 119 PRO n 
1 120 SER n 
1 121 VAL n 
1 122 ILE n 
1 123 MSE n 
1 124 GLY n 
1 125 ASP n 
1 126 GLY n 
1 127 HIS n 
1 128 THR n 
1 129 ILE n 
1 130 SER n 
1 131 HIS n 
1 132 VAL n 
1 133 THR n 
1 134 LYS n 
1 135 SER n 
1 136 PRO n 
1 137 ILE n 
1 138 MSE n 
1 139 ALA n 
1 140 ILE n 
1 141 PRO n 
1 142 PHE n 
1 143 LEU n 
1 144 THR n 
1 145 ASN n 
1 146 HIS n 
1 147 GLY n 
1 148 GLU n 
1 149 PHE n 
1 150 THR n 
1 151 VAL n 
1 152 GLU n 
1 153 PHE n 
1 154 CYS n 
1 155 PHE n 
1 156 GLU n 
# 
_entity_src_gen.entity_id                          1 
_entity_src_gen.pdbx_src_id                        1 
_entity_src_gen.pdbx_alt_source_flag               sample 
_entity_src_gen.pdbx_seq_type                      ? 
_entity_src_gen.pdbx_beg_seq_num                   ? 
_entity_src_gen.pdbx_end_seq_num                   ? 
_entity_src_gen.gene_src_common_name               ? 
_entity_src_gen.gene_src_genus                     ? 
_entity_src_gen.pdbx_gene_src_gene                 'DVU_0302, YP_009526.1' 
_entity_src_gen.gene_src_species                   ? 
_entity_src_gen.gene_src_strain                    ? 
_entity_src_gen.gene_src_tissue                    ? 
_entity_src_gen.gene_src_tissue_fraction           ? 
_entity_src_gen.gene_src_details                   ? 
_entity_src_gen.pdbx_gene_src_fragment             ? 
_entity_src_gen.pdbx_gene_src_scientific_name      'Desulfovibrio vulgaris str. Hildenborough' 
_entity_src_gen.pdbx_gene_src_ncbi_taxonomy_id     882 
_entity_src_gen.pdbx_gene_src_variant              ? 
_entity_src_gen.pdbx_gene_src_cell_line            ? 
_entity_src_gen.pdbx_gene_src_atcc                 ? 
_entity_src_gen.pdbx_gene_src_organ                ? 
_entity_src_gen.pdbx_gene_src_organelle            ? 
_entity_src_gen.pdbx_gene_src_cell                 ? 
_entity_src_gen.pdbx_gene_src_cellular_location    ? 
_entity_src_gen.host_org_common_name               ? 
_entity_src_gen.pdbx_host_org_scientific_name      'Escherichia Coli' 
_entity_src_gen.pdbx_host_org_ncbi_taxonomy_id     562 
_entity_src_gen.host_org_genus                     ? 
_entity_src_gen.pdbx_host_org_gene                 ? 
_entity_src_gen.pdbx_host_org_organ                ? 
_entity_src_gen.host_org_species                   ? 
_entity_src_gen.pdbx_host_org_tissue               ? 
_entity_src_gen.pdbx_host_org_tissue_fraction      ? 
_entity_src_gen.pdbx_host_org_strain               HK100 
_entity_src_gen.pdbx_host_org_variant              ? 
_entity_src_gen.pdbx_host_org_cell_line            ? 
_entity_src_gen.pdbx_host_org_atcc                 ? 
_entity_src_gen.pdbx_host_org_culture_collection   ? 
_entity_src_gen.pdbx_host_org_cell                 ? 
_entity_src_gen.pdbx_host_org_organelle            ? 
_entity_src_gen.pdbx_host_org_cellular_location    ? 
_entity_src_gen.pdbx_host_org_vector_type          Plasmid 
_entity_src_gen.pdbx_host_org_vector               ? 
_entity_src_gen.host_org_details                   ? 
_entity_src_gen.expression_system_id               ? 
_entity_src_gen.plasmid_name                       SpeedET 
_entity_src_gen.plasmid_details                    ? 
_entity_src_gen.pdbx_description                   ? 
# 
loop_
_chem_comp.id 
_chem_comp.type 
_chem_comp.mon_nstd_flag 
_chem_comp.name 
_chem_comp.pdbx_synonyms 
_chem_comp.formula 
_chem_comp.formula_weight 
ALA 'L-peptide linking' y ALANINE                         ? 'C3 H7 N O2'     89.093  
ARG 'L-peptide linking' y ARGININE                        ? 'C6 H15 N4 O2 1' 175.209 
ASN 'L-peptide linking' y ASPARAGINE                      ? 'C4 H8 N2 O3'    132.118 
ASP 'L-peptide linking' y 'ASPARTIC ACID'                 ? 'C4 H7 N O4'     133.103 
CIT non-polymer         . 'CITRIC ACID'                   ? 'C6 H8 O7'       192.124 
CYS 'L-peptide linking' y CYSTEINE                        ? 'C3 H7 N O2 S'   121.158 
GLN 'L-peptide linking' y GLUTAMINE                       ? 'C5 H10 N2 O3'   146.144 
GLU 'L-peptide linking' y 'GLUTAMIC ACID'                 ? 'C5 H9 N O4'     147.129 
GLY 'peptide linking'   y GLYCINE                         ? 'C2 H5 N O2'     75.067  
HIS 'L-peptide linking' y HISTIDINE                       ? 'C6 H10 N3 O2 1' 156.162 
HOH non-polymer         . WATER                           ? 'H2 O'           18.015  
ILE 'L-peptide linking' y ISOLEUCINE                      ? 'C6 H13 N O2'    131.173 
LEU 'L-peptide linking' y LEUCINE                         ? 'C6 H13 N O2'    131.173 
LYS 'L-peptide linking' y LYSINE                          ? 'C6 H15 N2 O2 1' 147.195 
MRD non-polymer         . '(4R)-2-METHYLPENTANE-2,4-DIOL' ? 'C6 H14 O2'      118.174 
MSE 'L-peptide linking' n SELENOMETHIONINE                ? 'C5 H11 N O2 Se' 196.106 
PHE 'L-peptide linking' y PHENYLALANINE                   ? 'C9 H11 N O2'    165.189 
PRO 'L-peptide linking' y PROLINE                         ? 'C5 H9 N O2'     115.130 
SER 'L-peptide linking' y SERINE                          ? 'C3 H7 N O3'     105.093 
THR 'L-peptide linking' y THREONINE                       ? 'C4 H9 N O3'     119.119 
TYR 'L-peptide linking' y TYROSINE                        ? 'C9 H11 N O3'    181.189 
VAL 'L-peptide linking' y VALINE                          ? 'C5 H11 N O2'    117.146 
# 
loop_
_pdbx_poly_seq_scheme.asym_id 
_pdbx_poly_seq_scheme.entity_id 
_pdbx_poly_seq_scheme.seq_id 
_pdbx_poly_seq_scheme.mon_id 
_pdbx_poly_seq_scheme.ndb_seq_num 
_pdbx_poly_seq_scheme.pdb_seq_num 
_pdbx_poly_seq_scheme.auth_seq_num 
_pdbx_poly_seq_scheme.pdb_mon_id 
_pdbx_poly_seq_scheme.auth_mon_id 
_pdbx_poly_seq_scheme.pdb_strand_id 
_pdbx_poly_seq_scheme.pdb_ins_code 
_pdbx_poly_seq_scheme.hetero 
A 1 1   GLY 1   0   ?   ?   ?   A . n 
A 1 2   MSE 2   1   ?   ?   ?   A . n 
A 1 3   SER 3   2   2   SER SER A . n 
A 1 4   VAL 4   3   3   VAL VAL A . n 
A 1 5   ASN 5   4   4   ASN ASN A . n 
A 1 6   GLY 6   5   5   GLY GLY A . n 
A 1 7   ILE 7   6   6   ILE ILE A . n 
A 1 8   GLU 8   7   7   GLU GLU A . n 
A 1 9   VAL 9   8   8   VAL VAL A . n 
A 1 10  ALA 10  9   9   ALA ALA A . n 
A 1 11  LYS 11  10  10  LYS LYS A . n 
A 1 12  PRO 12  11  11  PRO PRO A . n 
A 1 13  PHE 13  12  12  PHE PHE A . n 
A 1 14  ILE 14  13  13  ILE ILE A . n 
A 1 15  ALA 15  14  14  ALA ALA A . n 
A 1 16  ALA 16  15  15  ALA ALA A . n 
A 1 17  THR 17  16  16  THR THR A . n 
A 1 18  VAL 18  17  17  VAL VAL A . n 
A 1 19  ASN 19  18  18  ASN ASN A . n 
A 1 20  VAL 20  19  19  VAL VAL A . n 
A 1 21  LEU 21  20  20  LEU LEU A . n 
A 1 22  SER 22  21  21  SER SER A . n 
A 1 23  THR 23  22  22  THR THR A . n 
A 1 24  MSE 24  23  23  MSE MSE A . n 
A 1 25  ALA 25  24  24  ALA ALA A . n 
A 1 26  GLY 26  25  25  GLY GLY A . n 
A 1 27  ILE 27  26  26  ILE ILE A . n 
A 1 28  GLN 28  27  27  GLN GLN A . n 
A 1 29  PRO 29  28  28  PRO PRO A . n 
A 1 30  GLN 30  29  29  GLN GLN A . n 
A 1 31  PRO 31  30  30  PRO PRO A . n 
A 1 32  GLY 32  31  31  GLY GLY A . n 
A 1 33  LYS 33  32  32  LYS LYS A . n 
A 1 34  PRO 34  33  33  PRO PRO A . n 
A 1 35  TYR 35  34  34  TYR TYR A . n 
A 1 36  VAL 36  35  35  VAL VAL A . n 
A 1 37  LYS 37  36  36  LYS LYS A . n 
A 1 38  LYS 38  37  37  LYS LYS A . n 
A 1 39  ASN 39  38  38  ASN ASN A . n 
A 1 40  ASN 40  39  39  ASN ASN A . n 
A 1 41  VAL 41  40  40  VAL VAL A . n 
A 1 42  ALA 42  41  41  ALA ALA A . n 
A 1 43  LYS 43  42  42  LYS LYS A . n 
A 1 44  GLY 44  43  43  GLY GLY A . n 
A 1 45  ASP 45  44  44  ASP ASP A . n 
A 1 46  VAL 46  45  45  VAL VAL A . n 
A 1 47  SER 47  46  46  SER SER A . n 
A 1 48  ALA 48  47  47  ALA ALA A . n 
A 1 49  VAL 49  48  48  VAL VAL A . n 
A 1 50  ILE 50  49  49  ILE ILE A . n 
A 1 51  GLY 51  50  50  GLY GLY A . n 
A 1 52  ILE 52  51  51  ILE ILE A . n 
A 1 53  THR 53  52  52  THR THR A . n 
A 1 54  GLY 54  53  53  GLY GLY A . n 
A 1 55  HIS 55  54  54  HIS HIS A . n 
A 1 56  LYS 56  55  55  LYS LYS A . n 
A 1 57  ASN 57  56  56  ASN ASN A . n 
A 1 58  GLY 58  57  57  GLY GLY A . n 
A 1 59  SER 59  58  58  SER SER A . n 
A 1 60  ILE 60  59  59  ILE ILE A . n 
A 1 61  SER 61  60  60  SER SER A . n 
A 1 62  VAL 62  61  61  VAL VAL A . n 
A 1 63  THR 63  62  62  THR THR A . n 
A 1 64  PHE 64  63  63  PHE PHE A . n 
A 1 65  THR 65  64  64  THR THR A . n 
A 1 66  LYS 66  65  65  LYS LYS A . n 
A 1 67  SER 67  66  66  SER SER A . n 
A 1 68  CYS 68  67  67  CYS CYS A . n 
A 1 69  ALA 69  68  68  ALA ALA A . n 
A 1 70  ILE 70  69  69  ILE ILE A . n 
A 1 71  ALA 71  70  70  ALA ALA A . n 
A 1 72  LEU 72  71  71  LEU LEU A . n 
A 1 73  VAL 73  72  72  VAL VAL A . n 
A 1 74  LYS 74  73  73  LYS LYS A . n 
A 1 75  GLY 75  74  74  GLY GLY A . n 
A 1 76  MSE 76  75  75  MSE MSE A . n 
A 1 77  LEU 77  76  76  LEU LEU A . n 
A 1 78  GLY 78  77  77  GLY GLY A . n 
A 1 79  ASP 79  78  78  ASP ASP A . n 
A 1 80  ASP 80  79  79  ASP ASP A . n 
A 1 81  ILE 81  80  80  ILE ILE A . n 
A 1 82  GLN 82  81  81  GLN GLN A . n 
A 1 83  ASP 83  82  82  ASP ASP A . n 
A 1 84  ILE 84  83  83  ILE ILE A . n 
A 1 85  LEU 85  84  84  LEU LEU A . n 
A 1 86  GLN 86  85  85  GLN GLN A . n 
A 1 87  ASP 87  86  86  ASP ASP A . n 
A 1 88  THR 88  87  87  THR THR A . n 
A 1 89  LYS 89  88  88  LYS LYS A . n 
A 1 90  ASP 90  89  89  ASP ASP A . n 
A 1 91  ALA 91  90  90  ALA ALA A . n 
A 1 92  VAL 92  91  91  VAL VAL A . n 
A 1 93  GLY 93  92  92  GLY GLY A . n 
A 1 94  GLU 94  93  93  GLU GLU A . n 
A 1 95  VAL 95  94  94  VAL VAL A . n 
A 1 96  THR 96  95  95  THR THR A . n 
A 1 97  ASN 97  96  96  ASN ASN A . n 
A 1 98  MSE 98  97  97  MSE MSE A . n 
A 1 99  ILE 99  98  98  ILE ILE A . n 
A 1 100 SER 100 99  99  SER SER A . n 
A 1 101 GLY 101 100 100 GLY GLY A . n 
A 1 102 GLN 102 101 101 GLN GLN A . n 
A 1 103 ALA 103 102 102 ALA ALA A . n 
A 1 104 ARG 104 103 103 ARG ARG A . n 
A 1 105 ALA 105 104 104 ALA ALA A . n 
A 1 106 GLY 106 105 105 GLY GLY A . n 
A 1 107 LEU 107 106 106 LEU LEU A . n 
A 1 108 ALA 108 107 107 ALA ALA A . n 
A 1 109 GLU 109 108 108 GLU GLU A . n 
A 1 110 MSE 110 109 109 MSE MSE A . n 
A 1 111 GLY 111 110 110 GLY GLY A . n 
A 1 112 MSE 112 111 111 MSE MSE A . n 
A 1 113 VAL 113 112 112 VAL VAL A . n 
A 1 114 PHE 114 113 113 PHE PHE A . n 
A 1 115 GLN 115 114 114 GLN GLN A . n 
A 1 116 GLY 116 115 115 GLY GLY A . n 
A 1 117 SER 117 116 116 SER SER A . n 
A 1 118 THR 118 117 117 THR THR A . n 
A 1 119 PRO 119 118 118 PRO PRO A . n 
A 1 120 SER 120 119 119 SER SER A . n 
A 1 121 VAL 121 120 120 VAL VAL A . n 
A 1 122 ILE 122 121 121 ILE ILE A . n 
A 1 123 MSE 123 122 122 MSE MSE A . n 
A 1 124 GLY 124 123 123 GLY GLY A . n 
A 1 125 ASP 125 124 124 ASP ASP A . n 
A 1 126 GLY 126 125 125 GLY GLY A . n 
A 1 127 HIS 127 126 126 HIS HIS A . n 
A 1 128 THR 128 127 127 THR THR A . n 
A 1 129 ILE 129 128 128 ILE ILE A . n 
A 1 130 SER 130 129 129 SER SER A . n 
A 1 131 HIS 131 130 130 HIS HIS A . n 
A 1 132 VAL 132 131 131 VAL VAL A . n 
A 1 133 THR 133 132 132 THR THR A . n 
A 1 134 LYS 134 133 133 LYS LYS A . n 
A 1 135 SER 135 134 134 SER SER A . n 
A 1 136 PRO 136 135 135 PRO PRO A . n 
A 1 137 ILE 137 136 136 ILE ILE A . n 
A 1 138 MSE 138 137 137 MSE MSE A . n 
A 1 139 ALA 139 138 138 ALA ALA A . n 
A 1 140 ILE 140 139 139 ILE ILE A . n 
A 1 141 PRO 141 140 140 PRO PRO A . n 
A 1 142 PHE 142 141 141 PHE PHE A . n 
A 1 143 LEU 143 142 142 LEU LEU A . n 
A 1 144 THR 144 143 143 THR THR A . n 
A 1 145 ASN 145 144 144 ASN ASN A . n 
A 1 146 HIS 146 145 145 HIS HIS A . n 
A 1 147 GLY 147 146 146 GLY GLY A . n 
A 1 148 GLU 148 147 147 GLU GLU A . n 
A 1 149 PHE 149 148 148 PHE PHE A . n 
A 1 150 THR 150 149 149 THR THR A . n 
A 1 151 VAL 151 150 150 VAL VAL A . n 
A 1 152 GLU 152 151 151 GLU GLU A . n 
A 1 153 PHE 153 152 152 PHE PHE A . n 
A 1 154 CYS 154 153 153 CYS CYS A . n 
A 1 155 PHE 155 154 154 PHE PHE A . n 
A 1 156 GLU 156 155 155 GLU GLU A . n 
# 
loop_
_pdbx_nonpoly_scheme.asym_id 
_pdbx_nonpoly_scheme.entity_id 
_pdbx_nonpoly_scheme.mon_id 
_pdbx_nonpoly_scheme.ndb_seq_num 
_pdbx_nonpoly_scheme.pdb_seq_num 
_pdbx_nonpoly_scheme.auth_seq_num 
_pdbx_nonpoly_scheme.pdb_mon_id 
_pdbx_nonpoly_scheme.auth_mon_id 
_pdbx_nonpoly_scheme.pdb_strand_id 
_pdbx_nonpoly_scheme.pdb_ins_code 
B 2 CIT 1   156 1   CIT CIT A . 
C 3 MRD 1   157 2   MRD MRD A . 
D 4 HOH 1   158 3   HOH HOH A . 
D 4 HOH 2   159 4   HOH HOH A . 
D 4 HOH 3   160 5   HOH HOH A . 
D 4 HOH 4   161 6   HOH HOH A . 
D 4 HOH 5   162 7   HOH HOH A . 
D 4 HOH 6   163 8   HOH HOH A . 
D 4 HOH 7   164 9   HOH HOH A . 
D 4 HOH 8   165 10  HOH HOH A . 
D 4 HOH 9   166 11  HOH HOH A . 
D 4 HOH 10  167 12  HOH HOH A . 
D 4 HOH 11  168 13  HOH HOH A . 
D 4 HOH 12  169 14  HOH HOH A . 
D 4 HOH 13  170 15  HOH HOH A . 
D 4 HOH 14  171 16  HOH HOH A . 
D 4 HOH 15  172 17  HOH HOH A . 
D 4 HOH 16  173 18  HOH HOH A . 
D 4 HOH 17  174 19  HOH HOH A . 
D 4 HOH 18  175 20  HOH HOH A . 
D 4 HOH 19  176 21  HOH HOH A . 
D 4 HOH 20  177 22  HOH HOH A . 
D 4 HOH 21  178 23  HOH HOH A . 
D 4 HOH 22  179 24  HOH HOH A . 
D 4 HOH 23  180 25  HOH HOH A . 
D 4 HOH 24  181 26  HOH HOH A . 
D 4 HOH 25  182 27  HOH HOH A . 
D 4 HOH 26  183 28  HOH HOH A . 
D 4 HOH 27  184 29  HOH HOH A . 
D 4 HOH 28  185 30  HOH HOH A . 
D 4 HOH 29  186 31  HOH HOH A . 
D 4 HOH 30  187 32  HOH HOH A . 
D 4 HOH 31  188 33  HOH HOH A . 
D 4 HOH 32  189 34  HOH HOH A . 
D 4 HOH 33  190 35  HOH HOH A . 
D 4 HOH 34  191 36  HOH HOH A . 
D 4 HOH 35  192 37  HOH HOH A . 
D 4 HOH 36  193 38  HOH HOH A . 
D 4 HOH 37  194 39  HOH HOH A . 
D 4 HOH 38  195 40  HOH HOH A . 
D 4 HOH 39  196 41  HOH HOH A . 
D 4 HOH 40  197 42  HOH HOH A . 
D 4 HOH 41  198 43  HOH HOH A . 
D 4 HOH 42  199 44  HOH HOH A . 
D 4 HOH 43  200 45  HOH HOH A . 
D 4 HOH 44  201 46  HOH HOH A . 
D 4 HOH 45  202 47  HOH HOH A . 
D 4 HOH 46  203 48  HOH HOH A . 
D 4 HOH 47  204 49  HOH HOH A . 
D 4 HOH 48  205 50  HOH HOH A . 
D 4 HOH 49  206 51  HOH HOH A . 
D 4 HOH 50  207 52  HOH HOH A . 
D 4 HOH 51  208 53  HOH HOH A . 
D 4 HOH 52  209 54  HOH HOH A . 
D 4 HOH 53  210 55  HOH HOH A . 
D 4 HOH 54  211 56  HOH HOH A . 
D 4 HOH 55  212 57  HOH HOH A . 
D 4 HOH 56  213 58  HOH HOH A . 
D 4 HOH 57  214 59  HOH HOH A . 
D 4 HOH 58  215 60  HOH HOH A . 
D 4 HOH 59  216 61  HOH HOH A . 
D 4 HOH 60  217 62  HOH HOH A . 
D 4 HOH 61  218 63  HOH HOH A . 
D 4 HOH 62  219 64  HOH HOH A . 
D 4 HOH 63  220 65  HOH HOH A . 
D 4 HOH 64  221 66  HOH HOH A . 
D 4 HOH 65  222 67  HOH HOH A . 
D 4 HOH 66  223 68  HOH HOH A . 
D 4 HOH 67  224 69  HOH HOH A . 
D 4 HOH 68  225 70  HOH HOH A . 
D 4 HOH 69  226 71  HOH HOH A . 
D 4 HOH 70  227 72  HOH HOH A . 
D 4 HOH 71  228 73  HOH HOH A . 
D 4 HOH 72  229 74  HOH HOH A . 
D 4 HOH 73  230 75  HOH HOH A . 
D 4 HOH 74  231 76  HOH HOH A . 
D 4 HOH 75  232 77  HOH HOH A . 
D 4 HOH 76  233 78  HOH HOH A . 
D 4 HOH 77  234 79  HOH HOH A . 
D 4 HOH 78  235 80  HOH HOH A . 
D 4 HOH 79  236 81  HOH HOH A . 
D 4 HOH 80  237 82  HOH HOH A . 
D 4 HOH 81  238 83  HOH HOH A . 
D 4 HOH 82  239 84  HOH HOH A . 
D 4 HOH 83  240 85  HOH HOH A . 
D 4 HOH 84  241 86  HOH HOH A . 
D 4 HOH 85  242 87  HOH HOH A . 
D 4 HOH 86  243 88  HOH HOH A . 
D 4 HOH 87  244 89  HOH HOH A . 
D 4 HOH 88  245 90  HOH HOH A . 
D 4 HOH 89  246 91  HOH HOH A . 
D 4 HOH 90  247 92  HOH HOH A . 
D 4 HOH 91  248 93  HOH HOH A . 
D 4 HOH 92  249 94  HOH HOH A . 
D 4 HOH 93  250 95  HOH HOH A . 
D 4 HOH 94  251 96  HOH HOH A . 
D 4 HOH 95  252 97  HOH HOH A . 
D 4 HOH 96  253 98  HOH HOH A . 
D 4 HOH 97  254 99  HOH HOH A . 
D 4 HOH 98  255 100 HOH HOH A . 
D 4 HOH 99  256 101 HOH HOH A . 
D 4 HOH 100 257 102 HOH HOH A . 
D 4 HOH 101 258 103 HOH HOH A . 
D 4 HOH 102 259 104 HOH HOH A . 
D 4 HOH 103 260 105 HOH HOH A . 
D 4 HOH 104 261 106 HOH HOH A . 
D 4 HOH 105 262 107 HOH HOH A . 
D 4 HOH 106 263 108 HOH HOH A . 
D 4 HOH 107 264 109 HOH HOH A . 
D 4 HOH 108 265 110 HOH HOH A . 
D 4 HOH 109 266 111 HOH HOH A . 
D 4 HOH 110 267 112 HOH HOH A . 
D 4 HOH 111 268 113 HOH HOH A . 
D 4 HOH 112 269 114 HOH HOH A . 
D 4 HOH 113 270 115 HOH HOH A . 
D 4 HOH 114 271 116 HOH HOH A . 
D 4 HOH 115 272 117 HOH HOH A . 
D 4 HOH 116 273 118 HOH HOH A . 
D 4 HOH 117 274 119 HOH HOH A . 
D 4 HOH 118 275 120 HOH HOH A . 
D 4 HOH 119 276 121 HOH HOH A . 
D 4 HOH 120 277 122 HOH HOH A . 
D 4 HOH 121 278 123 HOH HOH A . 
D 4 HOH 122 279 124 HOH HOH A . 
D 4 HOH 123 280 125 HOH HOH A . 
D 4 HOH 124 281 126 HOH HOH A . 
D 4 HOH 125 282 127 HOH HOH A . 
D 4 HOH 126 283 128 HOH HOH A . 
D 4 HOH 127 284 129 HOH HOH A . 
D 4 HOH 128 285 130 HOH HOH A . 
D 4 HOH 129 286 131 HOH HOH A . 
D 4 HOH 130 287 132 HOH HOH A . 
D 4 HOH 131 288 133 HOH HOH A . 
D 4 HOH 132 289 134 HOH HOH A . 
D 4 HOH 133 290 135 HOH HOH A . 
D 4 HOH 134 291 136 HOH HOH A . 
D 4 HOH 135 292 137 HOH HOH A . 
D 4 HOH 136 293 138 HOH HOH A . 
D 4 HOH 137 294 139 HOH HOH A . 
D 4 HOH 138 295 140 HOH HOH A . 
D 4 HOH 139 296 141 HOH HOH A . 
# 
loop_
_pdbx_unobs_or_zero_occ_atoms.id 
_pdbx_unobs_or_zero_occ_atoms.PDB_model_num 
_pdbx_unobs_or_zero_occ_atoms.polymer_flag 
_pdbx_unobs_or_zero_occ_atoms.occupancy_flag 
_pdbx_unobs_or_zero_occ_atoms.auth_asym_id 
_pdbx_unobs_or_zero_occ_atoms.auth_comp_id 
_pdbx_unobs_or_zero_occ_atoms.auth_seq_id 
_pdbx_unobs_or_zero_occ_atoms.PDB_ins_code 
_pdbx_unobs_or_zero_occ_atoms.auth_atom_id 
_pdbx_unobs_or_zero_occ_atoms.label_alt_id 
_pdbx_unobs_or_zero_occ_atoms.label_asym_id 
_pdbx_unobs_or_zero_occ_atoms.label_comp_id 
_pdbx_unobs_or_zero_occ_atoms.label_seq_id 
_pdbx_unobs_or_zero_occ_atoms.label_atom_id 
1 1 Y 1 A ASP 79  ? CG  ? A ASP 80  CG  
2 1 Y 1 A ASP 79  ? OD1 ? A ASP 80  OD1 
3 1 Y 1 A ASP 79  ? OD2 ? A ASP 80  OD2 
4 1 Y 1 A GLN 81  ? CD  ? A GLN 82  CD  
5 1 Y 1 A GLN 81  ? OE1 ? A GLN 82  OE1 
6 1 Y 1 A GLN 81  ? NE2 ? A GLN 82  NE2 
7 1 Y 1 A LYS 133 ? CE  ? A LYS 134 CE  
8 1 Y 1 A LYS 133 ? NZ  ? A LYS 134 NZ  
# 
loop_
_software.name 
_software.version 
_software.date 
_software.type 
_software.contact_author 
_software.contact_author_email 
_software.classification 
_software.location 
_software.language 
_software.citation_id 
_software.pdbx_ordinal 
REFMAC      5.5.0053 ?               program 'Garib N. Murshudov'         garib@ysbl.york.ac.uk                refinement        
http://www.ccp4.ac.uk/dist/html/refmac5.html Fortran_77 ? 1 
PHENIX      .        ?               package 'P.D. Adams'                 PDAdams@lbl.gov                      refinement        
http://www.phenix-online.org/                C++        ? 2 
SOLVE       .        ?               program 'Tom Terwilliger'            terwilliger@LANL.gov                 phasing           
http://www.solve.lanl.gov/                   ?          ? 3 
MolProbity  3beta29  ?               package 'D.C. & J.S. Richardson lab' molprobity@kinemage.biochem.duke.edu 'model building'  
http://kinemage.biochem.duke.edu/molprobity/ ?          ? 4 
SCALA       3.2.5    5/04/2004       other   'Phil R. Evans'              pre@mrc-lmb.cam.ac.uk                'data scaling'    
http://www.ccp4.ac.uk/dist/html/scala.html   Fortran_77 ? 5 
PDB_EXTRACT 3.006    'June 11, 2008' package PDB                          help@deposit.rcsb.org                'data extraction' 
http://sw-tools.pdb.org/apps/PDB_EXTRACT/    C++        ? 6 
MOSFLM      .        ?               ?       ?                            ?                                    'data reduction'  ? 
?          ? 7 
# 
_cell.entry_id           3H4Y 
_cell.length_a           43.820 
_cell.length_b           43.820 
_cell.length_c           158.604 
_cell.angle_alpha        90.000 
_cell.angle_beta         90.000 
_cell.angle_gamma        90.000 
_cell.pdbx_unique_axis   ? 
_cell.Z_PDB              8 
_cell.length_a_esd       ? 
_cell.length_b_esd       ? 
_cell.length_c_esd       ? 
_cell.angle_alpha_esd    ? 
_cell.angle_beta_esd     ? 
_cell.angle_gamma_esd    ? 
# 
_symmetry.entry_id                         3H4Y 
_symmetry.Int_Tables_number                92 
_symmetry.space_group_name_H-M             'P 41 21 2' 
_symmetry.pdbx_full_space_group_name_H-M   ? 
_symmetry.cell_setting                     ? 
_symmetry.space_group_name_Hall            ? 
# 
_exptl.crystals_number   1 
_exptl.method            'X-RAY DIFFRACTION' 
_exptl.entry_id          3H4Y 
# 
_exptl_crystal.id                    1 
_exptl_crystal.density_Matthews      2.29 
_exptl_crystal.density_meas          ? 
_exptl_crystal.density_percent_sol   46.23 
_exptl_crystal.description           ? 
_exptl_crystal.F_000                 ? 
_exptl_crystal.preparation           ? 
# 
_exptl_crystal_grow.crystal_id      1 
_exptl_crystal_grow.method          'VAPOR DIFFUSION, SITTING DROP' 
_exptl_crystal_grow.pH              4.0 
_exptl_crystal_grow.temp            277 
_exptl_crystal_grow.pdbx_details    '10.0000% MPD, 0.1M Citrate pH 4.0, NANODROP, VAPOR DIFFUSION, SITTING DROP, temperature 277K' 
_exptl_crystal_grow.temp_details    ? 
_exptl_crystal_grow.pdbx_pH_range   ? 
# 
_diffrn.id                     1 
_diffrn.ambient_temp           100 
_diffrn.ambient_temp_details   ? 
_diffrn.crystal_id             1 
# 
_diffrn_detector.diffrn_id              1 
_diffrn_detector.detector               CCD 
_diffrn_detector.type                   'MARMOSAIC 325 mm CCD' 
_diffrn_detector.details                'Flat mirror (vertical focusing)' 
_diffrn_detector.pdbx_collection_date   2009-03-26 
# 
_diffrn_radiation.diffrn_id                        1 
_diffrn_radiation.pdbx_monochromatic_or_laue_m_l   M 
_diffrn_radiation.monochromator                    'Single crystal Si(111) bent monochromator (horizontal focusing)' 
_diffrn_radiation.pdbx_diffrn_protocol             'SINGLE WAVELENGTH' 
_diffrn_radiation.wavelength_id                    1 
_diffrn_radiation.pdbx_scattering_type             x-ray 
# 
_diffrn_radiation_wavelength.id           1 
_diffrn_radiation_wavelength.wavelength   0.97904 
_diffrn_radiation_wavelength.wt           1.0 
# 
_diffrn_source.diffrn_id                   1 
_diffrn_source.source                      SYNCHROTRON 
_diffrn_source.pdbx_synchrotron_beamline   BL11-1 
_diffrn_source.type                        'SSRL BEAMLINE BL11-1' 
_diffrn_source.pdbx_wavelength             0.97904 
_diffrn_source.pdbx_wavelength_list        ? 
_diffrn_source.pdbx_synchrotron_site       SSRL 
# 
_reflns.entry_id                     3H4Y 
_reflns.d_resolution_high            1.55 
_reflns.d_resolution_low             29.399 
_reflns.number_obs                   23188 
_reflns.pdbx_Rmerge_I_obs            0.113 
_reflns.pdbx_netI_over_sigmaI        4.790 
_reflns.pdbx_Rsym_value              0.113 
_reflns.pdbx_redundancy              12.300 
_reflns.percent_possible_obs         99.100 
_reflns.observed_criterion_sigma_F   ? 
_reflns.observed_criterion_sigma_I   ? 
_reflns.number_all                   ? 
_reflns.B_iso_Wilson_estimate        17.632 
_reflns.R_free_details               ? 
_reflns.limit_h_max                  ? 
_reflns.limit_h_min                  ? 
_reflns.limit_k_max                  ? 
_reflns.limit_k_min                  ? 
_reflns.limit_l_max                  ? 
_reflns.limit_l_min                  ? 
_reflns.observed_criterion_F_max     ? 
_reflns.observed_criterion_F_min     ? 
_reflns.pdbx_chi_squared             ? 
_reflns.pdbx_scaling_rejects         ? 
_reflns.pdbx_ordinal                 1 
_reflns.pdbx_diffrn_id               1 
# 
loop_
_reflns_shell.d_res_high 
_reflns_shell.d_res_low 
_reflns_shell.number_measured_obs 
_reflns_shell.number_measured_all 
_reflns_shell.number_unique_obs 
_reflns_shell.Rmerge_I_obs 
_reflns_shell.meanI_over_sigI_obs 
_reflns_shell.pdbx_Rsym_value 
_reflns_shell.pdbx_chi_squared 
_reflns_shell.pdbx_redundancy 
_reflns_shell.percent_possible_obs 
_reflns_shell.number_unique_all 
_reflns_shell.percent_possible_all 
_reflns_shell.pdbx_ordinal 
_reflns_shell.pdbx_diffrn_id 
1.55 1.59  ? 11765 ? 0.935 0.8  0.935 ? 7.30  ? 1621 97.50  1  1 
1.59 1.63  ? 11747 ? 0.801 1.0  0.801 ? 7.20  ? 1631 98.20  2  1 
1.63 1.68  ? 11357 ? 0.669 1.1  0.669 ? 7.20  ? 1568 98.50  3  1 
1.68 1.73  ? 11160 ? 0.564 1.3  0.564 ? 7.30  ? 1519 98.50  4  1 
1.73 1.79  ? 14987 ? 0.579 1.3  0.579 ? 10.10 ? 1477 98.70  5  1 
1.79 1.85  ? 16013 ? 0.483 1.5  0.483 ? 11.00 ? 1458 98.90  6  1 
1.85 1.92  ? 17162 ? 0.368 1.9  0.368 ? 12.10 ? 1416 99.10  7  1 
1.92 2.00  ? 19056 ? 0.285 2.5  0.285 ? 14.00 ? 1365 99.10  8  1 
2.00 2.09  ? 20522 ? 0.239 3.0  0.239 ? 15.80 ? 1299 99.30  9  1 
2.09 2.19  ? 20055 ? 0.194 3.7  0.194 ? 15.90 ? 1265 99.50  10 1 
2.19 2.31  ? 18994 ? 0.168 3.9  0.168 ? 15.90 ? 1198 99.50  11 1 
2.31 2.45  ? 17959 ? 0.140 5.0  0.140 ? 15.70 ? 1143 99.70  12 1 
2.45 2.62  ? 16751 ? 0.128 5.5  0.128 ? 15.70 ? 1070 99.70  13 1 
2.62 2.83  ? 15867 ? 0.107 6.5  0.107 ? 15.50 ? 1023 99.90  14 1 
2.83 3.10  ? 14722 ? 0.084 7.9  0.084 ? 15.50 ? 948  99.90  15 1 
3.10 3.47  ? 13052 ? 0.073 8.7  0.073 ? 15.20 ? 857  99.90  16 1 
3.47 4.00  ? 11651 ? 0.069 9.0  0.069 ? 15.10 ? 773  99.90  17 1 
4.00 4.90  ? 10008 ? 0.065 9.2  0.065 ? 14.70 ? 681  100.00 18 1 
4.90 6.93  ? 7436  ? 0.073 8.1  0.073 ? 13.80 ? 538  100.00 19 1 
6.93 29.41 ? 3992  ? 0.059 10.0 0.059 ? 11.80 ? 338  98.40  20 1 
# 
_refine.entry_id                                 3H4Y 
_refine.ls_d_res_high                            1.550 
_refine.ls_d_res_low                             29.399 
_refine.pdbx_ls_sigma_F                          0.00 
_refine.pdbx_data_cutoff_high_absF               ? 
_refine.pdbx_data_cutoff_low_absF                ? 
_refine.ls_percent_reflns_obs                    98.720 
_refine.ls_number_reflns_obs                     23154 
_refine.ls_number_reflns_all                     ? 
_refine.pdbx_ls_cross_valid_method               THROUGHOUT 
_refine.pdbx_R_Free_selection_details            RANDOM 
_refine.details                                  
;1.HYDROGENS HAVE BEEN ADDED IN THE RIDING POSITIONS. 2.ATOM RECORDS CONTAIN RESIDUAL B FACTORS ONLY. 3.A MET-INHIBITION PROTOCOL WAS USED FOR SELENOMETHIONINE INCORPORATION DURING PROTEIN EXPRESSION. THE OCCUPANCY OF THE SE ATOMS IN THE MSE RESIDUES WAS REDUCED TO 0.75 FOR THE REDUCED SCATTERING POWER DUE TO PARTIAL S-MET INCORPORATION. 4.CIT (CITRATE) AND (4R)-2-METHYLPENTANE-2,4-DIOL (MRD) FROM THE CRYSTALLIZATION AND CRYOPROTECTION CONDITIONS HAVE BEEN MODELED IN THE SOLVENT STRUCTURE.
;
_refine.ls_R_factor_all                          ? 
_refine.ls_R_factor_obs                          0.163 
_refine.ls_R_factor_R_work                       0.162 
_refine.ls_wR_factor_R_work                      ? 
_refine.ls_R_factor_R_free                       0.196 
_refine.ls_wR_factor_R_free                      ? 
_refine.ls_percent_reflns_R_free                 5.100 
_refine.ls_number_reflns_R_free                  1191 
_refine.ls_R_factor_R_free_error                 ? 
_refine.B_iso_mean                               16.565 
_refine.solvent_model_param_bsol                 ? 
_refine.solvent_model_param_ksol                 ? 
_refine.pdbx_isotropic_thermal_model             ? 
_refine.aniso_B[1][1]                            0.250 
_refine.aniso_B[2][2]                            0.250 
_refine.aniso_B[3][3]                            -0.490 
_refine.aniso_B[1][2]                            0.000 
_refine.aniso_B[1][3]                            0.000 
_refine.aniso_B[2][3]                            0.000 
_refine.correlation_coeff_Fo_to_Fc               0.967 
_refine.correlation_coeff_Fo_to_Fc_free          0.961 
_refine.overall_SU_R_Cruickshank_DPI             ? 
_refine.overall_SU_R_free                        ? 
_refine.pdbx_overall_ESU_R                       0.072 
_refine.pdbx_overall_ESU_R_Free                  0.076 
_refine.overall_SU_ML                            0.046 
_refine.overall_SU_B                             2.894 
_refine.solvent_model_details                    MASK 
_refine.pdbx_solvent_vdw_probe_radii             1.200 
_refine.pdbx_solvent_ion_probe_radii             0.800 
_refine.pdbx_solvent_shrinkage_radii             0.800 
_refine.ls_number_parameters                     ? 
_refine.ls_number_restraints                     ? 
_refine.pdbx_method_to_determine_struct          SAD 
_refine.pdbx_stereochemistry_target_values       'MAXIMUM LIKELIHOOD WITH PHASES' 
_refine.pdbx_stereochem_target_val_spec_case     ? 
_refine.overall_FOM_work_R_set                   ? 
_refine.B_iso_max                                69.01 
_refine.B_iso_min                                3.83 
_refine.occupancy_max                            1.00 
_refine.occupancy_min                            0.25 
_refine.pdbx_ls_sigma_I                          ? 
_refine.ls_redundancy_reflns_obs                 ? 
_refine.ls_R_factor_R_free_error_details         ? 
_refine.pdbx_starting_model                      ? 
_refine.pdbx_data_cutoff_high_rms_absF           ? 
_refine.overall_FOM_free_R_set                   ? 
_refine.pdbx_overall_phase_error                 ? 
_refine.pdbx_refine_id                           'X-RAY DIFFRACTION' 
_refine.pdbx_TLS_residual_ADP_flag               'LIKELY RESIDUAL' 
_refine.pdbx_diffrn_id                           1 
_refine.pdbx_overall_SU_R_free_Cruickshank_DPI   ? 
_refine.pdbx_overall_SU_R_Blow_DPI               ? 
_refine.pdbx_overall_SU_R_free_Blow_DPI          ? 
# 
_refine_hist.pdbx_refine_id                   'X-RAY DIFFRACTION' 
_refine_hist.cycle_id                         LAST 
_refine_hist.pdbx_number_atoms_protein        1115 
_refine_hist.pdbx_number_atoms_nucleic_acid   0 
_refine_hist.pdbx_number_atoms_ligand         21 
_refine_hist.number_atoms_solvent             139 
_refine_hist.number_atoms_total               1275 
_refine_hist.d_res_high                       1.550 
_refine_hist.d_res_low                        29.399 
# 
loop_
_refine_ls_restr.type 
_refine_ls_restr.pdbx_refine_id 
_refine_ls_restr.number 
_refine_ls_restr.dev_ideal 
_refine_ls_restr.dev_ideal_target 
_refine_ls_restr.weight 
_refine_ls_restr.pdbx_restraint_function 
r_bond_refined_d       'X-RAY DIFFRACTION' 1207 0.015  0.022  ? ? 
r_bond_other_d         'X-RAY DIFFRACTION' 778  0.001  0.020  ? ? 
r_angle_refined_deg    'X-RAY DIFFRACTION' 1651 1.631  1.979  ? ? 
r_angle_other_deg      'X-RAY DIFFRACTION' 1952 0.931  3.000  ? ? 
r_dihedral_angle_1_deg 'X-RAY DIFFRACTION' 172  5.250  5.000  ? ? 
r_dihedral_angle_2_deg 'X-RAY DIFFRACTION' 38   35.099 26.316 ? ? 
r_dihedral_angle_3_deg 'X-RAY DIFFRACTION' 211  11.134 15.000 ? ? 
r_dihedral_angle_4_deg 'X-RAY DIFFRACTION' 1    13.648 15.000 ? ? 
r_chiral_restr         'X-RAY DIFFRACTION' 200  0.095  0.200  ? ? 
r_gen_planes_refined   'X-RAY DIFFRACTION' 1350 0.006  0.021  ? ? 
r_gen_planes_other     'X-RAY DIFFRACTION' 207  0.001  0.020  ? ? 
r_mcbond_it            'X-RAY DIFFRACTION' 790  1.589  3.000  ? ? 
r_mcbond_other         'X-RAY DIFFRACTION' 327  0.434  3.000  ? ? 
r_mcangle_it           'X-RAY DIFFRACTION' 1292 2.719  5.000  ? ? 
r_scbond_it            'X-RAY DIFFRACTION' 417  4.537  8.000  ? ? 
r_scangle_it           'X-RAY DIFFRACTION' 349  7.023  11.000 ? ? 
# 
_refine_ls_shell.d_res_high                       1.550 
_refine_ls_shell.d_res_low                        1.590 
_refine_ls_shell.pdbx_total_number_of_bins_used   20 
_refine_ls_shell.percent_reflns_obs               97.140 
_refine_ls_shell.number_reflns_R_work             1540 
_refine_ls_shell.R_factor_all                     ? 
_refine_ls_shell.R_factor_R_work                  0.271 
_refine_ls_shell.R_factor_R_free                  0.300 
_refine_ls_shell.percent_reflns_R_free            ? 
_refine_ls_shell.number_reflns_R_free             92 
_refine_ls_shell.R_factor_R_free_error            ? 
_refine_ls_shell.number_reflns_all                1632 
_refine_ls_shell.number_reflns_obs                ? 
_refine_ls_shell.redundancy_reflns_obs            ? 
_refine_ls_shell.pdbx_refine_id                   'X-RAY DIFFRACTION' 
# 
_struct.entry_id                  3H4Y 
_struct.title                     
'Crystal structure of putative chemotaxis protein (YP_009526.1) from DESULFOVIBRIO VULGARIS HILDENBOROUGH at 1.55 A resolution' 
_struct.pdbx_model_details        ? 
_struct.pdbx_CASP_flag            ? 
_struct.pdbx_model_type_details   ? 
# 
_struct_keywords.text            
;YP_009526.1, putative chemotaxis protein, Structural Genomics, Joint Center for Structural Genomics, JCSG, Protein Structure Initiative, PSI-2, HYDROLASE
;
_struct_keywords.pdbx_keywords   HYDROLASE 
_struct_keywords.entry_id        3H4Y 
# 
loop_
_struct_asym.id 
_struct_asym.pdbx_blank_PDB_chainid_flag 
_struct_asym.pdbx_modified 
_struct_asym.entity_id 
_struct_asym.details 
A N N 1 ? 
B N N 2 ? 
C N N 3 ? 
D N N 4 ? 
# 
_struct_ref.id                         1 
_struct_ref.db_name                    UNP 
_struct_ref.db_code                    Q72FB2_DESVH 
_struct_ref.pdbx_db_accession          Q72FB2 
_struct_ref.entity_id                  1 
_struct_ref.pdbx_seq_one_letter_code   
;MSVNGIEVAKPFIAATVNVLSTMAGIQPQPGKPYVKKNNVAKGDVSAVIGITGHKNGSISVTFTKSCAIALVKGMLGDDI
QDILQDTKDAVGEVTNMISGQARAGLAEMGMVFQGSTPSVIMGDGHTISHVTKSPIMAIPFLTNHGEFTVEFCFE
;
_struct_ref.pdbx_align_begin           1 
_struct_ref.pdbx_db_isoform            ? 
# 
_struct_ref_seq.align_id                      1 
_struct_ref_seq.ref_id                        1 
_struct_ref_seq.pdbx_PDB_id_code              3H4Y 
_struct_ref_seq.pdbx_strand_id                A 
_struct_ref_seq.seq_align_beg                 2 
_struct_ref_seq.pdbx_seq_align_beg_ins_code   ? 
_struct_ref_seq.seq_align_end                 156 
_struct_ref_seq.pdbx_seq_align_end_ins_code   ? 
_struct_ref_seq.pdbx_db_accession             Q72FB2 
_struct_ref_seq.db_align_beg                  1 
_struct_ref_seq.pdbx_db_align_beg_ins_code    ? 
_struct_ref_seq.db_align_end                  155 
_struct_ref_seq.pdbx_db_align_end_ins_code    ? 
_struct_ref_seq.pdbx_auth_seq_align_beg       1 
_struct_ref_seq.pdbx_auth_seq_align_end       155 
# 
_struct_ref_seq_dif.align_id                     1 
_struct_ref_seq_dif.pdbx_pdb_id_code             3H4Y 
_struct_ref_seq_dif.mon_id                       GLY 
_struct_ref_seq_dif.pdbx_pdb_strand_id           A 
_struct_ref_seq_dif.seq_num                      1 
_struct_ref_seq_dif.pdbx_pdb_ins_code            ? 
_struct_ref_seq_dif.pdbx_seq_db_name             UNP 
_struct_ref_seq_dif.pdbx_seq_db_accession_code   Q72FB2 
_struct_ref_seq_dif.db_mon_id                    ? 
_struct_ref_seq_dif.pdbx_seq_db_seq_num          ? 
_struct_ref_seq_dif.details                      'expression tag' 
_struct_ref_seq_dif.pdbx_auth_seq_num            0 
_struct_ref_seq_dif.pdbx_ordinal                 1 
# 
_pdbx_struct_assembly.id                   1 
_pdbx_struct_assembly.details              author_and_software_defined_assembly 
_pdbx_struct_assembly.method_details       PISA 
_pdbx_struct_assembly.oligomeric_details   dimeric 
_pdbx_struct_assembly.oligomeric_count     2 
# 
loop_
_pdbx_struct_assembly_prop.biol_id 
_pdbx_struct_assembly_prop.type 
_pdbx_struct_assembly_prop.value 
_pdbx_struct_assembly_prop.details 
1 'ABSA (A^2)' 3630  ? 
1 MORE         -1    ? 
1 'SSA (A^2)'  12150 ? 
# 
_pdbx_struct_assembly_gen.assembly_id       1 
_pdbx_struct_assembly_gen.oper_expression   1,2 
_pdbx_struct_assembly_gen.asym_id_list      A,B,C,D 
# 
loop_
_pdbx_struct_oper_list.id 
_pdbx_struct_oper_list.type 
_pdbx_struct_oper_list.name 
_pdbx_struct_oper_list.symmetry_operation 
_pdbx_struct_oper_list.matrix[1][1] 
_pdbx_struct_oper_list.matrix[1][2] 
_pdbx_struct_oper_list.matrix[1][3] 
_pdbx_struct_oper_list.vector[1] 
_pdbx_struct_oper_list.matrix[2][1] 
_pdbx_struct_oper_list.matrix[2][2] 
_pdbx_struct_oper_list.matrix[2][3] 
_pdbx_struct_oper_list.vector[2] 
_pdbx_struct_oper_list.matrix[3][1] 
_pdbx_struct_oper_list.matrix[3][2] 
_pdbx_struct_oper_list.matrix[3][3] 
_pdbx_struct_oper_list.vector[3] 
1 'identity operation'         1_555 x,y,z  1.0000000000  0.0000000000 0.0000000000  0.0000000000  0.0000000000 1.0000000000  0.0000000000  0.0000000000 0.0000000000  0.0000000000  1.0000000000 0.0000000000  
2 'crystal symmetry operation' 7_555 y,x,-z -0.7791100211 0.2724661683 -0.5645792789 18.4756855111 0.2724661683 -0.6639149804 -0.6964043982 8.5687980532 -0.5645792789 -0.6964043982 0.4430250016 11.3638626054 
# 
_struct_biol.id   1 
# 
loop_
_struct_conf.conf_type_id 
_struct_conf.id 
_struct_conf.pdbx_PDB_helix_id 
_struct_conf.beg_label_comp_id 
_struct_conf.beg_label_asym_id 
_struct_conf.beg_label_seq_id 
_struct_conf.pdbx_beg_PDB_ins_code 
_struct_conf.end_label_comp_id 
_struct_conf.end_label_asym_id 
_struct_conf.end_label_seq_id 
_struct_conf.pdbx_end_PDB_ins_code 
_struct_conf.beg_auth_comp_id 
_struct_conf.beg_auth_asym_id 
_struct_conf.beg_auth_seq_id 
_struct_conf.end_auth_comp_id 
_struct_conf.end_auth_asym_id 
_struct_conf.end_auth_seq_id 
_struct_conf.pdbx_PDB_helix_class 
_struct_conf.details 
_struct_conf.pdbx_PDB_helix_length 
HELX_P HELX_P1 1 VAL A 9  ? GLY A 26  ? VAL A 8  GLY A 25  1 ? 18 
HELX_P HELX_P2 2 THR A 65 ? GLY A 78  ? THR A 64 GLY A 77  1 ? 14 
HELX_P HELX_P3 3 ASP A 83 ? MSE A 110 ? ASP A 82 MSE A 109 1 ? 28 
# 
_struct_conf_type.id          HELX_P 
_struct_conf_type.criteria    ? 
_struct_conf_type.reference   ? 
# 
loop_
_struct_conn.id 
_struct_conn.conn_type_id 
_struct_conn.pdbx_leaving_atom_flag 
_struct_conn.pdbx_PDB_id 
_struct_conn.ptnr1_label_asym_id 
_struct_conn.ptnr1_label_comp_id 
_struct_conn.ptnr1_label_seq_id 
_struct_conn.ptnr1_label_atom_id 
_struct_conn.pdbx_ptnr1_label_alt_id 
_struct_conn.pdbx_ptnr1_PDB_ins_code 
_struct_conn.pdbx_ptnr1_standard_comp_id 
_struct_conn.ptnr1_symmetry 
_struct_conn.ptnr2_label_asym_id 
_struct_conn.ptnr2_label_comp_id 
_struct_conn.ptnr2_label_seq_id 
_struct_conn.ptnr2_label_atom_id 
_struct_conn.pdbx_ptnr2_label_alt_id 
_struct_conn.pdbx_ptnr2_PDB_ins_code 
_struct_conn.ptnr1_auth_asym_id 
_struct_conn.ptnr1_auth_comp_id 
_struct_conn.ptnr1_auth_seq_id 
_struct_conn.ptnr2_auth_asym_id 
_struct_conn.ptnr2_auth_comp_id 
_struct_conn.ptnr2_auth_seq_id 
_struct_conn.ptnr2_symmetry 
_struct_conn.pdbx_ptnr3_label_atom_id 
_struct_conn.pdbx_ptnr3_label_seq_id 
_struct_conn.pdbx_ptnr3_label_comp_id 
_struct_conn.pdbx_ptnr3_label_asym_id 
_struct_conn.pdbx_ptnr3_label_alt_id 
_struct_conn.pdbx_ptnr3_PDB_ins_code 
_struct_conn.details 
_struct_conn.pdbx_dist_value 
_struct_conn.pdbx_value_order 
_struct_conn.pdbx_role 
covale1  covale both ? A THR 23  C ? ? ? 1_555 A MSE 24  N ? ? A THR 22  A MSE 23  1_555 ? ? ? ? ? ? ? 1.320 ? ? 
covale2  covale both ? A MSE 24  C ? ? ? 1_555 A ALA 25  N ? ? A MSE 23  A ALA 24  1_555 ? ? ? ? ? ? ? 1.336 ? ? 
covale3  covale both ? A GLY 75  C ? ? ? 1_555 A MSE 76  N ? ? A GLY 74  A MSE 75  1_555 ? ? ? ? ? ? ? 1.326 ? ? 
covale4  covale both ? A MSE 76  C ? ? ? 1_555 A LEU 77  N ? ? A MSE 75  A LEU 76  1_555 ? ? ? ? ? ? ? 1.326 ? ? 
covale5  covale both ? A ASN 97  C ? ? ? 1_555 A MSE 98  N ? ? A ASN 96  A MSE 97  1_555 ? ? ? ? ? ? ? 1.331 ? ? 
covale6  covale both ? A MSE 98  C ? ? ? 1_555 A ILE 99  N ? ? A MSE 97  A ILE 98  1_555 ? ? ? ? ? ? ? 1.323 ? ? 
covale7  covale both ? A GLU 109 C ? ? ? 1_555 A MSE 110 N ? ? A GLU 108 A MSE 109 1_555 ? ? ? ? ? ? ? 1.333 ? ? 
covale8  covale both ? A MSE 110 C ? ? ? 1_555 A GLY 111 N ? ? A MSE 109 A GLY 110 1_555 ? ? ? ? ? ? ? 1.326 ? ? 
covale9  covale both ? A GLY 111 C ? ? ? 1_555 A MSE 112 N ? ? A GLY 110 A MSE 111 1_555 ? ? ? ? ? ? ? 1.325 ? ? 
covale10 covale both ? A MSE 112 C ? ? ? 1_555 A VAL 113 N ? ? A MSE 111 A VAL 112 1_555 ? ? ? ? ? ? ? 1.325 ? ? 
covale11 covale both ? A ILE 122 C ? ? ? 1_555 A MSE 123 N ? ? A ILE 121 A MSE 122 1_555 ? ? ? ? ? ? ? 1.331 ? ? 
covale12 covale both ? A MSE 123 C ? ? ? 1_555 A GLY 124 N ? ? A MSE 122 A GLY 123 1_555 ? ? ? ? ? ? ? 1.317 ? ? 
covale13 covale both ? A ILE 137 C ? ? ? 1_555 A MSE 138 N ? ? A ILE 136 A MSE 137 1_555 ? ? ? ? ? ? ? 1.329 ? ? 
covale14 covale both ? A MSE 138 C ? ? ? 1_555 A ALA 139 N ? ? A MSE 137 A ALA 138 1_555 ? ? ? ? ? ? ? 1.328 ? ? 
# 
_struct_conn_type.id          covale 
_struct_conn_type.criteria    ? 
_struct_conn_type.reference   ? 
# 
loop_
_pdbx_modification_feature.ordinal 
_pdbx_modification_feature.label_comp_id 
_pdbx_modification_feature.label_asym_id 
_pdbx_modification_feature.label_seq_id 
_pdbx_modification_feature.label_alt_id 
_pdbx_modification_feature.modified_residue_label_comp_id 
_pdbx_modification_feature.modified_residue_label_asym_id 
_pdbx_modification_feature.modified_residue_label_seq_id 
_pdbx_modification_feature.modified_residue_label_alt_id 
_pdbx_modification_feature.auth_comp_id 
_pdbx_modification_feature.auth_asym_id 
_pdbx_modification_feature.auth_seq_id 
_pdbx_modification_feature.PDB_ins_code 
_pdbx_modification_feature.symmetry 
_pdbx_modification_feature.modified_residue_auth_comp_id 
_pdbx_modification_feature.modified_residue_auth_asym_id 
_pdbx_modification_feature.modified_residue_auth_seq_id 
_pdbx_modification_feature.modified_residue_PDB_ins_code 
_pdbx_modification_feature.modified_residue_symmetry 
_pdbx_modification_feature.comp_id_linking_atom 
_pdbx_modification_feature.modified_residue_id_linking_atom 
_pdbx_modification_feature.modified_residue_id 
_pdbx_modification_feature.ref_pcm_id 
_pdbx_modification_feature.ref_comp_id 
_pdbx_modification_feature.type 
_pdbx_modification_feature.category 
1 MSE A 24  ? . . . . MSE A 23  ? 1_555 . . . . . . . MET 1 MSE Selenomethionine 'Named protein modification' 
2 MSE A 76  ? . . . . MSE A 75  ? 1_555 . . . . . . . MET 1 MSE Selenomethionine 'Named protein modification' 
3 MSE A 98  ? . . . . MSE A 97  ? 1_555 . . . . . . . MET 1 MSE Selenomethionine 'Named protein modification' 
4 MSE A 110 ? . . . . MSE A 109 ? 1_555 . . . . . . . MET 1 MSE Selenomethionine 'Named protein modification' 
5 MSE A 112 ? . . . . MSE A 111 ? 1_555 . . . . . . . MET 1 MSE Selenomethionine 'Named protein modification' 
6 MSE A 123 ? . . . . MSE A 122 ? 1_555 . . . . . . . MET 1 MSE Selenomethionine 'Named protein modification' 
7 MSE A 138 ? . . . . MSE A 137 ? 1_555 . . . . . . . MET 1 MSE Selenomethionine 'Named protein modification' 
# 
loop_
_struct_sheet.id 
_struct_sheet.type 
_struct_sheet.number_strands 
_struct_sheet.details 
A ? 6 ? 
B ? 6 ? 
# 
loop_
_struct_sheet_order.sheet_id 
_struct_sheet_order.range_id_1 
_struct_sheet_order.range_id_2 
_struct_sheet_order.offset 
_struct_sheet_order.sense 
A 1 2 ? anti-parallel 
A 2 3 ? anti-parallel 
A 3 4 ? anti-parallel 
A 4 5 ? anti-parallel 
A 5 6 ? anti-parallel 
B 1 2 ? anti-parallel 
B 2 3 ? anti-parallel 
B 3 4 ? anti-parallel 
B 4 5 ? anti-parallel 
B 5 6 ? anti-parallel 
# 
loop_
_struct_sheet_range.sheet_id 
_struct_sheet_range.id 
_struct_sheet_range.beg_label_comp_id 
_struct_sheet_range.beg_label_asym_id 
_struct_sheet_range.beg_label_seq_id 
_struct_sheet_range.pdbx_beg_PDB_ins_code 
_struct_sheet_range.end_label_comp_id 
_struct_sheet_range.end_label_asym_id 
_struct_sheet_range.end_label_seq_id 
_struct_sheet_range.pdbx_end_PDB_ins_code 
_struct_sheet_range.beg_auth_comp_id 
_struct_sheet_range.beg_auth_asym_id 
_struct_sheet_range.beg_auth_seq_id 
_struct_sheet_range.end_auth_comp_id 
_struct_sheet_range.end_auth_asym_id 
_struct_sheet_range.end_auth_seq_id 
A 1 GLN A 30  ? PRO A 31  ? GLN A 29  PRO A 30  
A 2 ILE A 137 ? THR A 144 ? ILE A 136 THR A 143 
A 3 GLY A 147 ? GLU A 156 ? GLY A 146 GLU A 155 
A 4 ASN A 57  ? PHE A 64  ? ASN A 56  PHE A 63  
A 5 ALA A 42  ? GLY A 54  ? ALA A 41  GLY A 53  
A 6 PHE A 114 ? GLY A 116 ? PHE A 113 GLY A 115 
B 1 TYR A 35  ? LYS A 37  ? TYR A 34  LYS A 36  
B 2 ILE A 137 ? THR A 144 ? ILE A 136 THR A 143 
B 3 GLY A 147 ? GLU A 156 ? GLY A 146 GLU A 155 
B 4 ASN A 57  ? PHE A 64  ? ASN A 56  PHE A 63  
B 5 ALA A 42  ? GLY A 54  ? ALA A 41  GLY A 53  
B 6 SER A 120 ? ILE A 129 ? SER A 119 ILE A 128 
# 
loop_
_pdbx_struct_sheet_hbond.sheet_id 
_pdbx_struct_sheet_hbond.range_id_1 
_pdbx_struct_sheet_hbond.range_id_2 
_pdbx_struct_sheet_hbond.range_1_label_atom_id 
_pdbx_struct_sheet_hbond.range_1_label_comp_id 
_pdbx_struct_sheet_hbond.range_1_label_asym_id 
_pdbx_struct_sheet_hbond.range_1_label_seq_id 
_pdbx_struct_sheet_hbond.range_1_PDB_ins_code 
_pdbx_struct_sheet_hbond.range_1_auth_atom_id 
_pdbx_struct_sheet_hbond.range_1_auth_comp_id 
_pdbx_struct_sheet_hbond.range_1_auth_asym_id 
_pdbx_struct_sheet_hbond.range_1_auth_seq_id 
_pdbx_struct_sheet_hbond.range_2_label_atom_id 
_pdbx_struct_sheet_hbond.range_2_label_comp_id 
_pdbx_struct_sheet_hbond.range_2_label_asym_id 
_pdbx_struct_sheet_hbond.range_2_label_seq_id 
_pdbx_struct_sheet_hbond.range_2_PDB_ins_code 
_pdbx_struct_sheet_hbond.range_2_auth_atom_id 
_pdbx_struct_sheet_hbond.range_2_auth_comp_id 
_pdbx_struct_sheet_hbond.range_2_auth_asym_id 
_pdbx_struct_sheet_hbond.range_2_auth_seq_id 
A 1 2 N GLN A 30  ? N GLN A 29  O LEU A 143 ? O LEU A 142 
A 2 3 N PHE A 142 ? N PHE A 141 O PHE A 149 ? O PHE A 148 
A 3 4 O GLU A 152 ? O GLU A 151 N SER A 61  ? N SER A 60  
A 4 5 O PHE A 64  ? O PHE A 63  N VAL A 46  ? N VAL A 45  
A 5 6 N THR A 53  ? N THR A 52  O GLN A 115 ? O GLN A 114 
B 1 2 N TYR A 35  ? N TYR A 34  O ALA A 139 ? O ALA A 138 
B 2 3 N PHE A 142 ? N PHE A 141 O PHE A 149 ? O PHE A 148 
B 3 4 O GLU A 152 ? O GLU A 151 N SER A 61  ? N SER A 60  
B 4 5 O PHE A 64  ? O PHE A 63  N VAL A 46  ? N VAL A 45  
B 5 6 N SER A 47  ? N SER A 46  O ILE A 122 ? O ILE A 121 
# 
loop_
_struct_site.id 
_struct_site.pdbx_evidence_code 
_struct_site.pdbx_auth_asym_id 
_struct_site.pdbx_auth_comp_id 
_struct_site.pdbx_auth_seq_id 
_struct_site.pdbx_auth_ins_code 
_struct_site.pdbx_num_residues 
_struct_site.details 
AC1 Software A CIT 156 ? 9 'BINDING SITE FOR RESIDUE CIT A 156' 
AC2 Software A MRD 157 ? 5 'BINDING SITE FOR RESIDUE MRD A 157' 
# 
loop_
_struct_site_gen.id 
_struct_site_gen.site_id 
_struct_site_gen.pdbx_num_res 
_struct_site_gen.label_comp_id 
_struct_site_gen.label_asym_id 
_struct_site_gen.label_seq_id 
_struct_site_gen.pdbx_auth_ins_code 
_struct_site_gen.auth_comp_id 
_struct_site_gen.auth_asym_id 
_struct_site_gen.auth_seq_id 
_struct_site_gen.label_atom_id 
_struct_site_gen.label_alt_id 
_struct_site_gen.symmetry 
_struct_site_gen.details 
1  AC1 9 LYS A 38  ? LYS A 37  . ? 1_555 ? 
2  AC1 9 ASN A 39  ? ASN A 38  . ? 1_555 ? 
3  AC1 9 GLN A 86  ? GLN A 85  . ? 7_555 ? 
4  AC1 9 ASP A 90  ? ASP A 89  . ? 7_555 ? 
5  AC1 9 THR A 133 ? THR A 132 . ? 1_555 ? 
6  AC1 9 LYS A 134 ? LYS A 133 . ? 1_555 ? 
7  AC1 9 HOH D .   ? HOH A 269 . ? 1_555 ? 
8  AC1 9 HOH D .   ? HOH A 270 . ? 7_555 ? 
9  AC1 9 HOH D .   ? HOH A 295 . ? 7_555 ? 
10 AC2 5 SER A 135 ? SER A 134 . ? 1_555 ? 
11 AC2 5 PRO A 136 ? PRO A 135 . ? 1_555 ? 
12 AC2 5 PHE A 153 ? PHE A 152 . ? 1_555 ? 
13 AC2 5 CYS A 154 ? CYS A 153 . ? 1_555 ? 
14 AC2 5 PHE A 155 ? PHE A 154 . ? 1_555 ? 
# 
_pdbx_entry_details.entry_id                   3H4Y 
_pdbx_entry_details.compound_details           ? 
_pdbx_entry_details.source_details             ? 
_pdbx_entry_details.nonpolymer_details         ? 
_pdbx_entry_details.sequence_details           
;THE CONSTRUCT WAS EXPRESSED WITH A PURIFICATION TAG MGSDKIHHHHHHENLYFQG. THE TAG WAS REMOVED WITH TEV PROTEASE LEAVING ONLY A GLYCINE (0) FOLLOWED BY THE TARGET SEQUENCE.
;
_pdbx_entry_details.has_ligand_of_interest     ? 
_pdbx_entry_details.has_protein_modification   Y 
# 
_pdbx_SG_project.project_name          'PSI, Protein Structure Initiative' 
_pdbx_SG_project.full_name_of_center   'Joint Center for Structural Genomics' 
_pdbx_SG_project.id                    1 
_pdbx_SG_project.initial_of_center     JCSG 
# 
loop_
_pdbx_struct_mod_residue.id 
_pdbx_struct_mod_residue.label_asym_id 
_pdbx_struct_mod_residue.label_comp_id 
_pdbx_struct_mod_residue.label_seq_id 
_pdbx_struct_mod_residue.auth_asym_id 
_pdbx_struct_mod_residue.auth_comp_id 
_pdbx_struct_mod_residue.auth_seq_id 
_pdbx_struct_mod_residue.PDB_ins_code 
_pdbx_struct_mod_residue.parent_comp_id 
_pdbx_struct_mod_residue.details 
1 A MSE 24  A MSE 23  ? MET SELENOMETHIONINE 
2 A MSE 76  A MSE 75  ? MET SELENOMETHIONINE 
3 A MSE 98  A MSE 97  ? MET SELENOMETHIONINE 
4 A MSE 110 A MSE 109 ? MET SELENOMETHIONINE 
5 A MSE 112 A MSE 111 ? MET SELENOMETHIONINE 
6 A MSE 123 A MSE 122 ? MET SELENOMETHIONINE 
7 A MSE 138 A MSE 137 ? MET SELENOMETHIONINE 
# 
_pdbx_refine_tls.pdbx_refine_id   'X-RAY DIFFRACTION' 
_pdbx_refine_tls.id               1 
_pdbx_refine_tls.details          ? 
_pdbx_refine_tls.method           refined 
_pdbx_refine_tls.origin_x         -0.3053 
_pdbx_refine_tls.origin_y         0.7272 
_pdbx_refine_tls.origin_z         0.1267 
_pdbx_refine_tls.T[1][1]          0.0534 
_pdbx_refine_tls.T[2][2]          0.0170 
_pdbx_refine_tls.T[3][3]          0.0381 
_pdbx_refine_tls.T[1][2]          0.0066 
_pdbx_refine_tls.T[1][3]          -0.0124 
_pdbx_refine_tls.T[2][3]          0.0121 
_pdbx_refine_tls.L[1][1]          0.6161 
_pdbx_refine_tls.L[2][2]          0.6454 
_pdbx_refine_tls.L[3][3]          0.3361 
_pdbx_refine_tls.L[1][2]          0.3481 
_pdbx_refine_tls.L[1][3]          -0.0198 
_pdbx_refine_tls.L[2][3]          0.2724 
_pdbx_refine_tls.S[1][1]          0.0495 
_pdbx_refine_tls.S[2][2]          -0.0357 
_pdbx_refine_tls.S[3][3]          -0.0138 
_pdbx_refine_tls.S[1][2]          -0.0410 
_pdbx_refine_tls.S[1][3]          0.0330 
_pdbx_refine_tls.S[2][3]          0.0633 
_pdbx_refine_tls.S[2][1]          -0.0745 
_pdbx_refine_tls.S[3][1]          -0.0134 
_pdbx_refine_tls.S[3][2]          -0.0009 
# 
_pdbx_refine_tls_group.pdbx_refine_id      'X-RAY DIFFRACTION' 
_pdbx_refine_tls_group.beg_auth_seq_id     2 
_pdbx_refine_tls_group.selection_details   ? 
_pdbx_refine_tls_group.id                  1 
_pdbx_refine_tls_group.refine_tls_id       1 
_pdbx_refine_tls_group.beg_auth_asym_id    A 
_pdbx_refine_tls_group.end_auth_asym_id    A 
_pdbx_refine_tls_group.end_auth_seq_id     155 
_pdbx_refine_tls_group.beg_label_asym_id   . 
_pdbx_refine_tls_group.beg_label_seq_id    . 
_pdbx_refine_tls_group.end_label_asym_id   . 
_pdbx_refine_tls_group.end_label_seq_id    . 
_pdbx_refine_tls_group.selection           ? 
# 
_phasing.method   SAD 
# 
loop_
_pdbx_unobs_or_zero_occ_residues.id 
_pdbx_unobs_or_zero_occ_residues.PDB_model_num 
_pdbx_unobs_or_zero_occ_residues.polymer_flag 
_pdbx_unobs_or_zero_occ_residues.occupancy_flag 
_pdbx_unobs_or_zero_occ_residues.auth_asym_id 
_pdbx_unobs_or_zero_occ_residues.auth_comp_id 
_pdbx_unobs_or_zero_occ_residues.auth_seq_id 
_pdbx_unobs_or_zero_occ_residues.PDB_ins_code 
_pdbx_unobs_or_zero_occ_residues.label_asym_id 
_pdbx_unobs_or_zero_occ_residues.label_comp_id 
_pdbx_unobs_or_zero_occ_residues.label_seq_id 
1 1 Y 1 A GLY 0 ? A GLY 1 
2 1 Y 1 A MSE 1 ? A MSE 2 
# 
loop_
_chem_comp_atom.comp_id 
_chem_comp_atom.atom_id 
_chem_comp_atom.type_symbol 
_chem_comp_atom.pdbx_aromatic_flag 
_chem_comp_atom.pdbx_stereo_config 
_chem_comp_atom.pdbx_ordinal 
ALA N    N  N N 1   
ALA CA   C  N S 2   
ALA C    C  N N 3   
ALA O    O  N N 4   
ALA CB   C  N N 5   
ALA OXT  O  N N 6   
ALA H    H  N N 7   
ALA H2   H  N N 8   
ALA HA   H  N N 9   
ALA HB1  H  N N 10  
ALA HB2  H  N N 11  
ALA HB3  H  N N 12  
ALA HXT  H  N N 13  
ARG N    N  N N 14  
ARG CA   C  N S 15  
ARG C    C  N N 16  
ARG O    O  N N 17  
ARG CB   C  N N 18  
ARG CG   C  N N 19  
ARG CD   C  N N 20  
ARG NE   N  N N 21  
ARG CZ   C  N N 22  
ARG NH1  N  N N 23  
ARG NH2  N  N N 24  
ARG OXT  O  N N 25  
ARG H    H  N N 26  
ARG H2   H  N N 27  
ARG HA   H  N N 28  
ARG HB2  H  N N 29  
ARG HB3  H  N N 30  
ARG HG2  H  N N 31  
ARG HG3  H  N N 32  
ARG HD2  H  N N 33  
ARG HD3  H  N N 34  
ARG HE   H  N N 35  
ARG HH11 H  N N 36  
ARG HH12 H  N N 37  
ARG HH21 H  N N 38  
ARG HH22 H  N N 39  
ARG HXT  H  N N 40  
ASN N    N  N N 41  
ASN CA   C  N S 42  
ASN C    C  N N 43  
ASN O    O  N N 44  
ASN CB   C  N N 45  
ASN CG   C  N N 46  
ASN OD1  O  N N 47  
ASN ND2  N  N N 48  
ASN OXT  O  N N 49  
ASN H    H  N N 50  
ASN H2   H  N N 51  
ASN HA   H  N N 52  
ASN HB2  H  N N 53  
ASN HB3  H  N N 54  
ASN HD21 H  N N 55  
ASN HD22 H  N N 56  
ASN HXT  H  N N 57  
ASP N    N  N N 58  
ASP CA   C  N S 59  
ASP C    C  N N 60  
ASP O    O  N N 61  
ASP CB   C  N N 62  
ASP CG   C  N N 63  
ASP OD1  O  N N 64  
ASP OD2  O  N N 65  
ASP OXT  O  N N 66  
ASP H    H  N N 67  
ASP H2   H  N N 68  
ASP HA   H  N N 69  
ASP HB2  H  N N 70  
ASP HB3  H  N N 71  
ASP HD2  H  N N 72  
ASP HXT  H  N N 73  
CIT C1   C  N N 74  
CIT O1   O  N N 75  
CIT O2   O  N N 76  
CIT C2   C  N N 77  
CIT C3   C  N N 78  
CIT O7   O  N N 79  
CIT C4   C  N N 80  
CIT C5   C  N N 81  
CIT O3   O  N N 82  
CIT O4   O  N N 83  
CIT C6   C  N N 84  
CIT O5   O  N N 85  
CIT O6   O  N N 86  
CIT HO2  H  N N 87  
CIT H21  H  N N 88  
CIT H22  H  N N 89  
CIT HO7  H  N N 90  
CIT H41  H  N N 91  
CIT H42  H  N N 92  
CIT HO4  H  N N 93  
CIT HO6  H  N N 94  
CYS N    N  N N 95  
CYS CA   C  N R 96  
CYS C    C  N N 97  
CYS O    O  N N 98  
CYS CB   C  N N 99  
CYS SG   S  N N 100 
CYS OXT  O  N N 101 
CYS H    H  N N 102 
CYS H2   H  N N 103 
CYS HA   H  N N 104 
CYS HB2  H  N N 105 
CYS HB3  H  N N 106 
CYS HG   H  N N 107 
CYS HXT  H  N N 108 
GLN N    N  N N 109 
GLN CA   C  N S 110 
GLN C    C  N N 111 
GLN O    O  N N 112 
GLN CB   C  N N 113 
GLN CG   C  N N 114 
GLN CD   C  N N 115 
GLN OE1  O  N N 116 
GLN NE2  N  N N 117 
GLN OXT  O  N N 118 
GLN H    H  N N 119 
GLN H2   H  N N 120 
GLN HA   H  N N 121 
GLN HB2  H  N N 122 
GLN HB3  H  N N 123 
GLN HG2  H  N N 124 
GLN HG3  H  N N 125 
GLN HE21 H  N N 126 
GLN HE22 H  N N 127 
GLN HXT  H  N N 128 
GLU N    N  N N 129 
GLU CA   C  N S 130 
GLU C    C  N N 131 
GLU O    O  N N 132 
GLU CB   C  N N 133 
GLU CG   C  N N 134 
GLU CD   C  N N 135 
GLU OE1  O  N N 136 
GLU OE2  O  N N 137 
GLU OXT  O  N N 138 
GLU H    H  N N 139 
GLU H2   H  N N 140 
GLU HA   H  N N 141 
GLU HB2  H  N N 142 
GLU HB3  H  N N 143 
GLU HG2  H  N N 144 
GLU HG3  H  N N 145 
GLU HE2  H  N N 146 
GLU HXT  H  N N 147 
GLY N    N  N N 148 
GLY CA   C  N N 149 
GLY C    C  N N 150 
GLY O    O  N N 151 
GLY OXT  O  N N 152 
GLY H    H  N N 153 
GLY H2   H  N N 154 
GLY HA2  H  N N 155 
GLY HA3  H  N N 156 
GLY HXT  H  N N 157 
HIS N    N  N N 158 
HIS CA   C  N S 159 
HIS C    C  N N 160 
HIS O    O  N N 161 
HIS CB   C  N N 162 
HIS CG   C  Y N 163 
HIS ND1  N  Y N 164 
HIS CD2  C  Y N 165 
HIS CE1  C  Y N 166 
HIS NE2  N  Y N 167 
HIS OXT  O  N N 168 
HIS H    H  N N 169 
HIS H2   H  N N 170 
HIS HA   H  N N 171 
HIS HB2  H  N N 172 
HIS HB3  H  N N 173 
HIS HD1  H  N N 174 
HIS HD2  H  N N 175 
HIS HE1  H  N N 176 
HIS HE2  H  N N 177 
HIS HXT  H  N N 178 
HOH O    O  N N 179 
HOH H1   H  N N 180 
HOH H2   H  N N 181 
ILE N    N  N N 182 
ILE CA   C  N S 183 
ILE C    C  N N 184 
ILE O    O  N N 185 
ILE CB   C  N S 186 
ILE CG1  C  N N 187 
ILE CG2  C  N N 188 
ILE CD1  C  N N 189 
ILE OXT  O  N N 190 
ILE H    H  N N 191 
ILE H2   H  N N 192 
ILE HA   H  N N 193 
ILE HB   H  N N 194 
ILE HG12 H  N N 195 
ILE HG13 H  N N 196 
ILE HG21 H  N N 197 
ILE HG22 H  N N 198 
ILE HG23 H  N N 199 
ILE HD11 H  N N 200 
ILE HD12 H  N N 201 
ILE HD13 H  N N 202 
ILE HXT  H  N N 203 
LEU N    N  N N 204 
LEU CA   C  N S 205 
LEU C    C  N N 206 
LEU O    O  N N 207 
LEU CB   C  N N 208 
LEU CG   C  N N 209 
LEU CD1  C  N N 210 
LEU CD2  C  N N 211 
LEU OXT  O  N N 212 
LEU H    H  N N 213 
LEU H2   H  N N 214 
LEU HA   H  N N 215 
LEU HB2  H  N N 216 
LEU HB3  H  N N 217 
LEU HG   H  N N 218 
LEU HD11 H  N N 219 
LEU HD12 H  N N 220 
LEU HD13 H  N N 221 
LEU HD21 H  N N 222 
LEU HD22 H  N N 223 
LEU HD23 H  N N 224 
LEU HXT  H  N N 225 
LYS N    N  N N 226 
LYS CA   C  N S 227 
LYS C    C  N N 228 
LYS O    O  N N 229 
LYS CB   C  N N 230 
LYS CG   C  N N 231 
LYS CD   C  N N 232 
LYS CE   C  N N 233 
LYS NZ   N  N N 234 
LYS OXT  O  N N 235 
LYS H    H  N N 236 
LYS H2   H  N N 237 
LYS HA   H  N N 238 
LYS HB2  H  N N 239 
LYS HB3  H  N N 240 
LYS HG2  H  N N 241 
LYS HG3  H  N N 242 
LYS HD2  H  N N 243 
LYS HD3  H  N N 244 
LYS HE2  H  N N 245 
LYS HE3  H  N N 246 
LYS HZ1  H  N N 247 
LYS HZ2  H  N N 248 
LYS HZ3  H  N N 249 
LYS HXT  H  N N 250 
MRD C1   C  N N 251 
MRD C2   C  N N 252 
MRD O2   O  N N 253 
MRD CM   C  N N 254 
MRD C3   C  N N 255 
MRD C4   C  N R 256 
MRD O4   O  N N 257 
MRD C5   C  N N 258 
MRD H1C1 H  N N 259 
MRD H1C2 H  N N 260 
MRD H1C3 H  N N 261 
MRD H2   H  N N 262 
MRD HMC1 H  N N 263 
MRD HMC2 H  N N 264 
MRD HMC3 H  N N 265 
MRD H3C1 H  N N 266 
MRD H3C2 H  N N 267 
MRD H4   H  N N 268 
MRD HA   H  N N 269 
MRD H5C1 H  N N 270 
MRD H5C2 H  N N 271 
MRD H5C3 H  N N 272 
MSE N    N  N N 273 
MSE CA   C  N S 274 
MSE C    C  N N 275 
MSE O    O  N N 276 
MSE OXT  O  N N 277 
MSE CB   C  N N 278 
MSE CG   C  N N 279 
MSE SE   SE N N 280 
MSE CE   C  N N 281 
MSE H    H  N N 282 
MSE H2   H  N N 283 
MSE HA   H  N N 284 
MSE HXT  H  N N 285 
MSE HB2  H  N N 286 
MSE HB3  H  N N 287 
MSE HG2  H  N N 288 
MSE HG3  H  N N 289 
MSE HE1  H  N N 290 
MSE HE2  H  N N 291 
MSE HE3  H  N N 292 
PHE N    N  N N 293 
PHE CA   C  N S 294 
PHE C    C  N N 295 
PHE O    O  N N 296 
PHE CB   C  N N 297 
PHE CG   C  Y N 298 
PHE CD1  C  Y N 299 
PHE CD2  C  Y N 300 
PHE CE1  C  Y N 301 
PHE CE2  C  Y N 302 
PHE CZ   C  Y N 303 
PHE OXT  O  N N 304 
PHE H    H  N N 305 
PHE H2   H  N N 306 
PHE HA   H  N N 307 
PHE HB2  H  N N 308 
PHE HB3  H  N N 309 
PHE HD1  H  N N 310 
PHE HD2  H  N N 311 
PHE HE1  H  N N 312 
PHE HE2  H  N N 313 
PHE HZ   H  N N 314 
PHE HXT  H  N N 315 
PRO N    N  N N 316 
PRO CA   C  N S 317 
PRO C    C  N N 318 
PRO O    O  N N 319 
PRO CB   C  N N 320 
PRO CG   C  N N 321 
PRO CD   C  N N 322 
PRO OXT  O  N N 323 
PRO H    H  N N 324 
PRO HA   H  N N 325 
PRO HB2  H  N N 326 
PRO HB3  H  N N 327 
PRO HG2  H  N N 328 
PRO HG3  H  N N 329 
PRO HD2  H  N N 330 
PRO HD3  H  N N 331 
PRO HXT  H  N N 332 
SER N    N  N N 333 
SER CA   C  N S 334 
SER C    C  N N 335 
SER O    O  N N 336 
SER CB   C  N N 337 
SER OG   O  N N 338 
SER OXT  O  N N 339 
SER H    H  N N 340 
SER H2   H  N N 341 
SER HA   H  N N 342 
SER HB2  H  N N 343 
SER HB3  H  N N 344 
SER HG   H  N N 345 
SER HXT  H  N N 346 
THR N    N  N N 347 
THR CA   C  N S 348 
THR C    C  N N 349 
THR O    O  N N 350 
THR CB   C  N R 351 
THR OG1  O  N N 352 
THR CG2  C  N N 353 
THR OXT  O  N N 354 
THR H    H  N N 355 
THR H2   H  N N 356 
THR HA   H  N N 357 
THR HB   H  N N 358 
THR HG1  H  N N 359 
THR HG21 H  N N 360 
THR HG22 H  N N 361 
THR HG23 H  N N 362 
THR HXT  H  N N 363 
TYR N    N  N N 364 
TYR CA   C  N S 365 
TYR C    C  N N 366 
TYR O    O  N N 367 
TYR CB   C  N N 368 
TYR CG   C  Y N 369 
TYR CD1  C  Y N 370 
TYR CD2  C  Y N 371 
TYR CE1  C  Y N 372 
TYR CE2  C  Y N 373 
TYR CZ   C  Y N 374 
TYR OH   O  N N 375 
TYR OXT  O  N N 376 
TYR H    H  N N 377 
TYR H2   H  N N 378 
TYR HA   H  N N 379 
TYR HB2  H  N N 380 
TYR HB3  H  N N 381 
TYR HD1  H  N N 382 
TYR HD2  H  N N 383 
TYR HE1  H  N N 384 
TYR HE2  H  N N 385 
TYR HH   H  N N 386 
TYR HXT  H  N N 387 
VAL N    N  N N 388 
VAL CA   C  N S 389 
VAL C    C  N N 390 
VAL O    O  N N 391 
VAL CB   C  N N 392 
VAL CG1  C  N N 393 
VAL CG2  C  N N 394 
VAL OXT  O  N N 395 
VAL H    H  N N 396 
VAL H2   H  N N 397 
VAL HA   H  N N 398 
VAL HB   H  N N 399 
VAL HG11 H  N N 400 
VAL HG12 H  N N 401 
VAL HG13 H  N N 402 
VAL HG21 H  N N 403 
VAL HG22 H  N N 404 
VAL HG23 H  N N 405 
VAL HXT  H  N N 406 
# 
loop_
_chem_comp_bond.comp_id 
_chem_comp_bond.atom_id_1 
_chem_comp_bond.atom_id_2 
_chem_comp_bond.value_order 
_chem_comp_bond.pdbx_aromatic_flag 
_chem_comp_bond.pdbx_stereo_config 
_chem_comp_bond.pdbx_ordinal 
ALA N   CA   sing N N 1   
ALA N   H    sing N N 2   
ALA N   H2   sing N N 3   
ALA CA  C    sing N N 4   
ALA CA  CB   sing N N 5   
ALA CA  HA   sing N N 6   
ALA C   O    doub N N 7   
ALA C   OXT  sing N N 8   
ALA CB  HB1  sing N N 9   
ALA CB  HB2  sing N N 10  
ALA CB  HB3  sing N N 11  
ALA OXT HXT  sing N N 12  
ARG N   CA   sing N N 13  
ARG N   H    sing N N 14  
ARG N   H2   sing N N 15  
ARG CA  C    sing N N 16  
ARG CA  CB   sing N N 17  
ARG CA  HA   sing N N 18  
ARG C   O    doub N N 19  
ARG C   OXT  sing N N 20  
ARG CB  CG   sing N N 21  
ARG CB  HB2  sing N N 22  
ARG CB  HB3  sing N N 23  
ARG CG  CD   sing N N 24  
ARG CG  HG2  sing N N 25  
ARG CG  HG3  sing N N 26  
ARG CD  NE   sing N N 27  
ARG CD  HD2  sing N N 28  
ARG CD  HD3  sing N N 29  
ARG NE  CZ   sing N N 30  
ARG NE  HE   sing N N 31  
ARG CZ  NH1  sing N N 32  
ARG CZ  NH2  doub N N 33  
ARG NH1 HH11 sing N N 34  
ARG NH1 HH12 sing N N 35  
ARG NH2 HH21 sing N N 36  
ARG NH2 HH22 sing N N 37  
ARG OXT HXT  sing N N 38  
ASN N   CA   sing N N 39  
ASN N   H    sing N N 40  
ASN N   H2   sing N N 41  
ASN CA  C    sing N N 42  
ASN CA  CB   sing N N 43  
ASN CA  HA   sing N N 44  
ASN C   O    doub N N 45  
ASN C   OXT  sing N N 46  
ASN CB  CG   sing N N 47  
ASN CB  HB2  sing N N 48  
ASN CB  HB3  sing N N 49  
ASN CG  OD1  doub N N 50  
ASN CG  ND2  sing N N 51  
ASN ND2 HD21 sing N N 52  
ASN ND2 HD22 sing N N 53  
ASN OXT HXT  sing N N 54  
ASP N   CA   sing N N 55  
ASP N   H    sing N N 56  
ASP N   H2   sing N N 57  
ASP CA  C    sing N N 58  
ASP CA  CB   sing N N 59  
ASP CA  HA   sing N N 60  
ASP C   O    doub N N 61  
ASP C   OXT  sing N N 62  
ASP CB  CG   sing N N 63  
ASP CB  HB2  sing N N 64  
ASP CB  HB3  sing N N 65  
ASP CG  OD1  doub N N 66  
ASP CG  OD2  sing N N 67  
ASP OD2 HD2  sing N N 68  
ASP OXT HXT  sing N N 69  
CIT C1  O1   doub N N 70  
CIT C1  O2   sing N N 71  
CIT C1  C2   sing N N 72  
CIT O2  HO2  sing N N 73  
CIT C2  C3   sing N N 74  
CIT C2  H21  sing N N 75  
CIT C2  H22  sing N N 76  
CIT C3  O7   sing N N 77  
CIT C3  C4   sing N N 78  
CIT C3  C6   sing N N 79  
CIT O7  HO7  sing N N 80  
CIT C4  C5   sing N N 81  
CIT C4  H41  sing N N 82  
CIT C4  H42  sing N N 83  
CIT C5  O3   doub N N 84  
CIT C5  O4   sing N N 85  
CIT O4  HO4  sing N N 86  
CIT C6  O5   doub N N 87  
CIT C6  O6   sing N N 88  
CIT O6  HO6  sing N N 89  
CYS N   CA   sing N N 90  
CYS N   H    sing N N 91  
CYS N   H2   sing N N 92  
CYS CA  C    sing N N 93  
CYS CA  CB   sing N N 94  
CYS CA  HA   sing N N 95  
CYS C   O    doub N N 96  
CYS C   OXT  sing N N 97  
CYS CB  SG   sing N N 98  
CYS CB  HB2  sing N N 99  
CYS CB  HB3  sing N N 100 
CYS SG  HG   sing N N 101 
CYS OXT HXT  sing N N 102 
GLN N   CA   sing N N 103 
GLN N   H    sing N N 104 
GLN N   H2   sing N N 105 
GLN CA  C    sing N N 106 
GLN CA  CB   sing N N 107 
GLN CA  HA   sing N N 108 
GLN C   O    doub N N 109 
GLN C   OXT  sing N N 110 
GLN CB  CG   sing N N 111 
GLN CB  HB2  sing N N 112 
GLN CB  HB3  sing N N 113 
GLN CG  CD   sing N N 114 
GLN CG  HG2  sing N N 115 
GLN CG  HG3  sing N N 116 
GLN CD  OE1  doub N N 117 
GLN CD  NE2  sing N N 118 
GLN NE2 HE21 sing N N 119 
GLN NE2 HE22 sing N N 120 
GLN OXT HXT  sing N N 121 
GLU N   CA   sing N N 122 
GLU N   H    sing N N 123 
GLU N   H2   sing N N 124 
GLU CA  C    sing N N 125 
GLU CA  CB   sing N N 126 
GLU CA  HA   sing N N 127 
GLU C   O    doub N N 128 
GLU C   OXT  sing N N 129 
GLU CB  CG   sing N N 130 
GLU CB  HB2  sing N N 131 
GLU CB  HB3  sing N N 132 
GLU CG  CD   sing N N 133 
GLU CG  HG2  sing N N 134 
GLU CG  HG3  sing N N 135 
GLU CD  OE1  doub N N 136 
GLU CD  OE2  sing N N 137 
GLU OE2 HE2  sing N N 138 
GLU OXT HXT  sing N N 139 
GLY N   CA   sing N N 140 
GLY N   H    sing N N 141 
GLY N   H2   sing N N 142 
GLY CA  C    sing N N 143 
GLY CA  HA2  sing N N 144 
GLY CA  HA3  sing N N 145 
GLY C   O    doub N N 146 
GLY C   OXT  sing N N 147 
GLY OXT HXT  sing N N 148 
HIS N   CA   sing N N 149 
HIS N   H    sing N N 150 
HIS N   H2   sing N N 151 
HIS CA  C    sing N N 152 
HIS CA  CB   sing N N 153 
HIS CA  HA   sing N N 154 
HIS C   O    doub N N 155 
HIS C   OXT  sing N N 156 
HIS CB  CG   sing N N 157 
HIS CB  HB2  sing N N 158 
HIS CB  HB3  sing N N 159 
HIS CG  ND1  sing Y N 160 
HIS CG  CD2  doub Y N 161 
HIS ND1 CE1  doub Y N 162 
HIS ND1 HD1  sing N N 163 
HIS CD2 NE2  sing Y N 164 
HIS CD2 HD2  sing N N 165 
HIS CE1 NE2  sing Y N 166 
HIS CE1 HE1  sing N N 167 
HIS NE2 HE2  sing N N 168 
HIS OXT HXT  sing N N 169 
HOH O   H1   sing N N 170 
HOH O   H2   sing N N 171 
ILE N   CA   sing N N 172 
ILE N   H    sing N N 173 
ILE N   H2   sing N N 174 
ILE CA  C    sing N N 175 
ILE CA  CB   sing N N 176 
ILE CA  HA   sing N N 177 
ILE C   O    doub N N 178 
ILE C   OXT  sing N N 179 
ILE CB  CG1  sing N N 180 
ILE CB  CG2  sing N N 181 
ILE CB  HB   sing N N 182 
ILE CG1 CD1  sing N N 183 
ILE CG1 HG12 sing N N 184 
ILE CG1 HG13 sing N N 185 
ILE CG2 HG21 sing N N 186 
ILE CG2 HG22 sing N N 187 
ILE CG2 HG23 sing N N 188 
ILE CD1 HD11 sing N N 189 
ILE CD1 HD12 sing N N 190 
ILE CD1 HD13 sing N N 191 
ILE OXT HXT  sing N N 192 
LEU N   CA   sing N N 193 
LEU N   H    sing N N 194 
LEU N   H2   sing N N 195 
LEU CA  C    sing N N 196 
LEU CA  CB   sing N N 197 
LEU CA  HA   sing N N 198 
LEU C   O    doub N N 199 
LEU C   OXT  sing N N 200 
LEU CB  CG   sing N N 201 
LEU CB  HB2  sing N N 202 
LEU CB  HB3  sing N N 203 
LEU CG  CD1  sing N N 204 
LEU CG  CD2  sing N N 205 
LEU CG  HG   sing N N 206 
LEU CD1 HD11 sing N N 207 
LEU CD1 HD12 sing N N 208 
LEU CD1 HD13 sing N N 209 
LEU CD2 HD21 sing N N 210 
LEU CD2 HD22 sing N N 211 
LEU CD2 HD23 sing N N 212 
LEU OXT HXT  sing N N 213 
LYS N   CA   sing N N 214 
LYS N   H    sing N N 215 
LYS N   H2   sing N N 216 
LYS CA  C    sing N N 217 
LYS CA  CB   sing N N 218 
LYS CA  HA   sing N N 219 
LYS C   O    doub N N 220 
LYS C   OXT  sing N N 221 
LYS CB  CG   sing N N 222 
LYS CB  HB2  sing N N 223 
LYS CB  HB3  sing N N 224 
LYS CG  CD   sing N N 225 
LYS CG  HG2  sing N N 226 
LYS CG  HG3  sing N N 227 
LYS CD  CE   sing N N 228 
LYS CD  HD2  sing N N 229 
LYS CD  HD3  sing N N 230 
LYS CE  NZ   sing N N 231 
LYS CE  HE2  sing N N 232 
LYS CE  HE3  sing N N 233 
LYS NZ  HZ1  sing N N 234 
LYS NZ  HZ2  sing N N 235 
LYS NZ  HZ3  sing N N 236 
LYS OXT HXT  sing N N 237 
MRD C1  C2   sing N N 238 
MRD C1  H1C1 sing N N 239 
MRD C1  H1C2 sing N N 240 
MRD C1  H1C3 sing N N 241 
MRD C2  O2   sing N N 242 
MRD C2  CM   sing N N 243 
MRD C2  C3   sing N N 244 
MRD O2  H2   sing N N 245 
MRD CM  HMC1 sing N N 246 
MRD CM  HMC2 sing N N 247 
MRD CM  HMC3 sing N N 248 
MRD C3  C4   sing N N 249 
MRD C3  H3C1 sing N N 250 
MRD C3  H3C2 sing N N 251 
MRD C4  O4   sing N N 252 
MRD C4  C5   sing N N 253 
MRD C4  H4   sing N N 254 
MRD O4  HA   sing N N 255 
MRD C5  H5C1 sing N N 256 
MRD C5  H5C2 sing N N 257 
MRD C5  H5C3 sing N N 258 
MSE N   CA   sing N N 259 
MSE N   H    sing N N 260 
MSE N   H2   sing N N 261 
MSE CA  C    sing N N 262 
MSE CA  CB   sing N N 263 
MSE CA  HA   sing N N 264 
MSE C   O    doub N N 265 
MSE C   OXT  sing N N 266 
MSE OXT HXT  sing N N 267 
MSE CB  CG   sing N N 268 
MSE CB  HB2  sing N N 269 
MSE CB  HB3  sing N N 270 
MSE CG  SE   sing N N 271 
MSE CG  HG2  sing N N 272 
MSE CG  HG3  sing N N 273 
MSE SE  CE   sing N N 274 
MSE CE  HE1  sing N N 275 
MSE CE  HE2  sing N N 276 
MSE CE  HE3  sing N N 277 
PHE N   CA   sing N N 278 
PHE N   H    sing N N 279 
PHE N   H2   sing N N 280 
PHE CA  C    sing N N 281 
PHE CA  CB   sing N N 282 
PHE CA  HA   sing N N 283 
PHE C   O    doub N N 284 
PHE C   OXT  sing N N 285 
PHE CB  CG   sing N N 286 
PHE CB  HB2  sing N N 287 
PHE CB  HB3  sing N N 288 
PHE CG  CD1  doub Y N 289 
PHE CG  CD2  sing Y N 290 
PHE CD1 CE1  sing Y N 291 
PHE CD1 HD1  sing N N 292 
PHE CD2 CE2  doub Y N 293 
PHE CD2 HD2  sing N N 294 
PHE CE1 CZ   doub Y N 295 
PHE CE1 HE1  sing N N 296 
PHE CE2 CZ   sing Y N 297 
PHE CE2 HE2  sing N N 298 
PHE CZ  HZ   sing N N 299 
PHE OXT HXT  sing N N 300 
PRO N   CA   sing N N 301 
PRO N   CD   sing N N 302 
PRO N   H    sing N N 303 
PRO CA  C    sing N N 304 
PRO CA  CB   sing N N 305 
PRO CA  HA   sing N N 306 
PRO C   O    doub N N 307 
PRO C   OXT  sing N N 308 
PRO CB  CG   sing N N 309 
PRO CB  HB2  sing N N 310 
PRO CB  HB3  sing N N 311 
PRO CG  CD   sing N N 312 
PRO CG  HG2  sing N N 313 
PRO CG  HG3  sing N N 314 
PRO CD  HD2  sing N N 315 
PRO CD  HD3  sing N N 316 
PRO OXT HXT  sing N N 317 
SER N   CA   sing N N 318 
SER N   H    sing N N 319 
SER N   H2   sing N N 320 
SER CA  C    sing N N 321 
SER CA  CB   sing N N 322 
SER CA  HA   sing N N 323 
SER C   O    doub N N 324 
SER C   OXT  sing N N 325 
SER CB  OG   sing N N 326 
SER CB  HB2  sing N N 327 
SER CB  HB3  sing N N 328 
SER OG  HG   sing N N 329 
SER OXT HXT  sing N N 330 
THR N   CA   sing N N 331 
THR N   H    sing N N 332 
THR N   H2   sing N N 333 
THR CA  C    sing N N 334 
THR CA  CB   sing N N 335 
THR CA  HA   sing N N 336 
THR C   O    doub N N 337 
THR C   OXT  sing N N 338 
THR CB  OG1  sing N N 339 
THR CB  CG2  sing N N 340 
THR CB  HB   sing N N 341 
THR OG1 HG1  sing N N 342 
THR CG2 HG21 sing N N 343 
THR CG2 HG22 sing N N 344 
THR CG2 HG23 sing N N 345 
THR OXT HXT  sing N N 346 
TYR N   CA   sing N N 347 
TYR N   H    sing N N 348 
TYR N   H2   sing N N 349 
TYR CA  C    sing N N 350 
TYR CA  CB   sing N N 351 
TYR CA  HA   sing N N 352 
TYR C   O    doub N N 353 
TYR C   OXT  sing N N 354 
TYR CB  CG   sing N N 355 
TYR CB  HB2  sing N N 356 
TYR CB  HB3  sing N N 357 
TYR CG  CD1  doub Y N 358 
TYR CG  CD2  sing Y N 359 
TYR CD1 CE1  sing Y N 360 
TYR CD1 HD1  sing N N 361 
TYR CD2 CE2  doub Y N 362 
TYR CD2 HD2  sing N N 363 
TYR CE1 CZ   doub Y N 364 
TYR CE1 HE1  sing N N 365 
TYR CE2 CZ   sing Y N 366 
TYR CE2 HE2  sing N N 367 
TYR CZ  OH   sing N N 368 
TYR OH  HH   sing N N 369 
TYR OXT HXT  sing N N 370 
VAL N   CA   sing N N 371 
VAL N   H    sing N N 372 
VAL N   H2   sing N N 373 
VAL CA  C    sing N N 374 
VAL CA  CB   sing N N 375 
VAL CA  HA   sing N N 376 
VAL C   O    doub N N 377 
VAL C   OXT  sing N N 378 
VAL CB  CG1  sing N N 379 
VAL CB  CG2  sing N N 380 
VAL CB  HB   sing N N 381 
VAL CG1 HG11 sing N N 382 
VAL CG1 HG12 sing N N 383 
VAL CG1 HG13 sing N N 384 
VAL CG2 HG21 sing N N 385 
VAL CG2 HG22 sing N N 386 
VAL CG2 HG23 sing N N 387 
VAL OXT HXT  sing N N 388 
# 
_atom_sites.entry_id                    3H4Y 
_atom_sites.fract_transf_matrix[1][1]   -0.00695956 
_atom_sites.fract_transf_matrix[1][2]   0.01703207 
_atom_sites.fract_transf_matrix[1][3]   -0.01350078 
_atom_sites.fract_transf_matrix[2][1]   0.01768519 
_atom_sites.fract_transf_matrix[2][2]   -0.00380209 
_atom_sites.fract_transf_matrix[2][3]   -0.01391317 
_atom_sites.fract_transf_matrix[3][1]   -0.00349030 
_atom_sites.fract_transf_matrix[3][2]   -0.00406284 
_atom_sites.fract_transf_matrix[3][3]   -0.00332629 
_atom_sites.fract_transf_vector[1]      0.265487 
_atom_sites.fract_transf_vector[2]      0.129428 
_atom_sites.fract_transf_vector[3]      0.068549 
# 
loop_
_atom_type.symbol 
C  
N  
O  
S  
SE 
# 
loop_
_atom_site.group_PDB 
_atom_site.id 
_atom_site.type_symbol 
_atom_site.label_atom_id 
_atom_site.label_alt_id 
_atom_site.label_comp_id 
_atom_site.label_asym_id 
_atom_site.label_entity_id 
_atom_site.label_seq_id 
_atom_site.pdbx_PDB_ins_code 
_atom_site.Cartn_x 
_atom_site.Cartn_y 
_atom_site.Cartn_z 
_atom_site.occupancy 
_atom_site.B_iso_or_equiv 
_atom_site.pdbx_formal_charge 
_atom_site.auth_seq_id 
_atom_site.auth_comp_id 
_atom_site.auth_asym_id 
_atom_site.auth_atom_id 
_atom_site.pdbx_PDB_model_num 
ATOM   1    N  N   . SER A 1 3   ? -15.108 4.562   -8.012  1.00 39.51 ? 2   SER A N   1 
ATOM   2    C  CA  . SER A 1 3   ? -15.664 5.674   -7.176  1.00 38.69 ? 2   SER A CA  1 
ATOM   3    C  C   . SER A 1 3   ? -14.537 6.253   -6.331  1.00 37.08 ? 2   SER A C   1 
ATOM   4    O  O   . SER A 1 3   ? -13.911 5.542   -5.516  1.00 36.78 ? 2   SER A O   1 
ATOM   5    C  CB  . SER A 1 3   ? -16.808 5.171   -6.285  1.00 40.79 ? 2   SER A CB  1 
ATOM   6    O  OG  . SER A 1 3   ? -16.329 4.337   -5.236  1.00 47.40 ? 2   SER A OG  1 
ATOM   7    N  N   . VAL A 1 4   ? -14.272 7.545   -6.508  1.00 31.60 ? 3   VAL A N   1 
ATOM   8    C  CA  . VAL A 1 4   ? -13.113 8.124   -5.866  1.00 28.15 ? 3   VAL A CA  1 
ATOM   9    C  C   . VAL A 1 4   ? -13.389 9.329   -4.974  1.00 25.10 ? 3   VAL A C   1 
ATOM   10   O  O   . VAL A 1 4   ? -12.442 9.981   -4.534  1.00 22.85 ? 3   VAL A O   1 
ATOM   11   C  CB  . VAL A 1 4   ? -11.992 8.411   -6.906  1.00 29.35 ? 3   VAL A CB  1 
ATOM   12   C  CG1 . VAL A 1 4   ? -11.471 7.080   -7.467  1.00 25.84 ? 3   VAL A CG1 1 
ATOM   13   C  CG2 . VAL A 1 4   ? -12.484 9.343   -8.035  1.00 27.05 ? 3   VAL A CG2 1 
ATOM   14   N  N   . ASN A 1 5   ? -14.661 9.617   -4.687  1.00 25.84 ? 4   ASN A N   1 
ATOM   15   C  CA  . ASN A 1 5   ? -14.987 10.690  -3.749  1.00 24.51 ? 4   ASN A CA  1 
ATOM   16   C  C   . ASN A 1 5   ? -14.274 11.995  -4.152  1.00 24.43 ? 4   ASN A C   1 
ATOM   17   O  O   . ASN A 1 5   ? -13.779 12.740  -3.291  1.00 22.07 ? 4   ASN A O   1 
ATOM   18   C  CB  . ASN A 1 5   ? -14.567 10.260  -2.324  1.00 25.35 ? 4   ASN A CB  1 
ATOM   19   C  CG  . ASN A 1 5   ? -15.092 11.197  -1.226  1.00 23.99 ? 4   ASN A CG  1 
ATOM   20   O  OD1 . ASN A 1 5   ? -16.144 11.832  -1.371  1.00 22.74 ? 4   ASN A OD1 1 
ATOM   21   N  ND2 . ASN A 1 5   ? -14.346 11.284  -0.125  1.00 19.49 ? 4   ASN A ND2 1 
ATOM   22   N  N   . GLY A 1 6   ? -14.214 12.236  -5.469  1.00 24.03 ? 5   GLY A N   1 
ATOM   23   C  CA  . GLY A 1 6   ? -13.594 13.438  -6.038  1.00 24.50 ? 5   GLY A CA  1 
ATOM   24   C  C   . GLY A 1 6   ? -12.074 13.493  -6.017  1.00 24.43 ? 5   GLY A C   1 
ATOM   25   O  O   . GLY A 1 6   ? -11.498 14.551  -6.282  1.00 23.99 ? 5   GLY A O   1 
ATOM   26   N  N   . ILE A 1 7   ? -11.421 12.369  -5.698  1.00 22.62 ? 6   ILE A N   1 
ATOM   27   C  CA  . ILE A 1 7   ? -9.967  12.330  -5.576  1.00 21.85 ? 6   ILE A CA  1 
ATOM   28   C  C   . ILE A 1 7   ? -9.418  11.555  -6.762  1.00 21.97 ? 6   ILE A C   1 
ATOM   29   O  O   . ILE A 1 7   ? -9.331  10.322  -6.732  1.00 18.74 ? 6   ILE A O   1 
ATOM   30   C  CB  . ILE A 1 7   ? -9.546  11.682  -4.248  1.00 23.36 ? 6   ILE A CB  1 
ATOM   31   C  CG1 . ILE A 1 7   ? -10.158 12.454  -3.078  1.00 22.89 ? 6   ILE A CG1 1 
ATOM   32   C  CG2 . ILE A 1 7   ? -8.018  11.652  -4.105  1.00 21.28 ? 6   ILE A CG2 1 
ATOM   33   C  CD1 . ILE A 1 7   ? -10.124 11.681  -1.792  1.00 26.47 ? 6   ILE A CD1 1 
ATOM   34   N  N   . GLU A 1 8   ? -9.090  12.294  -7.821  1.00 18.88 ? 7   GLU A N   1 
ATOM   35   C  CA  . GLU A 1 8   ? -8.583  11.701  -9.069  1.00 18.77 ? 7   GLU A CA  1 
ATOM   36   C  C   . GLU A 1 8   ? -7.311  10.870  -8.912  1.00 13.94 ? 7   GLU A C   1 
ATOM   37   O  O   . GLU A 1 8   ? -7.190  9.833   -9.578  1.00 13.23 ? 7   GLU A O   1 
ATOM   38   C  CB  . GLU A 1 8   ? -8.336  12.763  -10.138 1.00 22.04 ? 7   GLU A CB  1 
ATOM   39   C  CG  . GLU A 1 8   ? -9.606  13.231  -10.821 1.00 29.85 ? 7   GLU A CG  1 
ATOM   40   C  CD  . GLU A 1 8   ? -10.297 12.090  -11.540 1.00 37.98 ? 7   GLU A CD  1 
ATOM   41   O  OE1 . GLU A 1 8   ? -9.690  11.531  -12.484 1.00 41.07 ? 7   GLU A OE1 1 
ATOM   42   O  OE2 . GLU A 1 8   ? -11.439 11.751  -11.150 1.00 42.12 ? 7   GLU A OE2 1 
ATOM   43   N  N   . VAL A 1 9   ? -6.386  11.298  -8.056  1.00 14.39 ? 8   VAL A N   1 
ATOM   44   C  CA  . VAL A 1 9   ? -5.186  10.497  -7.821  1.00 15.57 ? 8   VAL A CA  1 
ATOM   45   C  C   . VAL A 1 9   ? -5.467  9.130   -7.159  1.00 13.95 ? 8   VAL A C   1 
ATOM   46   O  O   . VAL A 1 9   ? -4.595  8.274   -7.137  1.00 12.45 ? 8   VAL A O   1 
ATOM   47   C  CB  . VAL A 1 9   ? -4.094  11.232  -7.029  1.00 17.75 ? 8   VAL A CB  1 
ATOM   48   C  CG1 . VAL A 1 9   ? -3.576  12.410  -7.838  1.00 17.94 ? 8   VAL A CG1 1 
ATOM   49   C  CG2 . VAL A 1 9   ? -4.581  11.661  -5.628  1.00 17.90 ? 8   VAL A CG2 1 
ATOM   50   N  N   . ALA A 1 10  ? -6.669  8.911   -6.634  1.00 12.73 ? 9   ALA A N   1 
ATOM   51   C  CA  . ALA A 1 10  ? -6.988  7.611   -6.060  1.00 11.91 ? 9   ALA A CA  1 
ATOM   52   C  C   . ALA A 1 10  ? -7.072  6.541   -7.149  1.00 12.33 ? 9   ALA A C   1 
ATOM   53   O  O   . ALA A 1 10  ? -6.843  5.377   -6.888  1.00 12.53 ? 9   ALA A O   1 
ATOM   54   C  CB  . ALA A 1 10  ? -8.291  7.667   -5.275  1.00 12.70 ? 9   ALA A CB  1 
ATOM   55   N  N   . LYS A 1 11  ? -7.432  6.938   -8.372  1.00 10.54 ? 10  LYS A N   1 
ATOM   56   C  CA  . LYS A 1 11  ? -7.619  5.973   -9.456  1.00 11.29 ? 10  LYS A CA  1 
ATOM   57   C  C   . LYS A 1 11  ? -6.440  5.051   -9.734  1.00 11.80 ? 10  LYS A C   1 
ATOM   58   O  O   . LYS A 1 11  ? -6.616  3.827   -9.719  1.00 10.82 ? 10  LYS A O   1 
ATOM   59   C  CB  . LYS A 1 11  ? -8.133  6.646   -10.749 1.00 11.91 ? 10  LYS A CB  1 
ATOM   60   C  CG  . LYS A 1 11  ? -9.542  7.225   -10.589 1.00 19.80 ? 10  LYS A CG  1 
ATOM   61   C  CD  . LYS A 1 11  ? -10.058 7.826   -11.900 1.00 21.16 ? 10  LYS A CD  1 
ATOM   62   C  CE  . LYS A 1 11  ? -11.441 8.459   -11.725 1.00 27.81 ? 10  LYS A CE  1 
ATOM   63   N  NZ  . LYS A 1 11  ? -11.844 9.268   -12.926 1.00 31.29 ? 10  LYS A NZ  1 
ATOM   64   N  N   . PRO A 1 12  ? -5.233  5.614   -9.963  1.00 10.99 ? 11  PRO A N   1 
ATOM   65   C  CA  . PRO A 1 12  ? -4.075  4.732   -10.206 1.00 10.71 ? 11  PRO A CA  1 
ATOM   66   C  C   . PRO A 1 12  ? -3.746  3.825   -8.997  1.00 10.53 ? 11  PRO A C   1 
ATOM   67   O  O   . PRO A 1 12  ? -3.242  2.704   -9.167  1.00 9.95  ? 11  PRO A O   1 
ATOM   68   C  CB  . PRO A 1 12  ? -2.949  5.717   -10.567 1.00 11.51 ? 11  PRO A CB  1 
ATOM   69   C  CG  . PRO A 1 12  ? -3.411  7.059   -10.086 1.00 13.39 ? 11  PRO A CG  1 
ATOM   70   C  CD  . PRO A 1 12  ? -4.880  7.050   -10.096 1.00 9.71  ? 11  PRO A CD  1 
ATOM   71   N  N   . PHE A 1 13  ? -4.010  4.302   -7.783  1.00 9.90  ? 12  PHE A N   1 
ATOM   72   C  CA  . PHE A 1 13  ? -3.797  3.475   -6.583  1.00 10.71 ? 12  PHE A CA  1 
ATOM   73   C  C   . PHE A 1 13  ? -4.772  2.338   -6.446  1.00 11.01 ? 12  PHE A C   1 
ATOM   74   O  O   . PHE A 1 13  ? -4.390  1.227   -6.049  1.00 10.43 ? 12  PHE A O   1 
ATOM   75   C  CB  . PHE A 1 13  ? -3.733  4.359   -5.324  1.00 11.72 ? 12  PHE A CB  1 
ATOM   76   C  CG  . PHE A 1 13  ? -2.431  5.080   -5.208  1.00 10.12 ? 12  PHE A CG  1 
ATOM   77   C  CD1 . PHE A 1 13  ? -1.311  4.429   -4.690  1.00 10.52 ? 12  PHE A CD1 1 
ATOM   78   C  CD2 . PHE A 1 13  ? -2.279  6.380   -5.699  1.00 11.48 ? 12  PHE A CD2 1 
ATOM   79   C  CE1 . PHE A 1 13  ? -0.092  5.059   -4.647  1.00 10.07 ? 12  PHE A CE1 1 
ATOM   80   C  CE2 . PHE A 1 13  ? -1.050  7.013   -5.645  1.00 9.45  ? 12  PHE A CE2 1 
ATOM   81   C  CZ  . PHE A 1 13  ? 0.051   6.330   -5.112  1.00 11.74 ? 12  PHE A CZ  1 
ATOM   82   N  N   . ILE A 1 14  ? -6.037  2.605   -6.754  1.00 10.78 ? 13  ILE A N   1 
ATOM   83   C  CA  . ILE A 1 14  ? -7.026  1.533   -6.688  1.00 9.79  ? 13  ILE A CA  1 
ATOM   84   C  C   . ILE A 1 14  ? -6.711  0.489   -7.763  1.00 10.58 ? 13  ILE A C   1 
ATOM   85   O  O   . ILE A 1 14  ? -6.681  -0.701  -7.484  1.00 11.25 ? 13  ILE A O   1 
ATOM   86   C  CB  . ILE A 1 14  ? -8.447  2.104   -6.822  1.00 11.01 ? 13  ILE A CB  1 
ATOM   87   C  CG1 . ILE A 1 14  ? -8.794  2.918   -5.584  1.00 12.39 ? 13  ILE A CG1 1 
ATOM   88   C  CG2 . ILE A 1 14  ? -9.478  0.956   -7.048  1.00 14.79 ? 13  ILE A CG2 1 
ATOM   89   C  CD1 . ILE A 1 14  ? -10.052 3.799   -5.777  1.00 15.09 ? 13  ILE A CD1 1 
ATOM   90   N  N   . ALA A 1 15  ? -6.445  0.935   -8.995  1.00 9.74  ? 14  ALA A N   1 
ATOM   91   C  CA  . ALA A 1 15  ? -6.132  0.026   -10.065 1.00 10.07 ? 14  ALA A CA  1 
ATOM   92   C  C   . ALA A 1 15  ? -4.902  -0.820  -9.752  1.00 10.02 ? 14  ALA A C   1 
ATOM   93   O  O   . ALA A 1 15  ? -4.909  -2.060  -9.929  1.00 11.98 ? 14  ALA A O   1 
ATOM   94   C  CB  . ALA A 1 15  ? -5.924  0.807   -11.393 1.00 9.95  ? 14  ALA A CB  1 
ATOM   95   N  N   . ALA A 1 16  ? -3.846  -0.159  -9.279  1.00 10.46 ? 15  ALA A N   1 
ATOM   96   C  CA  . ALA A 1 16  ? -2.581  -0.836  -8.902  1.00 9.75  ? 15  ALA A CA  1 
ATOM   97   C  C   . ALA A 1 16  ? -2.781  -1.866  -7.793  1.00 10.31 ? 15  ALA A C   1 
ATOM   98   O  O   . ALA A 1 16  ? -2.313  -3.005  -7.879  1.00 10.15 ? 15  ALA A O   1 
ATOM   99   C  CB  . ALA A 1 16  ? -1.540  0.188   -8.492  1.00 10.50 ? 15  ALA A CB  1 
ATOM   100  N  N   . THR A 1 17  ? -3.501  -1.456  -6.766  1.00 10.35 ? 16  THR A N   1 
ATOM   101  C  CA  . THR A 1 17  ? -3.763  -2.315  -5.612  1.00 8.74  ? 16  THR A CA  1 
ATOM   102  C  C   . THR A 1 17  ? -4.537  -3.578  -5.999  1.00 10.75 ? 16  THR A C   1 
ATOM   103  O  O   . THR A 1 17  ? -4.157  -4.701  -5.649  1.00 11.01 ? 16  THR A O   1 
ATOM   104  C  CB  . THR A 1 17  ? -4.481  -1.549  -4.492  1.00 9.63  ? 16  THR A CB  1 
ATOM   105  O  OG1 . THR A 1 17  ? -3.647  -0.492  -4.034  1.00 10.82 ? 16  THR A OG1 1 
ATOM   106  C  CG2 . THR A 1 17  ? -4.782  -2.468  -3.299  1.00 9.41  ? 16  THR A CG2 1 
ATOM   107  N  N   . VAL A 1 18  ? -5.594  -3.398  -6.788  1.00 11.36 ? 17  VAL A N   1 
ATOM   108  C  CA  . VAL A 1 18  ? -6.386  -4.541  -7.242  1.00 12.64 ? 17  VAL A CA  1 
ATOM   109  C  C   . VAL A 1 18  ? -5.561  -5.428  -8.160  1.00 11.22 ? 17  VAL A C   1 
ATOM   110  O  O   . VAL A 1 18  ? -5.548  -6.639  -7.986  1.00 12.25 ? 17  VAL A O   1 
ATOM   111  C  CB  . VAL A 1 18  ? -7.695  -4.082  -7.920  1.00 13.53 ? 17  VAL A CB  1 
ATOM   112  C  CG1 . VAL A 1 18  ? -8.400  -5.264  -8.566  1.00 15.46 ? 17  VAL A CG1 1 
ATOM   113  C  CG2 . VAL A 1 18  ? -8.583  -3.373  -6.899  1.00 11.28 ? 17  VAL A CG2 1 
ATOM   114  N  N   . ASN A 1 19  ? -4.807  -4.847  -9.097  1.00 12.37 ? 18  ASN A N   1 
ATOM   115  C  CA  . ASN A 1 19  ? -3.996  -5.647  -10.033 1.00 14.23 ? 18  ASN A CA  1 
ATOM   116  C  C   . ASN A 1 19  ? -2.943  -6.456  -9.315  1.00 12.21 ? 18  ASN A C   1 
ATOM   117  O  O   . ASN A 1 19  ? -2.718  -7.661  -9.607  1.00 12.87 ? 18  ASN A O   1 
ATOM   118  C  CB  . ASN A 1 19  ? -3.199  -4.792  -11.010 1.00 17.07 ? 18  ASN A CB  1 
ATOM   119  C  CG  . ASN A 1 19  ? -4.017  -4.165  -12.069 1.00 22.31 ? 18  ASN A CG  1 
ATOM   120  O  OD1 . ASN A 1 19  ? -5.191  -4.493  -12.264 1.00 20.78 ? 18  ASN A OD1 1 
ATOM   121  N  ND2 . ASN A 1 19  ? -3.388  -3.201  -12.781 1.00 22.03 ? 18  ASN A ND2 1 
ATOM   122  N  N   . VAL A 1 20  ? -2.260  -5.812  -8.371  1.00 10.08 ? 19  VAL A N   1 
ATOM   123  C  CA  . VAL A 1 20  ? -1.143  -6.470  -7.705  1.00 10.87 ? 19  VAL A CA  1 
ATOM   124  C  C   . VAL A 1 20  ? -1.647  -7.581  -6.782  1.00 12.26 ? 19  VAL A C   1 
ATOM   125  O  O   . VAL A 1 20  ? -1.153  -8.697  -6.834  1.00 11.47 ? 19  VAL A O   1 
ATOM   126  C  CB  . VAL A 1 20  ? -0.268  -5.454  -6.939  1.00 11.10 ? 19  VAL A CB  1 
ATOM   127  C  CG1 . VAL A 1 20  ? 0.737   -6.141  -6.019  1.00 10.27 ? 19  VAL A CG1 1 
ATOM   128  C  CG2 . VAL A 1 20  ? 0.440   -4.522  -7.931  1.00 11.32 ? 19  VAL A CG2 1 
ATOM   129  N  N   . LEU A 1 21  ? -2.635  -7.298  -5.943  1.00 9.44  ? 20  LEU A N   1 
ATOM   130  C  CA  . LEU A 1 21  ? -3.154  -8.325  -5.065  1.00 10.57 ? 20  LEU A CA  1 
ATOM   131  C  C   . LEU A 1 21  ? -3.783  -9.475  -5.842  1.00 9.61  ? 20  LEU A C   1 
ATOM   132  O  O   . LEU A 1 21  ? -3.628  -10.631 -5.434  1.00 11.47 ? 20  LEU A O   1 
ATOM   133  C  CB  . LEU A 1 21  ? -4.109  -7.792  -3.985  1.00 11.77 ? 20  LEU A CB  1 
ATOM   134  C  CG  . LEU A 1 21  ? -3.402  -7.419  -2.676  1.00 15.46 ? 20  LEU A CG  1 
ATOM   135  C  CD1 . LEU A 1 21  ? -2.506  -6.171  -2.894  1.00 11.86 ? 20  LEU A CD1 1 
ATOM   136  C  CD2 . LEU A 1 21  ? -4.370  -7.185  -1.573  1.00 16.21 ? 20  LEU A CD2 1 
ATOM   137  N  N   . SER A 1 22  ? -4.536  -9.178  -6.907  1.00 11.30 ? 21  SER A N   1 
ATOM   138  C  CA  A SER A 1 22  ? -5.169  -10.235 -7.691  0.25 11.79 ? 21  SER A CA  1 
ATOM   139  C  CA  B SER A 1 22  ? -5.170  -10.238 -7.685  0.25 11.99 ? 21  SER A CA  1 
ATOM   140  C  CA  C SER A 1 22  ? -5.171  -10.232 -7.701  0.50 13.82 ? 21  SER A CA  1 
ATOM   141  C  C   . SER A 1 22  ? -4.124  -11.120 -8.352  1.00 11.26 ? 21  SER A C   1 
ATOM   142  O  O   . SER A 1 22  ? -4.204  -12.344 -8.293  1.00 12.61 ? 21  SER A O   1 
ATOM   143  C  CB  A SER A 1 22  ? -6.085  -9.643  -8.762  0.25 11.95 ? 21  SER A CB  1 
ATOM   144  C  CB  B SER A 1 22  ? -6.128  -9.666  -8.738  0.25 12.15 ? 21  SER A CB  1 
ATOM   145  C  CB  C SER A 1 22  ? -6.047  -9.645  -8.813  0.50 14.51 ? 21  SER A CB  1 
ATOM   146  O  OG  A SER A 1 22  ? -6.598  -10.651 -9.614  0.25 9.94  ? 21  SER A OG  1 
ATOM   147  O  OG  B SER A 1 22  ? -5.482  -8.761  -9.622  0.25 12.00 ? 21  SER A OG  1 
ATOM   148  O  OG  C SER A 1 22  ? -7.011  -8.734  -8.313  0.50 22.55 ? 21  SER A OG  1 
ATOM   149  N  N   . THR A 1 23  ? -3.127  -10.507 -8.974  1.00 11.09 ? 22  THR A N   1 
ATOM   150  C  CA  . THR A 1 23  ? -2.119  -11.278 -9.727  1.00 12.55 ? 22  THR A CA  1 
ATOM   151  C  C   . THR A 1 23  ? -1.117  -12.011 -8.869  1.00 13.27 ? 22  THR A C   1 
ATOM   152  O  O   . THR A 1 23  ? -0.778  -13.159 -9.156  1.00 15.23 ? 22  THR A O   1 
ATOM   153  C  CB  . THR A 1 23  ? -1.341  -10.352 -10.692 1.00 14.83 ? 22  THR A CB  1 
ATOM   154  O  OG1 . THR A 1 23  ? -2.265  -9.717  -11.558 1.00 18.27 ? 22  THR A OG1 1 
ATOM   155  C  CG2 . THR A 1 23  ? -0.337  -11.162 -11.528 1.00 19.59 ? 22  THR A CG2 1 
HETATM 156  N  N   . MSE A 1 24  ? -0.693  -11.396 -7.781  1.00 12.03 ? 23  MSE A N   1 
HETATM 157  C  CA  A MSE A 1 24  ? 0.352   -11.968 -6.961  0.33 11.96 ? 23  MSE A CA  1 
HETATM 158  C  CA  B MSE A 1 24  ? 0.362   -11.952 -6.922  0.67 11.48 ? 23  MSE A CA  1 
HETATM 159  C  C   . MSE A 1 24  ? -0.178  -12.850 -5.834  1.00 11.35 ? 23  MSE A C   1 
HETATM 160  O  O   . MSE A 1 24  ? 0.511   -13.766 -5.390  1.00 13.35 ? 23  MSE A O   1 
HETATM 161  C  CB  A MSE A 1 24  ? 1.208   -10.824 -6.436  0.33 12.86 ? 23  MSE A CB  1 
HETATM 162  C  CB  B MSE A 1 24  ? 1.186   -10.849 -6.243  0.67 13.78 ? 23  MSE A CB  1 
HETATM 163  C  CG  A MSE A 1 24  ? 1.755   -9.976  -7.576  0.33 14.31 ? 23  MSE A CG  1 
HETATM 164  C  CG  B MSE A 1 24  ? 1.889   -9.870  -7.165  0.67 14.77 ? 23  MSE A CG  1 
HETATM 165  SE SE  A MSE A 1 24  ? 3.319   -10.848 -8.331  0.25 12.76 ? 23  MSE A SE  1 
HETATM 166  SE SE  B MSE A 1 24  ? 3.322   -8.924  -6.189  0.50 18.21 ? 23  MSE A SE  1 
HETATM 167  C  CE  A MSE A 1 24  ? 4.137   -11.003 -6.627  0.33 10.70 ? 23  MSE A CE  1 
HETATM 168  C  CE  B MSE A 1 24  ? 4.241   -7.697  -7.525  0.67 6.29  ? 23  MSE A CE  1 
ATOM   169  N  N   . ALA A 1 25  ? -1.415  -12.610 -5.391  1.00 12.80 ? 24  ALA A N   1 
ATOM   170  C  CA  . ALA A 1 25  ? -1.959  -13.339 -4.237  1.00 11.86 ? 24  ALA A CA  1 
ATOM   171  C  C   . ALA A 1 25  ? -3.297  -14.030 -4.433  1.00 10.88 ? 24  ALA A C   1 
ATOM   172  O  O   . ALA A 1 25  ? -3.755  -14.761 -3.535  1.00 13.04 ? 24  ALA A O   1 
ATOM   173  C  CB  . ALA A 1 25  ? -2.093  -12.330 -3.064  1.00 13.09 ? 24  ALA A CB  1 
ATOM   174  N  N   . GLY A 1 26  ? -3.931  -13.820 -5.594  1.00 11.97 ? 25  GLY A N   1 
ATOM   175  C  CA  . GLY A 1 26  ? -5.264  -14.322 -5.851  1.00 12.50 ? 25  GLY A CA  1 
ATOM   176  C  C   . GLY A 1 26  ? -6.331  -13.696 -4.971  1.00 13.12 ? 25  GLY A C   1 
ATOM   177  O  O   . GLY A 1 26  ? -7.353  -14.328 -4.697  1.00 15.14 ? 25  GLY A O   1 
ATOM   178  N  N   . ILE A 1 27  ? -6.094  -12.462 -4.530  1.00 12.08 ? 26  ILE A N   1 
ATOM   179  C  CA  . ILE A 1 27  ? -7.008  -11.724 -3.648  1.00 13.38 ? 26  ILE A CA  1 
ATOM   180  C  C   . ILE A 1 27  ? -7.553  -10.537 -4.399  1.00 13.48 ? 26  ILE A C   1 
ATOM   181  O  O   . ILE A 1 27  ? -6.796  -9.780  -5.016  1.00 12.87 ? 26  ILE A O   1 
ATOM   182  C  CB  . ILE A 1 27  ? -6.288  -11.253 -2.346  1.00 14.18 ? 26  ILE A CB  1 
ATOM   183  C  CG1 . ILE A 1 27  ? -5.861  -12.463 -1.540  1.00 14.90 ? 26  ILE A CG1 1 
ATOM   184  C  CG2 . ILE A 1 27  ? -7.177  -10.266 -1.526  1.00 12.62 ? 26  ILE A CG2 1 
ATOM   185  C  CD1 . ILE A 1 27  ? -4.896  -12.148 -0.391  1.00 16.01 ? 26  ILE A CD1 1 
ATOM   186  N  N   . GLN A 1 28  ? -8.875  -10.392 -4.400  1.00 12.39 ? 27  GLN A N   1 
ATOM   187  C  CA  . GLN A 1 28  ? -9.530  -9.240  -5.038  1.00 15.35 ? 27  GLN A CA  1 
ATOM   188  C  C   . GLN A 1 28  ? -9.943  -8.270  -3.919  1.00 13.26 ? 27  GLN A C   1 
ATOM   189  O  O   . GLN A 1 28  ? -10.976 -8.465  -3.283  1.00 17.07 ? 27  GLN A O   1 
ATOM   190  C  CB  . GLN A 1 28  ? -10.745 -9.705  -5.837  1.00 18.50 ? 27  GLN A CB  1 
ATOM   191  C  CG  . GLN A 1 28  ? -10.404 -10.638 -6.985  1.00 28.93 ? 27  GLN A CG  1 
ATOM   192  C  CD  . GLN A 1 28  ? -9.753  -9.942  -8.157  1.00 38.06 ? 27  GLN A CD  1 
ATOM   193  O  OE1 . GLN A 1 28  ? -9.124  -10.591 -8.990  1.00 55.24 ? 27  GLN A OE1 1 
ATOM   194  N  NE2 . GLN A 1 28  ? -9.913  -8.623  -8.246  1.00 40.91 ? 27  GLN A NE2 1 
ATOM   195  N  N   . PRO A 1 29  ? -9.139  -7.216  -3.668  1.00 11.50 ? 28  PRO A N   1 
ATOM   196  C  CA  . PRO A 1 29  ? -9.452  -6.305  -2.569  1.00 11.43 ? 28  PRO A CA  1 
ATOM   197  C  C   . PRO A 1 29  ? -10.545 -5.318  -2.993  1.00 11.72 ? 28  PRO A C   1 
ATOM   198  O  O   . PRO A 1 29  ? -10.583 -4.892  -4.157  1.00 12.31 ? 28  PRO A O   1 
ATOM   199  C  CB  . PRO A 1 29  ? -8.119  -5.593  -2.332  1.00 12.04 ? 28  PRO A CB  1 
ATOM   200  C  CG  . PRO A 1 29  ? -7.504  -5.562  -3.682  1.00 9.80  ? 28  PRO A CG  1 
ATOM   201  C  CD  . PRO A 1 29  ? -7.928  -6.799  -4.390  1.00 13.61 ? 28  PRO A CD  1 
ATOM   202  N  N   . GLN A 1 30  ? -11.405 -4.955  -2.045  1.00 9.80  ? 29  GLN A N   1 
ATOM   203  C  CA  . GLN A 1 30  ? -12.500 -4.024  -2.297  1.00 10.69 ? 29  GLN A CA  1 
ATOM   204  C  C   . GLN A 1 30  ? -12.154 -2.688  -1.687  1.00 10.34 ? 29  GLN A C   1 
ATOM   205  O  O   . GLN A 1 30  ? -12.065 -2.579  -0.466  1.00 9.30  ? 29  GLN A O   1 
ATOM   206  C  CB  . GLN A 1 30  ? -13.781 -4.564  -1.647  1.00 10.40 ? 29  GLN A CB  1 
ATOM   207  C  CG  . GLN A 1 30  ? -14.959 -3.581  -1.602  1.00 14.25 ? 29  GLN A CG  1 
ATOM   208  C  CD  . GLN A 1 30  ? -15.450 -3.254  -2.988  1.00 14.32 ? 29  GLN A CD  1 
ATOM   209  O  OE1 . GLN A 1 30  ? -15.883 -4.148  -3.708  1.00 16.58 ? 29  GLN A OE1 1 
ATOM   210  N  NE2 . GLN A 1 30  ? -15.376 -1.966  -3.382  1.00 15.83 ? 29  GLN A NE2 1 
ATOM   211  N  N   . PRO A 1 31  ? -11.984 -1.648  -2.507  1.00 9.39  ? 30  PRO A N   1 
ATOM   212  C  CA  . PRO A 1 31  ? -11.737 -0.315  -1.940  1.00 10.33 ? 30  PRO A CA  1 
ATOM   213  C  C   . PRO A 1 31  ? -12.959 0.270   -1.241  1.00 12.45 ? 30  PRO A C   1 
ATOM   214  O  O   . PRO A 1 31  ? -14.117 0.013   -1.652  1.00 12.45 ? 30  PRO A O   1 
ATOM   215  C  CB  . PRO A 1 31  ? -11.406 0.529   -3.173  1.00 12.52 ? 30  PRO A CB  1 
ATOM   216  C  CG  . PRO A 1 31  ? -12.095 -0.145  -4.272  1.00 10.99 ? 30  PRO A CG  1 
ATOM   217  C  CD  . PRO A 1 31  ? -12.045 -1.617  -3.977  1.00 11.25 ? 30  PRO A CD  1 
ATOM   218  N  N   . GLY A 1 32  ? -12.711 1.018   -0.173  1.00 12.51 ? 31  GLY A N   1 
ATOM   219  C  CA  . GLY A 1 32  ? -13.691 1.885   0.447   1.00 11.81 ? 31  GLY A CA  1 
ATOM   220  C  C   . GLY A 1 32  ? -13.532 3.273   -0.165  1.00 11.20 ? 31  GLY A C   1 
ATOM   221  O  O   . GLY A 1 32  ? -13.048 3.426   -1.308  1.00 13.78 ? 31  GLY A O   1 
ATOM   222  N  N   . LYS A 1 33  ? -13.931 4.274   0.596   1.00 13.42 ? 32  LYS A N   1 
ATOM   223  C  CA  . LYS A 1 33  ? -13.999 5.657   0.097   1.00 12.20 ? 32  LYS A CA  1 
ATOM   224  C  C   . LYS A 1 33  ? -12.674 6.357   0.216   1.00 10.30 ? 32  LYS A C   1 
ATOM   225  O  O   . LYS A 1 33  ? -12.171 6.531   1.324   1.00 11.57 ? 32  LYS A O   1 
ATOM   226  C  CB  . LYS A 1 33  ? -15.029 6.455   0.898   1.00 12.89 ? 32  LYS A CB  1 
ATOM   227  C  CG  . LYS A 1 33  ? -15.337 7.812   0.286   1.00 15.73 ? 32  LYS A CG  1 
ATOM   228  C  CD  . LYS A 1 33  ? -16.540 8.483   0.927   1.00 21.60 ? 32  LYS A CD  1 
ATOM   229  C  CE  . LYS A 1 33  ? -16.228 9.054   2.291   1.00 26.59 ? 32  LYS A CE  1 
ATOM   230  N  NZ  . LYS A 1 33  ? -17.509 9.511   2.943   1.00 35.77 ? 32  LYS A NZ  1 
ATOM   231  N  N   . PRO A 1 34  ? -12.094 6.819   -0.908  1.00 10.20 ? 33  PRO A N   1 
ATOM   232  C  CA  . PRO A 1 34  ? -10.880 7.586   -0.748  1.00 11.34 ? 33  PRO A CA  1 
ATOM   233  C  C   . PRO A 1 34  ? -11.139 8.916   -0.061  1.00 12.04 ? 33  PRO A C   1 
ATOM   234  O  O   . PRO A 1 34  ? -12.234 9.472   -0.180  1.00 14.08 ? 33  PRO A O   1 
ATOM   235  C  CB  . PRO A 1 34  ? -10.427 7.818   -2.204  1.00 12.80 ? 33  PRO A CB  1 
ATOM   236  C  CG  . PRO A 1 34  ? -11.027 6.740   -2.945  1.00 14.56 ? 33  PRO A CG  1 
ATOM   237  C  CD  . PRO A 1 34  ? -12.360 6.528   -2.321  1.00 12.23 ? 33  PRO A CD  1 
ATOM   238  N  N   . TYR A 1 35  ? -10.164 9.387   0.692   1.00 11.04 ? 34  TYR A N   1 
ATOM   239  C  CA  . TYR A 1 35  ? -10.268 10.704  1.347   1.00 11.48 ? 34  TYR A CA  1 
ATOM   240  C  C   . TYR A 1 35  ? -8.887  11.308  1.536   1.00 13.80 ? 34  TYR A C   1 
ATOM   241  O  O   . TYR A 1 35  ? -7.871  10.616  1.445   1.00 13.87 ? 34  TYR A O   1 
ATOM   242  C  CB  . TYR A 1 35  ? -10.985 10.592  2.698   1.00 13.69 ? 34  TYR A CB  1 
ATOM   243  C  CG  . TYR A 1 35  ? -10.223 9.841   3.766   1.00 13.62 ? 34  TYR A CG  1 
ATOM   244  C  CD1 . TYR A 1 35  ? -10.297 8.465   3.841   1.00 15.23 ? 34  TYR A CD1 1 
ATOM   245  C  CD2 . TYR A 1 35  ? -9.429  10.509  4.694   1.00 17.98 ? 34  TYR A CD2 1 
ATOM   246  C  CE1 . TYR A 1 35  ? -9.618  7.760   4.820   1.00 20.65 ? 34  TYR A CE1 1 
ATOM   247  C  CE2 . TYR A 1 35  ? -8.736  9.815   5.672   1.00 18.39 ? 34  TYR A CE2 1 
ATOM   248  C  CZ  . TYR A 1 35  ? -8.831  8.446   5.736   1.00 17.85 ? 34  TYR A CZ  1 
ATOM   249  O  OH  . TYR A 1 35  ? -8.117  7.719   6.690   1.00 20.86 ? 34  TYR A OH  1 
ATOM   250  N  N   . VAL A 1 36  ? -8.850  12.616  1.776   1.00 14.76 ? 35  VAL A N   1 
ATOM   251  C  CA  . VAL A 1 36  ? -7.598  13.313  2.097   1.00 14.79 ? 35  VAL A CA  1 
ATOM   252  C  C   . VAL A 1 36  ? -7.715  13.998  3.468   1.00 14.58 ? 35  VAL A C   1 
ATOM   253  O  O   . VAL A 1 36  ? -8.765  14.535  3.837   1.00 15.81 ? 35  VAL A O   1 
ATOM   254  C  CB  . VAL A 1 36  ? -7.173  14.303  0.985   1.00 17.58 ? 35  VAL A CB  1 
ATOM   255  C  CG1 . VAL A 1 36  ? -6.875  13.569  -0.314  1.00 17.64 ? 35  VAL A CG1 1 
ATOM   256  C  CG2 . VAL A 1 36  ? -8.250  15.363  0.768   1.00 23.89 ? 35  VAL A CG2 1 
ATOM   257  N  N   . LYS A 1 37  ? -6.651  13.944  4.245   1.00 12.91 ? 36  LYS A N   1 
ATOM   258  C  CA  . LYS A 1 37  ? -6.648  14.588  5.533   1.00 14.64 ? 36  LYS A CA  1 
ATOM   259  C  C   . LYS A 1 37  ? -5.247  15.024  5.971   1.00 15.47 ? 36  LYS A C   1 
ATOM   260  O  O   . LYS A 1 37  ? -4.295  14.247  5.879   1.00 11.25 ? 36  LYS A O   1 
ATOM   261  C  CB  . LYS A 1 37  ? -7.241  13.607  6.541   1.00 17.11 ? 36  LYS A CB  1 
ATOM   262  C  CG  . LYS A 1 37  ? -7.350  14.104  7.960   1.00 23.23 ? 36  LYS A CG  1 
ATOM   263  C  CD  . LYS A 1 37  ? -8.078  13.062  8.820   1.00 32.54 ? 36  LYS A CD  1 
ATOM   264  C  CE  . LYS A 1 37  ? -7.728  13.157  10.295  1.00 37.28 ? 36  LYS A CE  1 
ATOM   265  N  NZ  . LYS A 1 37  ? -8.246  14.416  10.909  1.00 46.63 ? 36  LYS A NZ  1 
ATOM   266  N  N   . LYS A 1 38  ? -5.124  16.250  6.481   1.00 15.06 ? 37  LYS A N   1 
ATOM   267  C  CA  . LYS A 1 38  ? -3.875  16.710  7.043   1.00 14.43 ? 37  LYS A CA  1 
ATOM   268  C  C   . LYS A 1 38  ? -3.504  15.826  8.219   1.00 13.33 ? 37  LYS A C   1 
ATOM   269  O  O   . LYS A 1 38  ? -4.359  15.491  9.055   1.00 13.65 ? 37  LYS A O   1 
ATOM   270  C  CB  . LYS A 1 38  ? -3.999  18.163  7.539   1.00 15.29 ? 37  LYS A CB  1 
ATOM   271  C  CG  . LYS A 1 38  ? -2.655  18.781  7.998   1.00 18.65 ? 37  LYS A CG  1 
ATOM   272  C  CD  . LYS A 1 38  ? -1.730  19.136  6.818   1.00 25.98 ? 37  LYS A CD  1 
ATOM   273  C  CE  . LYS A 1 38  ? -0.381  19.751  7.274   1.00 23.71 ? 37  LYS A CE  1 
ATOM   274  N  NZ  . LYS A 1 38  ? 0.624   18.805  7.894   1.00 19.14 ? 37  LYS A NZ  1 
ATOM   275  N  N   . ASN A 1 39  ? -2.241  15.423  8.272   1.00 12.05 ? 38  ASN A N   1 
ATOM   276  C  CA  . ASN A 1 39  ? -1.713  14.578  9.358   1.00 13.78 ? 38  ASN A CA  1 
ATOM   277  C  C   . ASN A 1 39  ? -2.480  13.259  9.552   1.00 13.36 ? 38  ASN A C   1 
ATOM   278  O  O   . ASN A 1 39  ? -2.558  12.733  10.661  1.00 14.11 ? 38  ASN A O   1 
ATOM   279  C  CB  . ASN A 1 39  ? -1.631  15.363  10.673  1.00 15.84 ? 38  ASN A CB  1 
ATOM   280  C  CG  . ASN A 1 39  ? -0.692  16.567  10.576  1.00 15.70 ? 38  ASN A CG  1 
ATOM   281  O  OD1 . ASN A 1 39  ? 0.257   16.619  9.774   1.00 16.47 ? 38  ASN A OD1 1 
ATOM   282  N  ND2 . ASN A 1 39  ? -0.971  17.554  11.384  1.00 23.96 ? 38  ASN A ND2 1 
ATOM   283  N  N   . ASN A 1 40  ? -3.018  12.719  8.469   1.00 13.68 ? 39  ASN A N   1 
ATOM   284  C  CA  . ASN A 1 40  ? -3.661  11.399  8.552   1.00 13.10 ? 39  ASN A CA  1 
ATOM   285  C  C   . ASN A 1 40  ? -2.649  10.367  9.066   1.00 11.22 ? 39  ASN A C   1 
ATOM   286  O  O   . ASN A 1 40  ? -1.464  10.423  8.741   1.00 11.79 ? 39  ASN A O   1 
ATOM   287  C  CB  . ASN A 1 40  ? -4.186  10.937  7.191   1.00 11.32 ? 39  ASN A CB  1 
ATOM   288  C  CG  . ASN A 1 40  ? -5.289  9.911   7.338   1.00 13.72 ? 39  ASN A CG  1 
ATOM   289  O  OD1 . ASN A 1 40  ? -6.317  10.211  7.929   1.00 19.53 ? 39  ASN A OD1 1 
ATOM   290  N  ND2 . ASN A 1 40  ? -5.040  8.658   6.899   1.00 16.73 ? 39  ASN A ND2 1 
ATOM   291  N  N   . VAL A 1 41  ? -3.141  9.447   9.894   1.00 10.59 ? 40  VAL A N   1 
ATOM   292  C  CA  . VAL A 1 41  ? -2.331  8.405   10.477  1.00 10.99 ? 40  VAL A CA  1 
ATOM   293  C  C   . VAL A 1 41  ? -2.937  7.066   10.095  1.00 10.71 ? 40  VAL A C   1 
ATOM   294  O  O   . VAL A 1 41  ? -4.174  6.896   10.169  1.00 12.49 ? 40  VAL A O   1 
ATOM   295  C  CB  . VAL A 1 41  ? -2.303  8.543   12.008  1.00 10.06 ? 40  VAL A CB  1 
ATOM   296  C  CG1 . VAL A 1 41  ? -1.502  7.391   12.635  1.00 12.69 ? 40  VAL A CG1 1 
ATOM   297  C  CG2 . VAL A 1 41  ? -1.726  9.927   12.438  1.00 11.93 ? 40  VAL A CG2 1 
ATOM   298  N  N   . ALA A 1 42  ? -2.100  6.107   9.694   1.00 11.08 ? 41  ALA A N   1 
ATOM   299  C  CA  . ALA A 1 42  ? -2.558  4.735   9.470   1.00 11.19 ? 41  ALA A CA  1 
ATOM   300  C  C   . ALA A 1 42  ? -2.059  3.891   10.626  1.00 10.56 ? 41  ALA A C   1 
ATOM   301  O  O   . ALA A 1 42  ? -0.912  4.022   11.033  1.00 12.75 ? 41  ALA A O   1 
ATOM   302  C  CB  . ALA A 1 42  ? -2.024  4.175   8.142   1.00 12.91 ? 41  ALA A CB  1 
ATOM   303  N  N   . LYS A 1 43  ? -2.905  3.002   11.140  1.00 9.89  ? 42  LYS A N   1 
ATOM   304  C  CA  . LYS A 1 43  ? -2.562  2.148   12.276  1.00 9.85  ? 42  LYS A CA  1 
ATOM   305  C  C   . LYS A 1 43  ? -2.783  0.710   11.872  1.00 10.88 ? 42  LYS A C   1 
ATOM   306  O  O   . LYS A 1 43  ? -3.804  0.370   11.276  1.00 13.61 ? 42  LYS A O   1 
ATOM   307  C  CB  . LYS A 1 43  ? -3.404  2.500   13.497  1.00 12.13 ? 42  LYS A CB  1 
ATOM   308  C  CG  . LYS A 1 43  ? -3.077  1.641   14.722  1.00 16.16 ? 42  LYS A CG  1 
ATOM   309  C  CD  . LYS A 1 43  ? -3.763  2.188   15.944  1.00 22.79 ? 42  LYS A CD  1 
ATOM   310  C  CE  . LYS A 1 43  ? -3.540  1.272   17.141  1.00 35.27 ? 42  LYS A CE  1 
ATOM   311  N  NZ  . LYS A 1 43  ? -4.091  1.857   18.391  1.00 43.90 ? 42  LYS A NZ  1 
ATOM   312  N  N   . GLY A 1 44  ? -1.822  -0.145  12.168  1.00 9.45  ? 43  GLY A N   1 
ATOM   313  C  CA  . GLY A 1 44  ? -1.931  -1.532  11.794  1.00 10.10 ? 43  GLY A CA  1 
ATOM   314  C  C   . GLY A 1 44  ? -0.821  -2.358  12.361  1.00 9.66  ? 43  GLY A C   1 
ATOM   315  O  O   . GLY A 1 44  ? -0.175  -1.947  13.306  1.00 9.90  ? 43  GLY A O   1 
ATOM   316  N  N   . ASP A 1 45  ? -0.630  -3.544  11.800  1.00 9.88  ? 44  ASP A N   1 
ATOM   317  C  CA  . ASP A 1 45  ? 0.312   -4.526  12.354  1.00 7.80  ? 44  ASP A CA  1 
ATOM   318  C  C   . ASP A 1 45  ? 1.553   -4.774  11.481  1.00 7.42  ? 44  ASP A C   1 
ATOM   319  O  O   . ASP A 1 45  ? 2.609   -5.175  11.987  1.00 9.41  ? 44  ASP A O   1 
ATOM   320  C  CB  . ASP A 1 45  ? -0.425  -5.824  12.655  1.00 8.95  ? 44  ASP A CB  1 
ATOM   321  C  CG  . ASP A 1 45  ? -1.649  -5.583  13.528  1.00 12.42 ? 44  ASP A CG  1 
ATOM   322  O  OD1 . ASP A 1 45  ? -1.524  -4.854  14.565  1.00 11.05 ? 44  ASP A OD1 1 
ATOM   323  O  OD2 . ASP A 1 45  ? -2.737  -6.096  13.192  1.00 14.11 ? 44  ASP A OD2 1 
ATOM   324  N  N   . VAL A 1 46  ? 1.396   -4.681  10.164  1.00 8.49  ? 45  VAL A N   1 
ATOM   325  C  CA  A VAL A 1 46  ? 2.516   -4.816  9.234   0.50 7.88  ? 45  VAL A CA  1 
ATOM   326  C  CA  B VAL A 1 46  ? 2.541   -4.763  9.266   0.50 9.52  ? 45  VAL A CA  1 
ATOM   327  C  C   . VAL A 1 46  ? 2.336   -3.751  8.168   1.00 7.69  ? 45  VAL A C   1 
ATOM   328  O  O   . VAL A 1 46  ? 1.263   -3.664  7.554   1.00 9.59  ? 45  VAL A O   1 
ATOM   329  C  CB  A VAL A 1 46  ? 2.583   -6.219  8.562   0.50 10.49 ? 45  VAL A CB  1 
ATOM   330  C  CB  B VAL A 1 46  ? 2.767   -6.168  8.682   0.50 13.80 ? 45  VAL A CB  1 
ATOM   331  C  CG1 A VAL A 1 46  ? 3.968   -6.393  7.891   0.50 12.89 ? 45  VAL A CG1 1 
ATOM   332  C  CG1 B VAL A 1 46  ? 1.540   -6.665  8.010   0.50 15.70 ? 45  VAL A CG1 1 
ATOM   333  C  CG2 A VAL A 1 46  ? 2.328   -7.360  9.605   0.50 5.92  ? 45  VAL A CG2 1 
ATOM   334  C  CG2 B VAL A 1 46  ? 3.976   -6.160  7.726   0.50 15.66 ? 45  VAL A CG2 1 
ATOM   335  N  N   . SER A 1 47  ? 3.343   -2.923  7.952   1.00 8.45  ? 46  SER A N   1 
ATOM   336  C  CA  . SER A 1 47  ? 3.267   -1.916  6.922   1.00 8.93  ? 46  SER A CA  1 
ATOM   337  C  C   . SER A 1 47  ? 4.500   -1.949  6.060   1.00 7.52  ? 46  SER A C   1 
ATOM   338  O  O   . SER A 1 47  ? 5.557   -2.509  6.450   1.00 7.99  ? 46  SER A O   1 
ATOM   339  C  CB  . SER A 1 47  ? 3.232   -0.513  7.532   1.00 7.82  ? 46  SER A CB  1 
ATOM   340  O  OG  . SER A 1 47  ? 2.077   -0.303  8.351   1.00 8.02  ? 46  SER A OG  1 
ATOM   341  N  N   . ALA A 1 48  ? 4.394   -1.291  4.892   1.00 7.33  ? 47  ALA A N   1 
ATOM   342  C  CA  . ALA A 1 48  ? 5.574   -0.933  4.159   1.00 7.41  ? 47  ALA A CA  1 
ATOM   343  C  C   . ALA A 1 48  ? 5.485   0.510   3.689   1.00 7.21  ? 47  ALA A C   1 
ATOM   344  O  O   . ALA A 1 48  ? 4.416   0.966   3.313   1.00 8.96  ? 47  ALA A O   1 
ATOM   345  C  CB  . ALA A 1 48  ? 5.850   -1.886  2.923   1.00 9.75  ? 47  ALA A CB  1 
ATOM   346  N  N   . VAL A 1 49  ? 6.639   1.168   3.646   1.00 7.51  ? 48  VAL A N   1 
ATOM   347  C  CA  A VAL A 1 49  ? 6.752   2.589   3.268   0.60 8.08  ? 48  VAL A CA  1 
ATOM   348  C  CA  B VAL A 1 49  ? 6.707   2.558   3.213   0.40 9.01  ? 48  VAL A CA  1 
ATOM   349  C  C   . VAL A 1 49  ? 7.754   2.691   2.129   1.00 9.01  ? 48  VAL A C   1 
ATOM   350  O  O   . VAL A 1 49  ? 8.788   2.043   2.171   1.00 9.10  ? 48  VAL A O   1 
ATOM   351  C  CB  A VAL A 1 49  ? 7.193   3.472   4.466   0.60 8.31  ? 48  VAL A CB  1 
ATOM   352  C  CB  B VAL A 1 49  ? 6.986   3.533   4.366   0.40 8.33  ? 48  VAL A CB  1 
ATOM   353  C  CG1 A VAL A 1 49  ? 7.493   4.928   4.039   0.60 7.99  ? 48  VAL A CG1 1 
ATOM   354  C  CG1 B VAL A 1 49  ? 5.965   3.341   5.499   0.40 11.84 ? 48  VAL A CG1 1 
ATOM   355  C  CG2 A VAL A 1 49  ? 6.144   3.447   5.597   0.60 11.33 ? 48  VAL A CG2 1 
ATOM   356  C  CG2 B VAL A 1 49  ? 8.418   3.384   4.883   0.40 13.00 ? 48  VAL A CG2 1 
ATOM   357  N  N   . ILE A 1 50  ? 7.400   3.480   1.114   1.00 9.37  ? 49  ILE A N   1 
ATOM   358  C  CA  . ILE A 1 50  ? 8.267   3.816   -0.018  1.00 9.32  ? 49  ILE A CA  1 
ATOM   359  C  C   . ILE A 1 50  ? 8.292   5.320   -0.131  1.00 8.63  ? 49  ILE A C   1 
ATOM   360  O  O   . ILE A 1 50  ? 7.261   5.987   -0.076  1.00 10.03 ? 49  ILE A O   1 
ATOM   361  C  CB  . ILE A 1 50  ? 7.762   3.197   -1.320  1.00 7.43  ? 49  ILE A CB  1 
ATOM   362  C  CG1 . ILE A 1 50  ? 8.031   1.688   -1.281  1.00 10.18 ? 49  ILE A CG1 1 
ATOM   363  C  CG2 . ILE A 1 50  ? 8.344   3.906   -2.572  1.00 9.33  ? 49  ILE A CG2 1 
ATOM   364  C  CD1 . ILE A 1 50  ? 7.459   0.917   -2.442  1.00 11.97 ? 49  ILE A CD1 1 
ATOM   365  N  N   . GLY A 1 51  ? 9.477   5.873   -0.321  1.00 6.67  ? 50  GLY A N   1 
ATOM   366  C  CA  . GLY A 1 51  ? 9.630   7.306   -0.592  1.00 7.67  ? 50  GLY A CA  1 
ATOM   367  C  C   . GLY A 1 51  ? 9.594   7.544   -2.081  1.00 8.00  ? 50  GLY A C   1 
ATOM   368  O  O   . GLY A 1 51  ? 10.160  6.764   -2.858  1.00 9.25  ? 50  GLY A O   1 
ATOM   369  N  N   . ILE A 1 52  ? 8.920   8.616   -2.482  1.00 7.53  ? 51  ILE A N   1 
ATOM   370  C  CA  . ILE A 1 52  ? 8.821   8.991   -3.898  1.00 8.37  ? 51  ILE A CA  1 
ATOM   371  C  C   . ILE A 1 52  ? 9.416   10.405  -4.073  1.00 8.98  ? 51  ILE A C   1 
ATOM   372  O  O   . ILE A 1 52  ? 9.311   11.277  -3.186  1.00 8.70  ? 51  ILE A O   1 
ATOM   373  C  CB  . ILE A 1 52  ? 7.355   8.868   -4.442  1.00 6.11  ? 51  ILE A CB  1 
ATOM   374  C  CG1 . ILE A 1 52  ? 6.379   9.812   -3.753  1.00 7.51  ? 51  ILE A CG1 1 
ATOM   375  C  CG2 . ILE A 1 52  ? 6.900   7.412   -4.371  1.00 8.65  ? 51  ILE A CG2 1 
ATOM   376  C  CD1 . ILE A 1 52  ? 4.909   9.742   -4.215  1.00 7.85  ? 51  ILE A CD1 1 
ATOM   377  N  N   . THR A 1 53  ? 10.038  10.607  -5.217  1.00 9.64  ? 52  THR A N   1 
ATOM   378  C  CA  . THR A 1 53  ? 10.781  11.830  -5.495  1.00 8.53  ? 52  THR A CA  1 
ATOM   379  C  C   . THR A 1 53  ? 10.522  12.331  -6.894  1.00 11.59 ? 52  THR A C   1 
ATOM   380  O  O   . THR A 1 53  ? 10.071  11.583  -7.755  1.00 11.41 ? 52  THR A O   1 
ATOM   381  C  CB  . THR A 1 53  ? 12.306  11.590  -5.339  1.00 7.84  ? 52  THR A CB  1 
ATOM   382  O  OG1 . THR A 1 53  ? 12.778  10.662  -6.313  1.00 9.93  ? 52  THR A OG1 1 
ATOM   383  C  CG2 . THR A 1 53  ? 12.661  11.089  -3.921  1.00 9.55  ? 52  THR A CG2 1 
ATOM   384  N  N   . GLY A 1 54  ? 10.845  13.606  -7.127  1.00 11.63 ? 53  GLY A N   1 
ATOM   385  C  CA  . GLY A 1 54  ? 10.692  14.215  -8.449  1.00 11.01 ? 53  GLY A CA  1 
ATOM   386  C  C   . GLY A 1 54  ? 10.518  15.715  -8.232  1.00 11.69 ? 53  GLY A C   1 
ATOM   387  O  O   . GLY A 1 54  ? 10.979  16.272  -7.221  1.00 12.63 ? 53  GLY A O   1 
ATOM   388  N  N   . HIS A 1 55  ? 9.789   16.340  -9.144  1.00 12.12 ? 54  HIS A N   1 
ATOM   389  C  CA  . HIS A 1 55  ? 9.415   17.745  -8.987  1.00 14.42 ? 54  HIS A CA  1 
ATOM   390  C  C   . HIS A 1 55  ? 8.643   17.935  -7.660  1.00 15.86 ? 54  HIS A C   1 
ATOM   391  O  O   . HIS A 1 55  ? 8.797   18.956  -6.980  1.00 15.05 ? 54  HIS A O   1 
ATOM   392  C  CB  . HIS A 1 55  ? 8.614   18.189  -10.209 1.00 17.64 ? 54  HIS A CB  1 
ATOM   393  C  CG  . HIS A 1 55  ? 8.042   19.569  -10.095 1.00 26.07 ? 54  HIS A CG  1 
ATOM   394  N  ND1 . HIS A 1 55  ? 8.822   20.684  -9.874  1.00 34.74 ? 54  HIS A ND1 1 
ATOM   395  C  CD2 . HIS A 1 55  ? 6.765   20.014  -10.193 1.00 35.33 ? 54  HIS A CD2 1 
ATOM   396  C  CE1 . HIS A 1 55  ? 8.048   21.756  -9.825  1.00 38.34 ? 54  HIS A CE1 1 
ATOM   397  N  NE2 . HIS A 1 55  ? 6.797   21.377  -10.018 1.00 35.27 ? 54  HIS A NE2 1 
ATOM   398  N  N   . LYS A 1 56  ? 7.823   16.931  -7.321  1.00 12.88 ? 55  LYS A N   1 
ATOM   399  C  CA  . LYS A 1 56  ? 7.128   16.827  -6.040  1.00 11.69 ? 55  LYS A CA  1 
ATOM   400  C  C   . LYS A 1 56  ? 7.684   15.575  -5.329  1.00 11.58 ? 55  LYS A C   1 
ATOM   401  O  O   . LYS A 1 56  ? 8.123   14.620  -5.988  1.00 11.17 ? 55  LYS A O   1 
ATOM   402  C  CB  . LYS A 1 56  ? 5.614   16.704  -6.258  1.00 14.71 ? 55  LYS A CB  1 
ATOM   403  C  CG  . LYS A 1 56  ? 4.960   17.933  -6.954  1.00 15.48 ? 55  LYS A CG  1 
ATOM   404  C  CD  . LYS A 1 56  ? 4.965   19.171  -6.080  1.00 20.73 ? 55  LYS A CD  1 
ATOM   405  C  CE  . LYS A 1 56  ? 4.503   20.438  -6.821  1.00 28.97 ? 55  LYS A CE  1 
ATOM   406  N  NZ  . LYS A 1 56  ? 3.021   20.429  -7.014  1.00 36.68 ? 55  LYS A NZ  1 
ATOM   407  N  N   . ASN A 1 57  ? 7.682   15.606  -3.996  1.00 11.19 ? 56  ASN A N   1 
ATOM   408  C  CA  . ASN A 1 57  ? 8.275   14.547  -3.165  1.00 10.24 ? 56  ASN A CA  1 
ATOM   409  C  C   . ASN A 1 57  ? 7.304   14.114  -2.091  1.00 8.23  ? 56  ASN A C   1 
ATOM   410  O  O   . ASN A 1 57  ? 6.559   14.917  -1.567  1.00 10.65 ? 56  ASN A O   1 
ATOM   411  C  CB  . ASN A 1 57  ? 9.597   15.005  -2.545  1.00 11.36 ? 56  ASN A CB  1 
ATOM   412  C  CG  . ASN A 1 57  ? 10.620  15.436  -3.616  1.00 13.43 ? 56  ASN A CG  1 
ATOM   413  O  OD1 . ASN A 1 57  ? 11.311  14.611  -4.229  1.00 10.97 ? 56  ASN A OD1 1 
ATOM   414  N  ND2 . ASN A 1 57  ? 10.720  16.749  -3.827  1.00 16.47 ? 56  ASN A ND2 1 
ATOM   415  N  N   . GLY A 1 58  ? 7.324   12.824  -1.768  1.00 7.76  ? 57  GLY A N   1 
ATOM   416  C  CA  . GLY A 1 58  ? 6.373   12.315  -0.814  1.00 7.63  ? 57  GLY A CA  1 
ATOM   417  C  C   . GLY A 1 58  ? 6.571   10.859  -0.511  1.00 8.71  ? 57  GLY A C   1 
ATOM   418  O  O   . GLY A 1 58  ? 7.687   10.343  -0.502  1.00 7.38  ? 57  GLY A O   1 
ATOM   419  N  N   . SER A 1 59  ? 5.450   10.187  -0.245  1.00 8.74  ? 58  SER A N   1 
ATOM   420  C  CA  . SER A 1 59  ? 5.449   8.811   0.203   1.00 8.93  ? 58  SER A CA  1 
ATOM   421  C  C   . SER A 1 59  ? 4.291   8.005   -0.329  1.00 9.74  ? 58  SER A C   1 
ATOM   422  O  O   . SER A 1 59  ? 3.222   8.536   -0.682  1.00 9.09  ? 58  SER A O   1 
ATOM   423  C  CB  . SER A 1 59  ? 5.338   8.784   1.731   1.00 12.63 ? 58  SER A CB  1 
ATOM   424  O  OG  . SER A 1 59  ? 6.309   9.599   2.338   1.00 13.45 ? 58  SER A OG  1 
ATOM   425  N  N   . ILE A 1 60  ? 4.517   6.686   -0.365  1.00 9.49  ? 59  ILE A N   1 
ATOM   426  C  CA  . ILE A 1 60  ? 3.442   5.707   -0.598  1.00 9.77  ? 59  ILE A CA  1 
ATOM   427  C  C   . ILE A 1 60  ? 3.582   4.726   0.554   1.00 10.09 ? 59  ILE A C   1 
ATOM   428  O  O   . ILE A 1 60  ? 4.688   4.275   0.870   1.00 10.18 ? 59  ILE A O   1 
ATOM   429  C  CB  . ILE A 1 60  ? 3.604   4.986   -1.937  1.00 10.03 ? 59  ILE A CB  1 
ATOM   430  C  CG1 . ILE A 1 60  ? 3.390   5.930   -3.118  1.00 9.88  ? 59  ILE A CG1 1 
ATOM   431  C  CG2 . ILE A 1 60  ? 2.631   3.753   -1.997  1.00 9.52  ? 59  ILE A CG2 1 
ATOM   432  C  CD1 . ILE A 1 60  ? 3.707   5.324   -4.540  1.00 11.03 ? 59  ILE A CD1 1 
ATOM   433  N  N   . SER A 1 61  ? 2.471   4.326   1.177   1.00 9.84  ? 60  SER A N   1 
ATOM   434  C  CA  . SER A 1 61  ? 2.555   3.289   2.189   1.00 8.76  ? 60  SER A CA  1 
ATOM   435  C  C   . SER A 1 61  ? 1.326   2.368   2.104   1.00 10.02 ? 60  SER A C   1 
ATOM   436  O  O   . SER A 1 61  ? 0.286   2.750   1.585   1.00 9.20  ? 60  SER A O   1 
ATOM   437  C  CB  . SER A 1 61  ? 2.664   3.880   3.591   1.00 9.55  ? 60  SER A CB  1 
ATOM   438  O  OG  . SER A 1 61  ? 1.556   4.682   3.917   1.00 10.49 ? 60  SER A OG  1 
ATOM   439  N  N   . VAL A 1 62  ? 1.488   1.152   2.633   1.00 9.49  ? 61  VAL A N   1 
ATOM   440  C  CA  . VAL A 1 62  ? 0.406   0.173   2.763   1.00 8.81  ? 61  VAL A CA  1 
ATOM   441  C  C   . VAL A 1 62  ? 0.514   -0.400  4.179   1.00 7.69  ? 61  VAL A C   1 
ATOM   442  O  O   . VAL A 1 62  ? 1.600   -0.836  4.582   1.00 8.99  ? 61  VAL A O   1 
ATOM   443  C  CB  . VAL A 1 62  ? 0.519   -0.958  1.725   1.00 9.60  ? 61  VAL A CB  1 
ATOM   444  C  CG1 . VAL A 1 62  ? -0.787  -1.810  1.716   1.00 11.52 ? 61  VAL A CG1 1 
ATOM   445  C  CG2 . VAL A 1 62  ? 0.727   -0.374  0.336   1.00 11.11 ? 61  VAL A CG2 1 
ATOM   446  N  N   . THR A 1 63  ? -0.590  -0.389  4.919   1.00 8.44  ? 62  THR A N   1 
ATOM   447  C  CA  . THR A 1 63  ? -0.653  -0.829  6.310   1.00 6.44  ? 62  THR A CA  1 
ATOM   448  C  C   . THR A 1 63  ? -1.750  -1.878  6.437   1.00 7.77  ? 62  THR A C   1 
ATOM   449  O  O   . THR A 1 63  ? -2.916  -1.621  6.145   1.00 9.05  ? 62  THR A O   1 
ATOM   450  C  CB  . THR A 1 63  ? -0.953  0.362   7.232   1.00 7.56  ? 62  THR A CB  1 
ATOM   451  O  OG1 . THR A 1 63  ? 0.134   1.306   7.122   1.00 8.62  ? 62  THR A OG1 1 
ATOM   452  C  CG2 . THR A 1 63  ? -1.187  -0.077  8.674   1.00 9.17  ? 62  THR A CG2 1 
ATOM   453  N  N   . PHE A 1 64  ? -1.354  -3.047  6.899   1.00 8.21  ? 63  PHE A N   1 
ATOM   454  C  CA  . PHE A 1 64  ? -2.220  -4.199  6.982   1.00 8.88  ? 63  PHE A CA  1 
ATOM   455  C  C   . PHE A 1 64  ? -2.528  -4.585  8.422   1.00 9.38  ? 63  PHE A C   1 
ATOM   456  O  O   . PHE A 1 64  ? -1.649  -4.522  9.291   1.00 10.02 ? 63  PHE A O   1 
ATOM   457  C  CB  . PHE A 1 64  ? -1.499  -5.432  6.386   1.00 9.32  ? 63  PHE A CB  1 
ATOM   458  C  CG  . PHE A 1 64  ? -1.238  -5.396  4.901   1.00 9.19  ? 63  PHE A CG  1 
ATOM   459  C  CD1 . PHE A 1 64  ? -0.076  -4.824  4.386   1.00 12.44 ? 63  PHE A CD1 1 
ATOM   460  C  CD2 . PHE A 1 64  ? -2.138  -5.970  4.024   1.00 9.88  ? 63  PHE A CD2 1 
ATOM   461  C  CE1 . PHE A 1 64  ? 0.140   -4.830  2.976   1.00 14.13 ? 63  PHE A CE1 1 
ATOM   462  C  CE2 . PHE A 1 64  ? -1.914  -5.981  2.623   1.00 14.63 ? 63  PHE A CE2 1 
ATOM   463  C  CZ  . PHE A 1 64  ? -0.806  -5.376  2.126   1.00 13.92 ? 63  PHE A CZ  1 
ATOM   464  N  N   . THR A 1 65  ? -3.744  -5.088  8.657   1.00 10.12 ? 64  THR A N   1 
ATOM   465  C  CA  . THR A 1 65  ? -4.029  -5.824  9.879   1.00 9.26  ? 64  THR A CA  1 
ATOM   466  C  C   . THR A 1 65  ? -3.293  -7.166  9.779   1.00 10.53 ? 64  THR A C   1 
ATOM   467  O  O   . THR A 1 65  ? -3.000  -7.693  8.693   1.00 8.48  ? 64  THR A O   1 
ATOM   468  C  CB  . THR A 1 65  ? -5.526  -6.085  10.143  1.00 10.62 ? 64  THR A CB  1 
ATOM   469  O  OG1 . THR A 1 65  ? -6.047  -6.981  9.169   1.00 12.46 ? 64  THR A OG1 1 
ATOM   470  C  CG2 . THR A 1 65  ? -6.315  -4.767  10.152  1.00 11.72 ? 64  THR A CG2 1 
ATOM   471  N  N   . LYS A 1 66  ? -2.977  -7.719  10.932  1.00 9.50  ? 65  LYS A N   1 
ATOM   472  C  CA  . LYS A 1 66  ? -2.251  -8.971  10.981  1.00 11.05 ? 65  LYS A CA  1 
ATOM   473  C  C   . LYS A 1 66  ? -2.960  -10.105 10.194  1.00 9.96  ? 65  LYS A C   1 
ATOM   474  O  O   . LYS A 1 66  ? -2.330  -10.847 9.399   1.00 10.28 ? 65  LYS A O   1 
ATOM   475  C  CB  . LYS A 1 66  ? -2.028  -9.357  12.456  1.00 12.16 ? 65  LYS A CB  1 
ATOM   476  C  CG  . LYS A 1 66  ? -1.236  -10.613 12.618  1.00 20.22 ? 65  LYS A CG  1 
ATOM   477  C  CD  . LYS A 1 66  ? -1.144  -11.015 14.101  1.00 26.60 ? 65  LYS A CD  1 
ATOM   478  C  CE  . LYS A 1 66  ? -0.528  -9.916  14.961  1.00 30.16 ? 65  LYS A CE  1 
ATOM   479  N  NZ  . LYS A 1 66  ? -0.310  -10.382 16.373  1.00 33.64 ? 65  LYS A NZ  1 
ATOM   480  N  N   . SER A 1 67  ? -4.267  -10.256 10.380  1.00 8.94  ? 66  SER A N   1 
ATOM   481  C  CA  . SER A 1 67  ? -4.975  -11.330 9.713   1.00 9.91  ? 66  SER A CA  1 
ATOM   482  C  C   . SER A 1 67  ? -4.951  -11.125 8.206   1.00 9.47  ? 66  SER A C   1 
ATOM   483  O  O   . SER A 1 67  ? -4.839  -12.076 7.446   1.00 9.82  ? 66  SER A O   1 
ATOM   484  C  CB  . SER A 1 67  ? -6.417  -11.462 10.204  1.00 13.67 ? 66  SER A CB  1 
ATOM   485  O  OG  . SER A 1 67  ? -7.146  -10.283 9.994   1.00 16.75 ? 66  SER A OG  1 
ATOM   486  N  N   . CYS A 1 68  ? -5.001  -9.862  7.784   1.00 9.07  ? 67  CYS A N   1 
ATOM   487  C  CA  . CYS A 1 68  ? -4.990  -9.548  6.361   1.00 9.88  ? 67  CYS A CA  1 
ATOM   488  C  C   . CYS A 1 68  ? -3.629  -9.922  5.747   1.00 11.02 ? 67  CYS A C   1 
ATOM   489  O  O   . CYS A 1 68  ? -3.563  -10.548 4.681   1.00 9.79  ? 67  CYS A O   1 
ATOM   490  C  CB  . CYS A 1 68  ? -5.307  -8.062  6.159   1.00 9.19  ? 67  CYS A CB  1 
ATOM   491  S  SG  . CYS A 1 68  ? -5.558  -7.623  4.422   1.00 11.89 ? 67  CYS A SG  1 
ATOM   492  N  N   . ALA A 1 69  ? -2.544  -9.584  6.464   1.00 10.30 ? 68  ALA A N   1 
ATOM   493  C  CA  . ALA A 1 69  ? -1.180  -9.850  5.992   1.00 11.43 ? 68  ALA A CA  1 
ATOM   494  C  C   . ALA A 1 69  ? -0.905  -11.348 5.945   1.00 10.60 ? 68  ALA A C   1 
ATOM   495  O  O   . ALA A 1 69  ? -0.292  -11.839 5.003   1.00 10.16 ? 68  ALA A O   1 
ATOM   496  C  CB  . ALA A 1 69  ? -0.178  -9.166  6.893   1.00 11.85 ? 68  ALA A CB  1 
ATOM   497  N  N   . ILE A 1 70  ? -1.353  -12.085 6.959   1.00 9.58  ? 69  ILE A N   1 
ATOM   498  C  CA  . ILE A 1 70  ? -1.143  -13.542 6.980   1.00 11.63 ? 69  ILE A CA  1 
ATOM   499  C  C   . ILE A 1 70  ? -1.797  -14.188 5.757   1.00 10.96 ? 69  ILE A C   1 
ATOM   500  O  O   . ILE A 1 70  ? -1.193  -15.025 5.074   1.00 10.16 ? 69  ILE A O   1 
ATOM   501  C  CB  . ILE A 1 70  ? -1.659  -14.179 8.283   1.00 12.49 ? 69  ILE A CB  1 
ATOM   502  C  CG1 . ILE A 1 70  ? -0.768  -13.769 9.451   1.00 17.23 ? 69  ILE A CG1 1 
ATOM   503  C  CG2 . ILE A 1 70  ? -1.693  -15.711 8.175   1.00 14.38 ? 69  ILE A CG2 1 
ATOM   504  C  CD1 . ILE A 1 70  ? -1.395  -14.081 10.843  1.00 21.48 ? 69  ILE A CD1 1 
ATOM   505  N  N   . ALA A 1 71  ? -3.027  -13.783 5.436   1.00 10.72 ? 70  ALA A N   1 
ATOM   506  C  CA  . ALA A 1 71  ? -3.716  -14.324 4.291   1.00 10.93 ? 70  ALA A CA  1 
ATOM   507  C  C   . ALA A 1 71  ? -3.077  -13.932 2.988   1.00 10.01 ? 70  ALA A C   1 
ATOM   508  O  O   . ALA A 1 71  ? -3.036  -14.739 2.027   1.00 11.08 ? 70  ALA A O   1 
ATOM   509  C  CB  . ALA A 1 71  ? -5.204  -13.868 4.313   1.00 12.32 ? 70  ALA A CB  1 
ATOM   510  N  N   . LEU A 1 72  ? -2.571  -12.709 2.934   1.00 9.65  ? 71  LEU A N   1 
ATOM   511  C  CA  . LEU A 1 72  ? -1.817  -12.244 1.776   1.00 11.87 ? 71  LEU A CA  1 
ATOM   512  C  C   . LEU A 1 72  ? -0.607  -13.130 1.514   1.00 12.13 ? 71  LEU A C   1 
ATOM   513  O  O   . LEU A 1 72  ? -0.382  -13.576 0.400   1.00 11.77 ? 71  LEU A O   1 
ATOM   514  C  CB  . LEU A 1 72  ? -1.337  -10.819 2.006   1.00 12.49 ? 71  LEU A CB  1 
ATOM   515  C  CG  . LEU A 1 72  ? -0.403  -10.248 0.952   1.00 15.08 ? 71  LEU A CG  1 
ATOM   516  C  CD1 . LEU A 1 72  ? -1.266  -9.875  -0.259  1.00 15.22 ? 71  LEU A CD1 1 
ATOM   517  C  CD2 . LEU A 1 72  ? 0.314   -9.035  1.472   1.00 13.61 ? 71  LEU A CD2 1 
ATOM   518  N  N   . VAL A 1 73  ? 0.170   -13.386 2.557   1.00 11.25 ? 72  VAL A N   1 
ATOM   519  C  CA  . VAL A 1 73  ? 1.383   -14.178 2.401   1.00 12.60 ? 72  VAL A CA  1 
ATOM   520  C  C   . VAL A 1 73  ? 1.059   -15.608 1.992   1.00 13.74 ? 72  VAL A C   1 
ATOM   521  O  O   . VAL A 1 73  ? 1.703   -16.186 1.090   1.00 15.73 ? 72  VAL A O   1 
ATOM   522  C  CB  . VAL A 1 73  ? 2.279   -14.111 3.695   1.00 17.32 ? 72  VAL A CB  1 
ATOM   523  C  CG1 . VAL A 1 73  ? 3.459   -15.076 3.554   1.00 24.57 ? 72  VAL A CG1 1 
ATOM   524  C  CG2 . VAL A 1 73  ? 2.726   -12.692 3.927   1.00 21.52 ? 72  VAL A CG2 1 
ATOM   525  N  N   . LYS A 1 74  ? 0.022   -16.190 2.586   1.00 13.10 ? 73  LYS A N   1 
ATOM   526  C  CA  . LYS A 1 74  ? -0.417  -17.514 2.166   1.00 16.91 ? 73  LYS A CA  1 
ATOM   527  C  C   . LYS A 1 74  ? -0.830  -17.509 0.693   1.00 14.81 ? 73  LYS A C   1 
ATOM   528  O  O   . LYS A 1 74  ? -0.515  -18.433 -0.049  1.00 15.58 ? 73  LYS A O   1 
ATOM   529  C  CB  . LYS A 1 74  ? -1.586  -17.995 3.019   1.00 18.12 ? 73  LYS A CB  1 
ATOM   530  C  CG  . LYS A 1 74  ? -1.211  -18.365 4.428   1.00 27.33 ? 73  LYS A CG  1 
ATOM   531  C  CD  . LYS A 1 74  ? -2.465  -18.769 5.230   1.00 34.43 ? 73  LYS A CD  1 
ATOM   532  C  CE  . LYS A 1 74  ? -2.143  -19.025 6.706   1.00 42.88 ? 73  LYS A CE  1 
ATOM   533  N  NZ  . LYS A 1 74  ? -3.391  -19.052 7.558   1.00 45.86 ? 73  LYS A NZ  1 
ATOM   534  N  N   . GLY A 1 75  ? -1.566  -16.486 0.257   1.00 11.53 ? 74  GLY A N   1 
ATOM   535  C  CA  . GLY A 1 75  ? -1.964  -16.429 -1.154  1.00 11.01 ? 74  GLY A CA  1 
ATOM   536  C  C   . GLY A 1 75  ? -0.781  -16.319 -2.109  1.00 14.92 ? 74  GLY A C   1 
ATOM   537  O  O   . GLY A 1 75  ? -0.797  -16.891 -3.207  1.00 17.30 ? 74  GLY A O   1 
HETATM 538  N  N   . MSE A 1 76  ? 0.244   -15.590 -1.689  1.00 15.05 ? 75  MSE A N   1 
HETATM 539  C  CA  . MSE A 1 76  ? 1.438   -15.361 -2.525  1.00 15.56 ? 75  MSE A CA  1 
HETATM 540  C  C   . MSE A 1 76  ? 2.385   -16.545 -2.588  1.00 19.39 ? 75  MSE A C   1 
HETATM 541  O  O   . MSE A 1 76  ? 2.946   -16.855 -3.652  1.00 16.15 ? 75  MSE A O   1 
HETATM 542  C  CB  . MSE A 1 76  ? 2.209   -14.161 -2.028  1.00 17.07 ? 75  MSE A CB  1 
HETATM 543  C  CG  . MSE A 1 76  ? 1.490   -12.894 -2.276  1.00 16.69 ? 75  MSE A CG  1 
HETATM 544  SE SE  . MSE A 1 76  ? 2.355   -11.301 -1.572  0.75 12.86 ? 75  MSE A SE  1 
HETATM 545  C  CE  . MSE A 1 76  ? 3.843   -11.215 -2.757  1.00 20.80 ? 75  MSE A CE  1 
ATOM   546  N  N   . LEU A 1 77  ? 2.571   -17.221 -1.462  1.00 17.30 ? 76  LEU A N   1 
ATOM   547  C  CA  . LEU A 1 77  ? 3.611   -18.224 -1.372  1.00 18.95 ? 76  LEU A CA  1 
ATOM   548  C  C   . LEU A 1 77  ? 3.090   -19.631 -1.282  1.00 22.14 ? 76  LEU A C   1 
ATOM   549  O  O   . LEU A 1 77  ? 3.838   -20.566 -1.547  1.00 25.20 ? 76  LEU A O   1 
ATOM   550  C  CB  . LEU A 1 77  ? 4.492   -17.929 -0.146  1.00 17.01 ? 76  LEU A CB  1 
ATOM   551  C  CG  . LEU A 1 77  ? 5.105   -16.537 -0.128  1.00 22.40 ? 76  LEU A CG  1 
ATOM   552  C  CD1 . LEU A 1 77  ? 6.023   -16.386 1.090   1.00 25.30 ? 76  LEU A CD1 1 
ATOM   553  C  CD2 . LEU A 1 77  ? 5.856   -16.216 -1.432  1.00 26.13 ? 76  LEU A CD2 1 
ATOM   554  N  N   . GLY A 1 78  ? 1.822   -19.798 -0.931  1.00 24.43 ? 77  GLY A N   1 
ATOM   555  C  CA  . GLY A 1 78  ? 1.229   -21.114 -0.737  1.00 30.96 ? 77  GLY A CA  1 
ATOM   556  C  C   . GLY A 1 78  ? 1.305   -21.481 0.737   1.00 34.98 ? 77  GLY A C   1 
ATOM   557  O  O   . GLY A 1 78  ? 1.749   -20.688 1.560   1.00 33.61 ? 77  GLY A O   1 
ATOM   558  N  N   . ASP A 1 79  ? 0.858   -22.684 1.072   1.00 43.08 ? 78  ASP A N   1 
ATOM   559  C  CA  . ASP A 1 79  ? 0.895   -23.142 2.463   1.00 48.43 ? 78  ASP A CA  1 
ATOM   560  C  C   . ASP A 1 79  ? 2.203   -23.859 2.806   1.00 49.51 ? 78  ASP A C   1 
ATOM   561  O  O   . ASP A 1 79  ? 2.382   -24.319 3.939   1.00 50.64 ? 78  ASP A O   1 
ATOM   562  C  CB  . ASP A 1 79  ? -0.337  -23.988 2.788   1.00 50.41 ? 78  ASP A CB  1 
ATOM   563  C  CG  . ASP A 1 79  ? -1.598  -23.143 2.860   1.00 57.57 ? 78  ASP A CG  1 
ATOM   564  O  OD1 . ASP A 1 79  ? -1.791  -22.285 1.965   1.00 63.57 ? 78  ASP A OD1 1 
ATOM   565  O  OD2 . ASP A 1 79  ? -2.385  -23.328 3.816   1.00 69.01 ? 78  ASP A OD2 1 
ATOM   566  N  N   . ASP A 1 80  ? 3.104   -23.944 1.823   1.00 50.70 ? 79  ASP A N   1 
ATOM   567  C  CA  . ASP A 1 80  ? 4.471   -24.401 2.051   1.00 52.19 ? 79  ASP A CA  1 
ATOM   568  C  C   . ASP A 1 80  ? 5.324   -23.166 2.388   1.00 52.49 ? 79  ASP A C   1 
ATOM   569  O  O   . ASP A 1 80  ? 6.105   -22.669 1.551   1.00 54.90 ? 79  ASP A O   1 
ATOM   570  C  CB  . ASP A 1 80  ? 5.027   -25.129 0.818   1.00 52.84 ? 79  ASP A CB  1 
ATOM   571  N  N   . ILE A 1 81  ? 5.127   -22.647 3.602   1.00 49.59 ? 80  ILE A N   1 
ATOM   572  C  CA  . ILE A 1 81  ? 5.911   -21.515 4.117   1.00 46.71 ? 80  ILE A CA  1 
ATOM   573  C  C   . ILE A 1 81  ? 6.367   -21.829 5.550   1.00 42.82 ? 80  ILE A C   1 
ATOM   574  O  O   . ILE A 1 81  ? 5.553   -22.065 6.444   1.00 43.98 ? 80  ILE A O   1 
ATOM   575  C  CB  . ILE A 1 81  ? 5.157   -20.157 4.040   1.00 45.96 ? 80  ILE A CB  1 
ATOM   576  C  CG1 . ILE A 1 81  ? 3.828   -20.195 4.804   1.00 49.34 ? 80  ILE A CG1 1 
ATOM   577  C  CG2 . ILE A 1 81  ? 4.916   -19.778 2.594   1.00 47.27 ? 80  ILE A CG2 1 
ATOM   578  C  CD1 . ILE A 1 81  ? 2.869   -19.064 4.423   1.00 46.95 ? 80  ILE A CD1 1 
ATOM   579  N  N   . GLN A 1 82  ? 7.675   -21.846 5.746   1.00 37.53 ? 81  GLN A N   1 
ATOM   580  C  CA  . GLN A 1 82  ? 8.258   -22.163 7.052   1.00 35.16 ? 81  GLN A CA  1 
ATOM   581  C  C   . GLN A 1 82  ? 8.722   -20.907 7.798   1.00 31.02 ? 81  GLN A C   1 
ATOM   582  O  O   . GLN A 1 82  ? 8.530   -20.802 9.014   1.00 31.35 ? 81  GLN A O   1 
ATOM   583  C  CB  . GLN A 1 82  ? 9.388   -23.186 6.892   1.00 36.18 ? 81  GLN A CB  1 
ATOM   584  C  CG  . GLN A 1 82  ? 8.899   -24.635 6.764   1.00 38.51 ? 81  GLN A CG  1 
ATOM   585  N  N   . ASP A 1 83  ? 9.307   -19.949 7.077   1.00 26.68 ? 82  ASP A N   1 
ATOM   586  C  CA  . ASP A 1 83  ? 9.780   -18.698 7.712   1.00 23.84 ? 82  ASP A CA  1 
ATOM   587  C  C   . ASP A 1 83  ? 8.761   -17.583 7.566   1.00 21.64 ? 82  ASP A C   1 
ATOM   588  O  O   . ASP A 1 83  ? 8.945   -16.622 6.777   1.00 20.58 ? 82  ASP A O   1 
ATOM   589  C  CB  . ASP A 1 83  ? 11.134  -18.269 7.171   1.00 23.08 ? 82  ASP A CB  1 
ATOM   590  C  CG  . ASP A 1 83  ? 11.763  -17.138 8.001   1.00 23.23 ? 82  ASP A CG  1 
ATOM   591  O  OD1 . ASP A 1 83  ? 11.039  -16.469 8.799   1.00 23.41 ? 82  ASP A OD1 1 
ATOM   592  O  OD2 . ASP A 1 83  ? 12.977  -16.902 7.842   1.00 22.45 ? 82  ASP A OD2 1 
ATOM   593  N  N   . ILE A 1 84  ? 7.690   -17.691 8.346   1.00 19.48 ? 83  ILE A N   1 
ATOM   594  C  CA  . ILE A 1 84  ? 6.600   -16.733 8.223   1.00 20.57 ? 83  ILE A CA  1 
ATOM   595  C  C   . ILE A 1 84  ? 7.067   -15.272 8.439   1.00 19.87 ? 83  ILE A C   1 
ATOM   596  O  O   . ILE A 1 84  ? 6.567   -14.352 7.779   1.00 19.94 ? 83  ILE A O   1 
ATOM   597  C  CB  . ILE A 1 84  ? 5.416   -17.087 9.172   1.00 24.46 ? 83  ILE A CB  1 
ATOM   598  C  CG1 . ILE A 1 84  ? 4.147   -16.287 8.836   1.00 28.49 ? 83  ILE A CG1 1 
ATOM   599  C  CG2 . ILE A 1 84  ? 5.811   -16.886 10.644  1.00 28.93 ? 83  ILE A CG2 1 
ATOM   600  C  CD1 . ILE A 1 84  ? 3.459   -16.683 7.528   1.00 30.30 ? 83  ILE A CD1 1 
ATOM   601  N  N   . LEU A 1 85  ? 8.027   -15.050 9.339   1.00 17.80 ? 84  LEU A N   1 
ATOM   602  C  CA  . LEU A 1 85  ? 8.493   -13.677 9.614   1.00 17.35 ? 84  LEU A CA  1 
ATOM   603  C  C   . LEU A 1 85  ? 9.177   -13.029 8.403   1.00 17.70 ? 84  LEU A C   1 
ATOM   604  O  O   . LEU A 1 85  ? 8.781   -11.957 7.963   1.00 16.77 ? 84  LEU A O   1 
ATOM   605  C  CB  . LEU A 1 85  ? 9.449   -13.641 10.826  1.00 17.60 ? 84  LEU A CB  1 
ATOM   606  C  CG  . LEU A 1 85  ? 9.964   -12.240 11.202  1.00 19.28 ? 84  LEU A CG  1 
ATOM   607  C  CD1 . LEU A 1 85  ? 8.799   -11.296 11.407  1.00 22.23 ? 84  LEU A CD1 1 
ATOM   608  C  CD2 . LEU A 1 85  ? 10.846  -12.297 12.455  1.00 22.04 ? 84  LEU A CD2 1 
ATOM   609  N  N   . GLN A 1 86  ? 10.206  -13.661 7.863   1.00 14.53 ? 85  GLN A N   1 
ATOM   610  C  CA  . GLN A 1 86  ? 10.908  -13.077 6.736   1.00 15.86 ? 85  GLN A CA  1 
ATOM   611  C  C   . GLN A 1 86  ? 10.013  -13.080 5.504   1.00 14.85 ? 85  GLN A C   1 
ATOM   612  O  O   . GLN A 1 86  ? 10.047  -12.132 4.687   1.00 16.32 ? 85  GLN A O   1 
ATOM   613  C  CB  . GLN A 1 86  ? 12.224  -13.796 6.428   1.00 16.74 ? 85  GLN A CB  1 
ATOM   614  C  CG  . GLN A 1 86  ? 13.137  -13.052 5.407   1.00 19.89 ? 85  GLN A CG  1 
ATOM   615  C  CD  . GLN A 1 86  ? 13.650  -11.686 5.926   1.00 25.20 ? 85  GLN A CD  1 
ATOM   616  O  OE1 . GLN A 1 86  ? 14.191  -11.608 7.022   1.00 21.88 ? 85  GLN A OE1 1 
ATOM   617  N  NE2 . GLN A 1 86  ? 13.482  -10.612 5.127   1.00 23.55 ? 85  GLN A NE2 1 
ATOM   618  N  N   . ASP A 1 87  ? 9.201   -14.120 5.369   1.00 17.21 ? 86  ASP A N   1 
ATOM   619  C  CA  . ASP A 1 87  ? 8.253   -14.171 4.253   1.00 15.80 ? 86  ASP A CA  1 
ATOM   620  C  C   . ASP A 1 87  ? 7.222   -13.079 4.269   1.00 16.50 ? 86  ASP A C   1 
ATOM   621  O  O   . ASP A 1 87  ? 6.831   -12.590 3.185   1.00 19.30 ? 86  ASP A O   1 
ATOM   622  C  CB  . ASP A 1 87  ? 7.502   -15.497 4.220   1.00 19.01 ? 86  ASP A CB  1 
ATOM   623  C  CG  . ASP A 1 87  ? 8.388   -16.671 3.818   1.00 19.09 ? 86  ASP A CG  1 
ATOM   624  O  OD1 . ASP A 1 87  ? 9.548   -16.479 3.382   1.00 23.26 ? 86  ASP A OD1 1 
ATOM   625  O  OD2 . ASP A 1 87  ? 7.861   -17.804 3.951   1.00 26.23 ? 86  ASP A OD2 1 
ATOM   626  N  N   . THR A 1 88  ? 6.700   -12.745 5.449   1.00 13.86 ? 87  THR A N   1 
ATOM   627  C  CA  . THR A 1 88  ? 5.720   -11.681 5.566   1.00 14.39 ? 87  THR A CA  1 
ATOM   628  C  C   . THR A 1 88  ? 6.417   -10.369 5.165   1.00 14.47 ? 87  THR A C   1 
ATOM   629  O  O   . THR A 1 88  ? 5.836   -9.579  4.439   1.00 14.63 ? 87  THR A O   1 
ATOM   630  C  CB  . THR A 1 88  ? 5.111   -11.616 6.979   1.00 15.60 ? 87  THR A CB  1 
ATOM   631  O  OG1 . THR A 1 88  ? 4.450   -12.864 7.261   1.00 21.04 ? 87  THR A OG1 1 
ATOM   632  C  CG2 . THR A 1 88  ? 4.106   -10.486 7.100   1.00 17.58 ? 87  THR A CG2 1 
ATOM   633  N  N   . LYS A 1 89  ? 7.652   -10.160 5.617   1.00 13.09 ? 88  LYS A N   1 
ATOM   634  C  CA  . LYS A 1 89  ? 8.408   -8.954  5.265   1.00 10.27 ? 88  LYS A CA  1 
ATOM   635  C  C   . LYS A 1 89  ? 8.605   -8.844  3.757   1.00 11.35 ? 88  LYS A C   1 
ATOM   636  O  O   . LYS A 1 89  ? 8.339   -7.793  3.151   1.00 12.19 ? 88  LYS A O   1 
ATOM   637  C  CB  . LYS A 1 89  ? 9.779   -8.915  5.964   1.00 10.17 ? 88  LYS A CB  1 
ATOM   638  C  CG  . LYS A 1 89  ? 9.727   -8.721  7.472   1.00 14.71 ? 88  LYS A CG  1 
ATOM   639  C  CD  . LYS A 1 89  ? 11.137  -8.704  8.024   1.00 13.92 ? 88  LYS A CD  1 
ATOM   640  C  CE  . LYS A 1 89  ? 11.166  -8.781  9.524   1.00 16.45 ? 88  LYS A CE  1 
ATOM   641  N  NZ  . LYS A 1 89  ? 12.537  -8.451  10.022  1.00 12.47 ? 88  LYS A NZ  1 
ATOM   642  N  N   . ASP A 1 90  ? 9.132   -9.907  3.170   1.00 12.36 ? 89  ASP A N   1 
ATOM   643  C  CA  . ASP A 1 90  ? 9.462   -9.893  1.738   1.00 14.58 ? 89  ASP A CA  1 
ATOM   644  C  C   . ASP A 1 90  ? 8.213   -9.750  0.910   1.00 16.48 ? 89  ASP A C   1 
ATOM   645  O  O   . ASP A 1 90  ? 8.212   -8.952  -0.038  1.00 16.39 ? 89  ASP A O   1 
ATOM   646  C  CB  . ASP A 1 90  ? 10.251  -11.139 1.329   1.00 17.78 ? 89  ASP A CB  1 
ATOM   647  C  CG  . ASP A 1 90  ? 11.622  -11.204 1.960   1.00 22.47 ? 89  ASP A CG  1 
ATOM   648  O  OD1 . ASP A 1 90  ? 12.150  -10.179 2.471   1.00 22.09 ? 89  ASP A OD1 1 
ATOM   649  O  OD2 . ASP A 1 90  ? 12.200  -12.300 1.905   1.00 28.14 ? 89  ASP A OD2 1 
ATOM   650  N  N   . ALA A 1 91  ? 7.144   -10.436 1.290   1.00 14.78 ? 90  ALA A N   1 
ATOM   651  C  CA  . ALA A 1 91  ? 5.854   -10.349 0.601   1.00 17.74 ? 90  ALA A CA  1 
ATOM   652  C  C   . ALA A 1 91  ? 5.221   -8.952  0.666   1.00 16.51 ? 90  ALA A C   1 
ATOM   653  O  O   . ALA A 1 91  ? 4.827   -8.432  -0.391  1.00 13.80 ? 90  ALA A O   1 
ATOM   654  C  CB  . ALA A 1 91  ? 4.875   -11.360 1.167   1.00 20.92 ? 90  ALA A CB  1 
ATOM   655  N  N   . VAL A 1 92  ? 5.088   -8.377  1.875   1.00 12.66 ? 91  VAL A N   1 
ATOM   656  C  CA  . VAL A 1 92  ? 4.551   -7.034  2.054   1.00 11.96 ? 91  VAL A CA  1 
ATOM   657  C  C   . VAL A 1 92  ? 5.434   -6.046  1.300   1.00 11.78 ? 91  VAL A C   1 
ATOM   658  O  O   . VAL A 1 92  ? 4.919   -5.157  0.654   1.00 11.67 ? 91  VAL A O   1 
ATOM   659  C  CB  . VAL A 1 92  ? 4.343   -6.636  3.544   1.00 13.39 ? 91  VAL A CB  1 
ATOM   660  C  CG1 . VAL A 1 92  ? 3.942   -5.216  3.696   1.00 14.28 ? 91  VAL A CG1 1 
ATOM   661  C  CG2 . VAL A 1 92  ? 3.234   -7.545  4.143   1.00 16.87 ? 91  VAL A CG2 1 
ATOM   662  N  N   . GLY A 1 93  ? 6.752   -6.190  1.403   1.00 11.90 ? 92  GLY A N   1 
ATOM   663  C  CA  . GLY A 1 93  ? 7.653   -5.307  0.650   1.00 9.71  ? 92  GLY A CA  1 
ATOM   664  C  C   . GLY A 1 93  ? 7.428   -5.395  -0.865  1.00 11.20 ? 92  GLY A C   1 
ATOM   665  O  O   . GLY A 1 93  ? 7.343   -4.368  -1.545  1.00 10.75 ? 92  GLY A O   1 
ATOM   666  N  N   . GLU A 1 94  ? 7.334   -6.628  -1.376  1.00 10.62 ? 93  GLU A N   1 
ATOM   667  C  CA  . GLU A 1 94  ? 7.142   -6.842  -2.798  1.00 10.93 ? 93  GLU A CA  1 
ATOM   668  C  C   . GLU A 1 94  ? 5.819   -6.286  -3.275  1.00 11.03 ? 93  GLU A C   1 
ATOM   669  O  O   . GLU A 1 94  ? 5.759   -5.674  -4.363  1.00 11.51 ? 93  GLU A O   1 
ATOM   670  C  CB  . GLU A 1 94  ? 7.232   -8.322  -3.163  1.00 14.46 ? 93  GLU A CB  1 
ATOM   671  C  CG  . GLU A 1 94  ? 8.643   -8.835  -3.113  1.00 22.89 ? 93  GLU A CG  1 
ATOM   672  C  CD  . GLU A 1 94  ? 8.716   -10.347 -3.127  1.00 31.04 ? 93  GLU A CD  1 
ATOM   673  O  OE1 . GLU A 1 94  ? 7.699   -10.985 -3.526  1.00 27.54 ? 93  GLU A OE1 1 
ATOM   674  O  OE2 . GLU A 1 94  ? 9.783   -10.875 -2.727  1.00 38.79 ? 93  GLU A OE2 1 
ATOM   675  N  N   . VAL A 1 95  ? 4.740   -6.570  -2.545  1.00 10.33 ? 94  VAL A N   1 
ATOM   676  C  CA  . VAL A 1 95  ? 3.441   -6.037  -2.911  1.00 11.35 ? 94  VAL A CA  1 
ATOM   677  C  C   . VAL A 1 95  ? 3.455   -4.507  -2.958  1.00 13.12 ? 94  VAL A C   1 
ATOM   678  O  O   . VAL A 1 95  ? 2.954   -3.868  -3.904  1.00 11.00 ? 94  VAL A O   1 
ATOM   679  C  CB  . VAL A 1 95  ? 2.334   -6.538  -1.937  1.00 15.67 ? 94  VAL A CB  1 
ATOM   680  C  CG1 . VAL A 1 95  ? 1.112   -5.624  -1.944  1.00 20.35 ? 94  VAL A CG1 1 
ATOM   681  C  CG2 . VAL A 1 95  ? 1.956   -7.913  -2.308  1.00 15.92 ? 94  VAL A CG2 1 
ATOM   682  N  N   . THR A 1 96  ? 4.063   -3.903  -1.955  1.00 10.30 ? 95  THR A N   1 
ATOM   683  C  CA  . THR A 1 96  ? 4.157   -2.448  -1.889  1.00 9.51  ? 95  THR A CA  1 
ATOM   684  C  C   . THR A 1 96  ? 4.999   -1.891  -3.013  1.00 9.98  ? 95  THR A C   1 
ATOM   685  O  O   . THR A 1 96  ? 4.642   -0.880  -3.617  1.00 10.86 ? 95  THR A O   1 
ATOM   686  C  CB  . THR A 1 96  ? 4.626   -1.982  -0.507  1.00 11.61 ? 95  THR A CB  1 
ATOM   687  O  OG1 . THR A 1 96  ? 3.707   -2.522  0.459   1.00 12.02 ? 95  THR A OG1 1 
ATOM   688  C  CG2 . THR A 1 96  ? 4.610   -0.464  -0.411  1.00 9.31  ? 95  THR A CG2 1 
ATOM   689  N  N   . ASN A 1 97  ? 6.125   -2.525  -3.294  1.00 7.16  ? 96  ASN A N   1 
ATOM   690  C  CA  . ASN A 1 97  ? 6.956   -2.130  -4.422  1.00 8.61  ? 96  ASN A CA  1 
ATOM   691  C  C   . ASN A 1 97  ? 6.182   -2.158  -5.757  1.00 8.09  ? 96  ASN A C   1 
ATOM   692  O  O   . ASN A 1 97  ? 6.345   -1.225  -6.581  1.00 9.23  ? 96  ASN A O   1 
ATOM   693  C  CB  . ASN A 1 97  ? 8.166   -3.020  -4.511  1.00 9.52  ? 96  ASN A CB  1 
ATOM   694  C  CG  . ASN A 1 97  ? 9.167   -2.474  -5.437  1.00 19.42 ? 96  ASN A CG  1 
ATOM   695  O  OD1 . ASN A 1 97  ? 9.403   -3.030  -6.514  1.00 28.87 ? 96  ASN A OD1 1 
ATOM   696  N  ND2 . ASN A 1 97  ? 9.733   -1.358  -5.065  1.00 18.48 ? 96  ASN A ND2 1 
HETATM 697  N  N   . MSE A 1 98  ? 5.365   -3.181  -6.001  1.00 8.87  ? 97  MSE A N   1 
HETATM 698  C  CA  A MSE A 1 98  ? 4.597   -3.244  -7.258  0.67 7.87  ? 97  MSE A CA  1 
HETATM 699  C  CA  B MSE A 1 98  ? 4.630   -3.206  -7.291  0.33 8.95  ? 97  MSE A CA  1 
HETATM 700  C  C   . MSE A 1 98  ? 3.426   -2.275  -7.304  1.00 8.62  ? 97  MSE A C   1 
HETATM 701  O  O   . MSE A 1 98  ? 3.084   -1.775  -8.343  1.00 9.83  ? 97  MSE A O   1 
HETATM 702  C  CB  A MSE A 1 98  ? 4.165   -4.673  -7.539  0.67 10.86 ? 97  MSE A CB  1 
HETATM 703  C  CB  B MSE A 1 98  ? 4.233   -4.600  -7.786  0.33 10.51 ? 97  MSE A CB  1 
HETATM 704  C  CG  A MSE A 1 98  ? 5.369   -5.574  -7.755  0.67 10.93 ? 97  MSE A CG  1 
HETATM 705  C  CG  B MSE A 1 98  ? 3.693   -4.548  -9.249  0.33 10.17 ? 97  MSE A CG  1 
HETATM 706  SE SE  A MSE A 1 98  ? 6.634   -4.939  -9.113  0.50 18.39 ? 97  MSE A SE  1 
HETATM 707  SE SE  B MSE A 1 98  ? 4.945   -3.661  -10.518 0.25 20.01 ? 97  MSE A SE  1 
HETATM 708  C  CE  A MSE A 1 98  ? 5.371   -4.469  -10.439 0.67 3.83  ? 97  MSE A CE  1 
HETATM 709  C  CE  B MSE A 1 98  ? 6.167   -5.119  -10.342 0.33 5.44  ? 97  MSE A CE  1 
ATOM   710  N  N   . ILE A 1 99  ? 2.815   -2.028  -6.157  1.00 8.78  ? 98  ILE A N   1 
ATOM   711  C  CA  . ILE A 1 99  ? 1.759   -1.002  -6.081  1.00 8.58  ? 98  ILE A CA  1 
ATOM   712  C  C   . ILE A 1 99  ? 2.392   0.338   -6.402  1.00 8.65  ? 98  ILE A C   1 
ATOM   713  O  O   . ILE A 1 99  ? 1.843   1.122   -7.218  1.00 9.19  ? 98  ILE A O   1 
ATOM   714  C  CB  . ILE A 1 99  ? 1.065   -0.979  -4.726  1.00 10.12 ? 98  ILE A CB  1 
ATOM   715  C  CG1 . ILE A 1 99  ? 0.192   -2.227  -4.619  1.00 12.70 ? 98  ILE A CG1 1 
ATOM   716  C  CG2 . ILE A 1 99  ? 0.219   0.326   -4.557  1.00 10.49 ? 98  ILE A CG2 1 
ATOM   717  C  CD1 . ILE A 1 99  ? -0.471  -2.411  -3.273  1.00 13.74 ? 98  ILE A CD1 1 
ATOM   718  N  N   . SER A 1 100 ? 3.568   0.615   -5.828  1.00 8.76  ? 99  SER A N   1 
ATOM   719  C  CA  . SER A 1 100 ? 4.289   1.837   -6.140  1.00 7.02  ? 99  SER A CA  1 
ATOM   720  C  C   . SER A 1 100 ? 4.610   1.924   -7.648  1.00 9.35  ? 99  SER A C   1 
ATOM   721  O  O   . SER A 1 100 ? 4.398   2.952   -8.296  1.00 8.37  ? 99  SER A O   1 
ATOM   722  C  CB  . SER A 1 100 ? 5.597   1.940   -5.332  1.00 7.81  ? 99  SER A CB  1 
ATOM   723  O  OG  . SER A 1 100 ? 6.459   2.985   -5.845  1.00 8.76  ? 99  SER A OG  1 
ATOM   724  N  N   . GLY A 1 101 ? 5.111   0.828   -8.203  1.00 7.94  ? 100 GLY A N   1 
ATOM   725  C  CA  . GLY A 1 101 ? 5.480   0.822   -9.614  1.00 7.98  ? 100 GLY A CA  1 
ATOM   726  C  C   . GLY A 1 101 ? 4.329   1.107   -10.547 1.00 8.35  ? 100 GLY A C   1 
ATOM   727  O  O   . GLY A 1 101 ? 4.430   1.967   -11.438 1.00 8.38  ? 100 GLY A O   1 
ATOM   728  N  N   . GLN A 1 102 ? 3.235   0.391   -10.359 1.00 7.32  ? 101 GLN A N   1 
ATOM   729  C  CA  . GLN A 1 102 ? 2.065   0.563   -11.217 1.00 7.89  ? 101 GLN A CA  1 
ATOM   730  C  C   . GLN A 1 102 ? 1.344   1.891   -10.959 1.00 8.36  ? 101 GLN A C   1 
ATOM   731  O  O   . GLN A 1 102 ? 0.876   2.535   -11.903 1.00 9.95  ? 101 GLN A O   1 
ATOM   732  C  CB  . GLN A 1 102 ? 1.103   -0.586  -11.072 1.00 8.72  ? 101 GLN A CB  1 
ATOM   733  C  CG  . GLN A 1 102 ? 1.647   -1.882  -11.674 1.00 8.05  ? 101 GLN A CG  1 
ATOM   734  C  CD  . GLN A 1 102 ? 0.559   -2.878  -12.021 1.00 11.44 ? 101 GLN A CD  1 
ATOM   735  O  OE1 . GLN A 1 102 ? -0.606  -2.672  -11.719 1.00 11.91 ? 101 GLN A OE1 1 
ATOM   736  N  NE2 . GLN A 1 102 ? 0.932   -3.936  -12.766 1.00 11.39 ? 101 GLN A NE2 1 
ATOM   737  N  N   . ALA A 1 103 ? 1.229   2.278   -9.686  1.00 7.28  ? 102 ALA A N   1 
ATOM   738  C  CA  . ALA A 1 103 ? 0.607   3.577   -9.412  1.00 7.91  ? 102 ALA A CA  1 
ATOM   739  C  C   . ALA A 1 103 ? 1.391   4.717   -10.009 1.00 8.03  ? 102 ALA A C   1 
ATOM   740  O  O   . ALA A 1 103 ? 0.785   5.648   -10.562 1.00 8.61  ? 102 ALA A O   1 
ATOM   741  C  CB  . ALA A 1 103 ? 0.443   3.777   -7.927  1.00 9.35  ? 102 ALA A CB  1 
ATOM   742  N  N   . ARG A 1 104 ? 2.713   4.673   -9.884  1.00 7.49  ? 103 ARG A N   1 
ATOM   743  C  CA  . ARG A 1 104 ? 3.560   5.733   -10.449 1.00 8.65  ? 103 ARG A CA  1 
ATOM   744  C  C   . ARG A 1 104 ? 3.473   5.726   -11.981 1.00 8.19  ? 103 ARG A C   1 
ATOM   745  O  O   . ARG A 1 104 ? 3.519   6.784   -12.605 1.00 7.84  ? 103 ARG A O   1 
ATOM   746  C  CB  . ARG A 1 104 ? 4.996   5.650   -9.973  1.00 9.60  ? 103 ARG A CB  1 
ATOM   747  C  CG  . ARG A 1 104 ? 5.156   6.046   -8.486  1.00 7.77  ? 103 ARG A CG  1 
ATOM   748  C  CD  . ARG A 1 104 ? 6.566   6.052   -7.983  1.00 9.59  ? 103 ARG A CD  1 
ATOM   749  N  NE  . ARG A 1 104 ? 7.133   4.723   -8.078  1.00 10.60 ? 103 ARG A NE  1 
ATOM   750  C  CZ  . ARG A 1 104 ? 7.997   4.305   -8.992  1.00 8.83  ? 103 ARG A CZ  1 
ATOM   751  N  NH1 . ARG A 1 104 ? 8.464   5.109   -9.928  1.00 8.94  ? 103 ARG A NH1 1 
ATOM   752  N  NH2 . ARG A 1 104 ? 8.418   3.035   -8.992  1.00 11.50 ? 103 ARG A NH2 1 
ATOM   753  N  N   . ALA A 1 105 ? 3.318   4.557   -12.588 1.00 8.73  ? 104 ALA A N   1 
ATOM   754  C  CA  . ALA A 1 105 ? 3.115   4.513   -14.052 1.00 9.47  ? 104 ALA A CA  1 
ATOM   755  C  C   . ALA A 1 105 ? 1.838   5.258   -14.392 1.00 9.12  ? 104 ALA A C   1 
ATOM   756  O  O   . ALA A 1 105 ? 1.793   6.026   -15.366 1.00 10.67 ? 104 ALA A O   1 
ATOM   757  C  CB  . ALA A 1 105 ? 3.047   3.060   -14.566 1.00 9.26  ? 104 ALA A CB  1 
ATOM   758  N  N   . GLY A 1 106 ? 0.781   5.024   -13.629 1.00 8.90  ? 105 GLY A N   1 
ATOM   759  C  CA  . GLY A 1 106 ? -0.493  5.721   -13.832 1.00 10.20 ? 105 GLY A CA  1 
ATOM   760  C  C   . GLY A 1 106 ? -0.421  7.222   -13.560 1.00 9.78  ? 105 GLY A C   1 
ATOM   761  O  O   . GLY A 1 106 ? -0.954  8.030   -14.328 1.00 10.36 ? 105 GLY A O   1 
ATOM   762  N  N   . LEU A 1 107 ? 0.231   7.597   -12.460 1.00 8.77  ? 106 LEU A N   1 
ATOM   763  C  CA  . LEU A 1 107 ? 0.435   9.017   -12.107 1.00 8.27  ? 106 LEU A CA  1 
ATOM   764  C  C   . LEU A 1 107 ? 1.210   9.725   -13.221 1.00 9.41  ? 106 LEU A C   1 
ATOM   765  O  O   . LEU A 1 107 ? 0.900   10.872  -13.567 1.00 10.72 ? 106 LEU A O   1 
ATOM   766  C  CB  . LEU A 1 107 ? 1.169   9.157   -10.775 1.00 8.05  ? 106 LEU A CB  1 
ATOM   767  C  CG  . LEU A 1 107 ? 0.339   8.771   -9.567  1.00 11.21 ? 106 LEU A CG  1 
ATOM   768  C  CD1 . LEU A 1 107 ? 1.279   8.563   -8.383  1.00 12.19 ? 106 LEU A CD1 1 
ATOM   769  C  CD2 . LEU A 1 107 ? -0.749  9.784   -9.236  1.00 13.97 ? 106 LEU A CD2 1 
ATOM   770  N  N   . ALA A 1 108 ? 2.210   9.059   -13.797 1.00 9.57  ? 107 ALA A N   1 
ATOM   771  C  CA  . ALA A 1 108 ? 3.021   9.662   -14.874 1.00 11.01 ? 107 ALA A CA  1 
ATOM   772  C  C   . ALA A 1 108 ? 2.175   9.928   -16.122 1.00 13.88 ? 107 ALA A C   1 
ATOM   773  O  O   . ALA A 1 108 ? 2.363   10.967  -16.792 1.00 12.72 ? 107 ALA A O   1 
ATOM   774  C  CB  . ALA A 1 108 ? 4.238   8.787   -15.201 1.00 13.28 ? 107 ALA A CB  1 
ATOM   775  N  N   . GLU A 1 109 ? 1.229   9.044   -16.414 1.00 13.37 ? 108 GLU A N   1 
ATOM   776  C  CA  . GLU A 1 109 ? 0.216   9.269   -17.481 1.00 15.04 ? 108 GLU A CA  1 
ATOM   777  C  C   . GLU A 1 109 ? -0.698  10.468  -17.184 1.00 15.43 ? 108 GLU A C   1 
ATOM   778  O  O   . GLU A 1 109 ? -1.183  11.132  -18.115 1.00 14.05 ? 108 GLU A O   1 
ATOM   779  C  CB  . GLU A 1 109 ? -0.604  8.001   -17.723 1.00 16.94 ? 108 GLU A CB  1 
ATOM   780  C  CG  . GLU A 1 109 ? 0.247   6.877   -18.326 1.00 20.67 ? 108 GLU A CG  1 
ATOM   781  C  CD  . GLU A 1 109 ? -0.427  5.505   -18.284 1.00 36.25 ? 108 GLU A CD  1 
ATOM   782  O  OE1 . GLU A 1 109 ? -1.570  5.409   -17.775 1.00 41.66 ? 108 GLU A OE1 1 
ATOM   783  O  OE2 . GLU A 1 109 ? 0.202   4.520   -18.753 1.00 36.37 ? 108 GLU A OE2 1 
HETATM 784  N  N   . MSE A 1 110 ? -0.903  10.759  -15.899 1.00 13.46 ? 109 MSE A N   1 
HETATM 785  C  CA  . MSE A 1 110 ? -1.695  11.902  -15.466 1.00 14.61 ? 109 MSE A CA  1 
HETATM 786  C  C   . MSE A 1 110 ? -0.844  13.171  -15.368 1.00 12.18 ? 109 MSE A C   1 
HETATM 787  O  O   . MSE A 1 110 ? -1.349  14.196  -14.934 1.00 17.19 ? 109 MSE A O   1 
HETATM 788  C  CB  . MSE A 1 110 ? -2.356  11.606  -14.109 1.00 14.49 ? 109 MSE A CB  1 
HETATM 789  C  CG  . MSE A 1 110 ? -3.416  10.560  -14.203 1.00 18.74 ? 109 MSE A CG  1 
HETATM 790  SE SE  . MSE A 1 110 ? -3.948  10.070  -12.373 0.75 19.37 ? 109 MSE A SE  1 
HETATM 791  C  CE  . MSE A 1 110 ? -4.813  11.671  -11.839 1.00 26.27 ? 109 MSE A CE  1 
ATOM   792  N  N   . GLY A 1 111 ? 0.434   13.089  -15.712 1.00 12.51 ? 110 GLY A N   1 
ATOM   793  C  CA  . GLY A 1 111 ? 1.324   14.242  -15.697 1.00 15.91 ? 110 GLY A CA  1 
ATOM   794  C  C   . GLY A 1 111 ? 2.203   14.444  -14.475 1.00 15.83 ? 110 GLY A C   1 
ATOM   795  O  O   . GLY A 1 111 ? 2.869   15.478  -14.356 1.00 18.23 ? 110 GLY A O   1 
HETATM 796  N  N   . MSE A 1 112 ? 2.217   13.472  -13.575 1.00 13.65 ? 111 MSE A N   1 
HETATM 797  C  CA  A MSE A 1 112 ? 3.049   13.555  -12.382 0.50 14.17 ? 111 MSE A CA  1 
HETATM 798  C  CA  B MSE A 1 112 ? 3.012   13.545  -12.354 0.50 12.79 ? 111 MSE A CA  1 
HETATM 799  C  C   . MSE A 1 112 ? 4.056   12.432  -12.346 1.00 13.97 ? 111 MSE A C   1 
HETATM 800  O  O   . MSE A 1 112 ? 3.709   11.301  -12.082 1.00 13.70 ? 111 MSE A O   1 
HETATM 801  C  CB  A MSE A 1 112 ? 2.197   13.512  -11.138 0.50 15.59 ? 111 MSE A CB  1 
HETATM 802  C  CB  B MSE A 1 112 ? 2.085   13.400  -11.147 0.50 13.32 ? 111 MSE A CB  1 
HETATM 803  C  CG  A MSE A 1 112 ? 1.733   14.866  -10.733 0.50 20.67 ? 111 MSE A CG  1 
HETATM 804  C  CG  B MSE A 1 112 ? 1.156   14.584  -10.955 0.50 11.65 ? 111 MSE A CG  1 
HETATM 805  SE SE  A MSE A 1 112 ? 0.968   14.661  -9.016  0.38 30.32 ? 111 MSE A SE  1 
HETATM 806  SE SE  B MSE A 1 112 ? -0.211  14.249  -9.654  0.37 16.70 ? 111 MSE A SE  1 
HETATM 807  C  CE  A MSE A 1 112 ? -0.715  13.922  -9.579  0.50 6.94  ? 111 MSE A CE  1 
HETATM 808  C  CE  B MSE A 1 112 ? -1.508  13.352  -10.816 0.50 18.48 ? 111 MSE A CE  1 
ATOM   809  N  N   . VAL A 1 113 ? 5.306   12.774  -12.618 1.00 11.57 ? 112 VAL A N   1 
ATOM   810  C  CA  . VAL A 1 113 ? 6.392   11.802  -12.681 1.00 12.48 ? 112 VAL A CA  1 
ATOM   811  C  C   . VAL A 1 113 ? 7.134   11.723  -11.359 1.00 9.97  ? 112 VAL A C   1 
ATOM   812  O  O   . VAL A 1 113 ? 7.686   12.721  -10.882 1.00 12.23 ? 112 VAL A O   1 
ATOM   813  C  CB  . VAL A 1 113 ? 7.390   12.188  -13.744 1.00 12.79 ? 112 VAL A CB  1 
ATOM   814  C  CG1 . VAL A 1 113 ? 8.507   11.180  -13.799 1.00 18.11 ? 112 VAL A CG1 1 
ATOM   815  C  CG2 . VAL A 1 113 ? 6.665   12.287  -15.122 1.00 15.59 ? 112 VAL A CG2 1 
ATOM   816  N  N   . PHE A 1 114 ? 7.110   10.511  -10.786 1.00 9.94  ? 113 PHE A N   1 
ATOM   817  C  CA  . PHE A 1 114 ? 7.804   10.181  -9.546  1.00 9.22  ? 113 PHE A CA  1 
ATOM   818  C  C   . PHE A 1 114 ? 8.705   8.987   -9.739  1.00 11.12 ? 113 PHE A C   1 
ATOM   819  O  O   . PHE A 1 114 ? 8.300   8.001   -10.376 1.00 10.66 ? 113 PHE A O   1 
ATOM   820  C  CB  . PHE A 1 114 ? 6.813   9.760   -8.479  1.00 9.72  ? 113 PHE A CB  1 
ATOM   821  C  CG  . PHE A 1 114 ? 5.913   10.842  -7.971  1.00 10.78 ? 113 PHE A CG  1 
ATOM   822  C  CD1 . PHE A 1 114 ? 6.355   11.744  -6.994  1.00 9.86  ? 113 PHE A CD1 1 
ATOM   823  C  CD2 . PHE A 1 114 ? 4.609   10.921  -8.421  1.00 13.65 ? 113 PHE A CD2 1 
ATOM   824  C  CE1 . PHE A 1 114 ? 5.514   12.688  -6.485  1.00 10.53 ? 113 PHE A CE1 1 
ATOM   825  C  CE2 . PHE A 1 114 ? 3.738   11.902  -7.937  1.00 13.03 ? 113 PHE A CE2 1 
ATOM   826  C  CZ  . PHE A 1 114 ? 4.174   12.790  -6.971  1.00 9.34  ? 113 PHE A CZ  1 
ATOM   827  N  N   . GLN A 1 115 ? 9.879   9.064   -9.133  1.00 11.50 ? 114 GLN A N   1 
ATOM   828  C  CA  . GLN A 1 115 ? 10.763  7.937   -8.915  1.00 11.57 ? 114 GLN A CA  1 
ATOM   829  C  C   . GLN A 1 115 ? 10.423  7.342   -7.536  1.00 9.86  ? 114 GLN A C   1 
ATOM   830  O  O   . GLN A 1 115 ? 9.883   8.026   -6.662  1.00 9.54  ? 114 GLN A O   1 
ATOM   831  C  CB  . GLN A 1 115 ? 12.215  8.409   -8.945  1.00 11.82 ? 114 GLN A CB  1 
ATOM   832  C  CG  . GLN A 1 115 ? 12.760  8.710   -10.391 1.00 18.04 ? 114 GLN A CG  1 
ATOM   833  C  CD  . GLN A 1 115 ? 12.081  9.880   -11.155 1.00 26.99 ? 114 GLN A CD  1 
ATOM   834  O  OE1 . GLN A 1 115 ? 12.237  11.054  -10.800 1.00 26.76 ? 114 GLN A OE1 1 
ATOM   835  N  NE2 . GLN A 1 115 ? 11.384  9.551   -12.255 1.00 23.51 ? 114 GLN A NE2 1 
ATOM   836  N  N   . GLY A 1 116 ? 10.655  6.052   -7.368  1.00 10.47 ? 115 GLY A N   1 
ATOM   837  C  CA  . GLY A 1 116 ? 10.371  5.389   -6.109  1.00 9.95  ? 115 GLY A CA  1 
ATOM   838  C  C   . GLY A 1 116 ? 11.586  4.689   -5.518  1.00 9.59  ? 115 GLY A C   1 
ATOM   839  O  O   . GLY A 1 116 ? 12.387  4.089   -6.228  1.00 10.76 ? 115 GLY A O   1 
ATOM   840  N  N   . SER A 1 117 ? 11.642  4.673   -4.187  1.00 8.72  ? 116 SER A N   1 
ATOM   841  C  CA  . SER A 1 117 ? 12.672  3.968   -3.450  1.00 8.12  ? 116 SER A CA  1 
ATOM   842  C  C   . SER A 1 117 ? 12.306  2.474   -3.295  1.00 8.65  ? 116 SER A C   1 
ATOM   843  O  O   . SER A 1 117 ? 11.215  2.015   -3.639  1.00 9.50  ? 116 SER A O   1 
ATOM   844  C  CB  . SER A 1 117 ? 12.824  4.615   -2.059  1.00 7.52  ? 116 SER A CB  1 
ATOM   845  O  OG  . SER A 1 117 ? 11.763  4.241   -1.189  1.00 8.88  ? 116 SER A OG  1 
ATOM   846  N  N   . THR A 1 118 ? 13.221  1.728   -2.698  1.00 10.06 ? 117 THR A N   1 
ATOM   847  C  CA  . THR A 1 118 ? 12.881  0.389   -2.241  1.00 9.04  ? 117 THR A CA  1 
ATOM   848  C  C   . THR A 1 118 ? 12.057  0.523   -0.940  1.00 8.24  ? 117 THR A C   1 
ATOM   849  O  O   . THR A 1 118 ? 11.998  1.565   -0.288  1.00 8.85  ? 117 THR A O   1 
ATOM   850  C  CB  . THR A 1 118 ? 14.133  -0.457  -2.019  1.00 12.73 ? 117 THR A CB  1 
ATOM   851  O  OG1 . THR A 1 118 ? 15.040  0.238   -1.176  1.00 12.03 ? 117 THR A OG1 1 
ATOM   852  C  CG2 . THR A 1 118 ? 14.803  -0.747  -3.372  1.00 13.60 ? 117 THR A CG2 1 
ATOM   853  N  N   . PRO A 1 119 ? 11.300  -0.525  -0.619  1.00 8.93  ? 118 PRO A N   1 
ATOM   854  C  CA  . PRO A 1 119 ? 10.432  -0.452  0.557   1.00 9.17  ? 118 PRO A CA  1 
ATOM   855  C  C   . PRO A 1 119 ? 11.106  -0.717  1.897   1.00 7.02  ? 118 PRO A C   1 
ATOM   856  O  O   . PRO A 1 119 ? 12.129  -1.385  1.969   1.00 8.52  ? 118 PRO A O   1 
ATOM   857  C  CB  . PRO A 1 119 ? 9.403   -1.553  0.301   1.00 8.94  ? 118 PRO A CB  1 
ATOM   858  C  CG  . PRO A 1 119 ? 10.046  -2.488  -0.623  1.00 12.66 ? 118 PRO A CG  1 
ATOM   859  C  CD  . PRO A 1 119 ? 11.186  -1.803  -1.341  1.00 12.17 ? 118 PRO A CD  1 
ATOM   860  N  N   . SER A 1 120 ? 10.517  -0.166  2.946   1.00 8.40  ? 119 SER A N   1 
ATOM   861  C  CA  . SER A 1 120 ? 10.920  -0.453  4.335   1.00 9.09  ? 119 SER A CA  1 
ATOM   862  C  C   . SER A 1 120 ? 9.703   -1.046  5.014   1.00 8.62  ? 119 SER A C   1 
ATOM   863  O  O   . SER A 1 120 ? 8.631   -0.426  5.013   1.00 9.61  ? 119 SER A O   1 
ATOM   864  C  CB  . SER A 1 120 ? 11.349  0.822   5.049   1.00 9.06  ? 119 SER A CB  1 
ATOM   865  O  OG  . SER A 1 120 ? 12.367  1.492   4.283   1.00 12.41 ? 119 SER A OG  1 
ATOM   866  N  N   . VAL A 1 121 ? 9.871   -2.240  5.562   1.00 7.79  ? 120 VAL A N   1 
ATOM   867  C  CA  . VAL A 1 121 ? 8.793   -2.955  6.236   1.00 6.84  ? 120 VAL A CA  1 
ATOM   868  C  C   . VAL A 1 121 ? 8.836   -2.687  7.741   1.00 7.35  ? 120 VAL A C   1 
ATOM   869  O  O   . VAL A 1 121 ? 9.875   -2.781  8.383   1.00 8.90  ? 120 VAL A O   1 
ATOM   870  C  CB  . VAL A 1 121 ? 8.861   -4.468  5.919   1.00 8.14  ? 120 VAL A CB  1 
ATOM   871  C  CG1 . VAL A 1 121 ? 7.912   -5.245  6.803   1.00 9.50  ? 120 VAL A CG1 1 
ATOM   872  C  CG2 . VAL A 1 121 ? 8.510   -4.694  4.429   1.00 10.54 ? 120 VAL A CG2 1 
ATOM   873  N  N   . ILE A 1 122 ? 7.660   -2.384  8.263   1.00 7.96  ? 121 ILE A N   1 
ATOM   874  C  CA  A ILE A 1 122 ? 7.464   -2.091  9.672   0.50 7.69  ? 121 ILE A CA  1 
ATOM   875  C  CA  B ILE A 1 122 ? 7.427   -2.044  9.655   0.50 8.08  ? 121 ILE A CA  1 
ATOM   876  C  C   . ILE A 1 122 ? 6.612   -3.159  10.294  1.00 8.35  ? 121 ILE A C   1 
ATOM   877  O  O   . ILE A 1 122 ? 5.545   -3.518  9.759   1.00 8.84  ? 121 ILE A O   1 
ATOM   878  C  CB  A ILE A 1 122 ? 6.764   -0.748  9.900   0.50 7.47  ? 121 ILE A CB  1 
ATOM   879  C  CB  B ILE A 1 122 ? 6.597   -0.737  9.756   0.50 7.94  ? 121 ILE A CB  1 
ATOM   880  C  CG1 A ILE A 1 122 ? 7.629   0.390   9.370   0.50 7.15  ? 121 ILE A CG1 1 
ATOM   881  C  CG1 B ILE A 1 122 ? 7.043   0.302   8.710   0.50 11.48 ? 121 ILE A CG1 1 
ATOM   882  C  CG2 A ILE A 1 122 ? 6.467   -0.536  11.390  0.50 7.50  ? 121 ILE A CG2 1 
ATOM   883  C  CG2 B ILE A 1 122 ? 6.630   -0.159  11.164  0.50 8.65  ? 121 ILE A CG2 1 
ATOM   884  C  CD1 A ILE A 1 122 ? 7.246   0.837   7.934   0.50 7.35  ? 121 ILE A CD1 1 
ATOM   885  C  CD1 B ILE A 1 122 ? 8.543   0.570   8.637   0.50 8.67  ? 121 ILE A CD1 1 
HETATM 886  N  N   . MSE A 1 123 ? 7.068   -3.685  11.428  1.00 8.13  ? 122 MSE A N   1 
HETATM 887  C  CA  A MSE A 1 123 ? 6.261   -4.676  12.134  0.67 8.67  ? 122 MSE A CA  1 
HETATM 888  C  CA  B MSE A 1 123 ? 6.341   -4.737  12.152  0.33 9.85  ? 122 MSE A CA  1 
HETATM 889  C  C   . MSE A 1 123 ? 6.124   -4.261  13.585  1.00 11.67 ? 122 MSE A C   1 
HETATM 890  O  O   . MSE A 1 123 ? 6.982   -3.598  14.147  1.00 11.12 ? 122 MSE A O   1 
HETATM 891  C  CB  A MSE A 1 123 ? 6.859   -6.067  12.048  0.67 9.62  ? 122 MSE A CB  1 
HETATM 892  C  CB  B MSE A 1 123 ? 7.141   -6.047  12.203  0.33 10.74 ? 122 MSE A CB  1 
HETATM 893  C  CG  A MSE A 1 123 ? 7.023   -6.500  10.635  0.67 13.83 ? 122 MSE A CG  1 
HETATM 894  C  CG  B MSE A 1 123 ? 7.563   -6.587  10.857  0.33 15.11 ? 122 MSE A CG  1 
HETATM 895  SE SE  A MSE A 1 123 ? 7.435   -8.365  10.570  0.50 13.76 ? 122 MSE A SE  1 
HETATM 896  SE SE  B MSE A 1 123 ? 6.128   -7.534  9.968   0.25 20.06 ? 122 MSE A SE  1 
HETATM 897  C  CE  A MSE A 1 123 ? 5.673   -8.936  11.084  0.67 26.71 ? 122 MSE A CE  1 
HETATM 898  C  CE  B MSE A 1 123 ? 5.853   -8.839  11.365  0.33 23.01 ? 122 MSE A CE  1 
ATOM   899  N  N   . GLY A 1 124 ? 5.011   -4.651  14.171  1.00 12.59 ? 123 GLY A N   1 
ATOM   900  C  CA  . GLY A 1 124 ? 4.707   -4.285  15.551  1.00 13.56 ? 123 GLY A CA  1 
ATOM   901  C  C   . GLY A 1 124 ? 3.219   -4.090  15.657  1.00 10.60 ? 123 GLY A C   1 
ATOM   902  O  O   . GLY A 1 124 ? 2.643   -3.308  14.925  1.00 10.77 ? 123 GLY A O   1 
ATOM   903  N  N   . ASP A 1 125 ? 2.548   -4.855  16.508  1.00 10.30 ? 124 ASP A N   1 
ATOM   904  C  CA  . ASP A 1 125 ? 1.089   -4.756  16.545  1.00 9.46  ? 124 ASP A CA  1 
ATOM   905  C  C   . ASP A 1 125 ? 0.639   -3.364  16.978  1.00 9.62  ? 124 ASP A C   1 
ATOM   906  O  O   . ASP A 1 125 ? 1.146   -2.801  17.978  1.00 10.10 ? 124 ASP A O   1 
ATOM   907  C  CB  . ASP A 1 125 ? 0.490   -5.802  17.501  1.00 12.69 ? 124 ASP A CB  1 
ATOM   908  C  CG  . ASP A 1 125 ? 0.642   -7.239  16.993  1.00 18.65 ? 124 ASP A CG  1 
ATOM   909  O  OD1 . ASP A 1 125 ? 1.082   -7.455  15.848  1.00 18.04 ? 124 ASP A OD1 1 
ATOM   910  O  OD2 . ASP A 1 125 ? 0.269   -8.178  17.752  1.00 27.49 ? 124 ASP A OD2 1 
ATOM   911  N  N   . GLY A 1 126 ? -0.282  -2.806  16.213  1.00 9.82  ? 125 GLY A N   1 
ATOM   912  C  CA  . GLY A 1 126 ? -0.825  -1.476  16.525  1.00 9.41  ? 125 GLY A CA  1 
ATOM   913  C  C   . GLY A 1 126 ? 0.109   -0.294  16.338  1.00 10.29 ? 125 GLY A C   1 
ATOM   914  O  O   . GLY A 1 126 ? -0.149  0.797   16.887  1.00 11.93 ? 125 GLY A O   1 
ATOM   915  N  N   . HIS A 1 127 ? 1.134   -0.466  15.515  1.00 9.26  ? 126 HIS A N   1 
ATOM   916  C  CA  . HIS A 1 127 ? 2.030   0.643   15.214  1.00 7.97  ? 126 HIS A CA  1 
ATOM   917  C  C   . HIS A 1 127 ? 1.283   1.669   14.332  1.00 8.05  ? 126 HIS A C   1 
ATOM   918  O  O   . HIS A 1 127 ? 0.261   1.377   13.739  1.00 8.43  ? 126 HIS A O   1 
ATOM   919  C  CB  . HIS A 1 127 ? 3.332   0.155   14.536  1.00 8.69  ? 126 HIS A CB  1 
ATOM   920  C  CG  . HIS A 1 127 ? 3.151   -0.298  13.109  1.00 7.05  ? 126 HIS A CG  1 
ATOM   921  N  ND1 . HIS A 1 127 ? 3.098   -1.631  12.766  1.00 7.36  ? 126 HIS A ND1 1 
ATOM   922  C  CD2 . HIS A 1 127 ? 3.009   0.395   11.952  1.00 9.37  ? 126 HIS A CD2 1 
ATOM   923  C  CE1 . HIS A 1 127 ? 2.925   -1.736  11.452  1.00 9.12  ? 126 HIS A CE1 1 
ATOM   924  N  NE2 . HIS A 1 127 ? 2.877   -0.524  10.935  1.00 10.97 ? 126 HIS A NE2 1 
ATOM   925  N  N   . THR A 1 128 ? 1.814   2.876   14.276  1.00 8.75  ? 127 THR A N   1 
ATOM   926  C  CA  . THR A 1 128 ? 1.274   3.924   13.411  1.00 9.71  ? 127 THR A CA  1 
ATOM   927  C  C   . THR A 1 128 ? 2.296   4.420   12.408  1.00 9.95  ? 127 THR A C   1 
ATOM   928  O  O   . THR A 1 128 ? 3.514   4.404   12.670  1.00 8.38  ? 127 THR A O   1 
ATOM   929  C  CB  . THR A 1 128 ? 0.759   5.118   14.242  1.00 9.88  ? 127 THR A CB  1 
ATOM   930  O  OG1 . THR A 1 128 ? 1.832   5.681   15.019  1.00 11.08 ? 127 THR A OG1 1 
ATOM   931  C  CG2 . THR A 1 128 ? -0.421  4.661   15.170  1.00 12.21 ? 127 THR A CG2 1 
ATOM   932  N  N   . ILE A 1 129 ? 1.778   4.811   11.252  1.00 8.73  ? 128 ILE A N   1 
ATOM   933  C  CA  . ILE A 1 129 ? 2.545   5.414   10.166  1.00 10.04 ? 128 ILE A CA  1 
ATOM   934  C  C   . ILE A 1 129 ? 2.041   6.827   9.990   1.00 8.87  ? 128 ILE A C   1 
ATOM   935  O  O   . ILE A 1 129 ? 0.857   7.029   9.667   1.00 10.07 ? 128 ILE A O   1 
ATOM   936  C  CB  . ILE A 1 129 ? 2.343   4.671   8.822   1.00 9.59  ? 128 ILE A CB  1 
ATOM   937  C  CG1 . ILE A 1 129 ? 2.626   3.171   8.904   1.00 12.26 ? 128 ILE A CG1 1 
ATOM   938  C  CG2 . ILE A 1 129 ? 3.190   5.347   7.717   1.00 11.75 ? 128 ILE A CG2 1 
ATOM   939  C  CD1 . ILE A 1 129 ? 4.086   2.818   9.366   1.00 10.54 ? 128 ILE A CD1 1 
ATOM   940  N  N   . SER A 1 130 ? 2.943   7.802   10.134  1.00 8.28  ? 129 SER A N   1 
ATOM   941  C  CA  . SER A 1 130 ? 2.571   9.211   10.042  1.00 7.77  ? 129 SER A CA  1 
ATOM   942  C  C   . SER A 1 130 ? 3.493   9.894   9.054   1.00 8.15  ? 129 SER A C   1 
ATOM   943  O  O   . SER A 1 130 ? 4.613   10.258  9.386   1.00 9.45  ? 129 SER A O   1 
ATOM   944  C  CB  . SER A 1 130 ? 2.656   9.903   11.407  1.00 8.65  ? 129 SER A CB  1 
ATOM   945  O  OG  . SER A 1 130 ? 1.807   9.279   12.345  1.00 8.91  ? 129 SER A OG  1 
ATOM   946  N  N   . HIS A 1 131 ? 3.033   10.046  7.826   1.00 9.75  ? 130 HIS A N   1 
ATOM   947  C  CA  . HIS A 1 131 ? 3.815   10.834  6.886   1.00 9.89  ? 130 HIS A CA  1 
ATOM   948  C  C   . HIS A 1 131 ? 3.854   12.300  7.335   1.00 10.26 ? 130 HIS A C   1 
ATOM   949  O  O   . HIS A 1 131 ? 2.851   12.870  7.773   1.00 10.20 ? 130 HIS A O   1 
ATOM   950  C  CB  . HIS A 1 131 ? 3.291   10.699  5.458   1.00 10.31 ? 130 HIS A CB  1 
ATOM   951  C  CG  . HIS A 1 131 ? 3.125   9.288   5.026   1.00 9.19  ? 130 HIS A CG  1 
ATOM   952  N  ND1 . HIS A 1 131 ? 4.171   8.395   5.018   1.00 12.22 ? 130 HIS A ND1 1 
ATOM   953  C  CD2 . HIS A 1 131 ? 2.022   8.590   4.665   1.00 9.81  ? 130 HIS A CD2 1 
ATOM   954  C  CE1 . HIS A 1 131 ? 3.722   7.215   4.624   1.00 10.25 ? 130 HIS A CE1 1 
ATOM   955  N  NE2 . HIS A 1 131 ? 2.417   7.311   4.394   1.00 10.41 ? 130 HIS A NE2 1 
ATOM   956  N  N   . VAL A 1 132 ? 5.051   12.875  7.291   1.00 10.55 ? 131 VAL A N   1 
ATOM   957  C  CA  . VAL A 1 132 ? 5.331   14.239  7.740   1.00 11.21 ? 131 VAL A CA  1 
ATOM   958  C  C   . VAL A 1 132 ? 5.503   15.071  6.479   1.00 12.10 ? 131 VAL A C   1 
ATOM   959  O  O   . VAL A 1 132 ? 6.526   14.998  5.767   1.00 14.59 ? 131 VAL A O   1 
ATOM   960  C  CB  . VAL A 1 132 ? 6.615   14.265  8.636   1.00 12.24 ? 131 VAL A CB  1 
ATOM   961  C  CG1 . VAL A 1 132 ? 7.026   15.718  9.009   1.00 14.51 ? 131 VAL A CG1 1 
ATOM   962  C  CG2 . VAL A 1 132 ? 6.397   13.442  9.899   1.00 13.62 ? 131 VAL A CG2 1 
ATOM   963  N  N   . THR A 1 133 ? 4.452   15.842  6.205   1.00 12.75 ? 132 THR A N   1 
ATOM   964  C  CA  . THR A 1 133 ? 4.343   16.601  4.964   1.00 12.91 ? 132 THR A CA  1 
ATOM   965  C  C   . THR A 1 133 ? 3.441   17.821  5.195   1.00 14.32 ? 132 THR A C   1 
ATOM   966  O  O   . THR A 1 133 ? 2.585   17.806  6.066   1.00 12.67 ? 132 THR A O   1 
ATOM   967  C  CB  . THR A 1 133 ? 3.825   15.720  3.800   1.00 15.15 ? 132 THR A CB  1 
ATOM   968  O  OG1 . THR A 1 133 ? 3.711   16.491  2.593   1.00 14.79 ? 132 THR A OG1 1 
ATOM   969  C  CG2 . THR A 1 133 ? 2.520   15.102  4.120   1.00 12.64 ? 132 THR A CG2 1 
ATOM   970  N  N   . LYS A 1 134 ? 3.665   18.863  4.405   1.00 15.98 ? 133 LYS A N   1 
ATOM   971  C  CA  . LYS A 1 134 ? 2.800   20.037  4.459   1.00 17.58 ? 133 LYS A CA  1 
ATOM   972  C  C   . LYS A 1 134 ? 1.450   19.776  3.808   1.00 17.46 ? 133 LYS A C   1 
ATOM   973  O  O   . LYS A 1 134 ? 0.484   20.487  4.065   1.00 18.61 ? 133 LYS A O   1 
ATOM   974  C  CB  . LYS A 1 134 ? 3.479   21.229  3.754   1.00 20.13 ? 133 LYS A CB  1 
ATOM   975  C  CG  . LYS A 1 134 ? 4.767   21.715  4.433   1.00 25.33 ? 133 LYS A CG  1 
ATOM   976  C  CD  . LYS A 1 134 ? 5.478   22.825  3.633   1.00 33.70 ? 133 LYS A CD  1 
ATOM   977  N  N   . SER A 1 135 ? 1.371   18.743  2.974   1.00 13.69 ? 134 SER A N   1 
ATOM   978  C  CA  . SER A 1 135 ? 0.171   18.481  2.204   1.00 12.89 ? 134 SER A CA  1 
ATOM   979  C  C   . SER A 1 135 ? -0.799  17.543  2.956   1.00 14.80 ? 134 SER A C   1 
ATOM   980  O  O   . SER A 1 135 ? -0.381  16.784  3.834   1.00 14.83 ? 134 SER A O   1 
ATOM   981  C  CB  . SER A 1 135 ? 0.548   17.795  0.888   1.00 16.09 ? 134 SER A CB  1 
ATOM   982  O  OG  . SER A 1 135 ? 1.386   18.593  0.054   1.00 16.78 ? 134 SER A OG  1 
ATOM   983  N  N   . PRO A 1 136 ? -2.075  17.556  2.583   1.00 13.47 ? 135 PRO A N   1 
ATOM   984  C  CA  . PRO A 1 136 ? -2.960  16.537  3.112   1.00 13.58 ? 135 PRO A CA  1 
ATOM   985  C  C   . PRO A 1 136 ? -2.500  15.196  2.544   1.00 11.34 ? 135 PRO A C   1 
ATOM   986  O  O   . PRO A 1 136 ? -1.894  15.129  1.467   1.00 13.64 ? 135 PRO A O   1 
ATOM   987  C  CB  . PRO A 1 136 ? -4.323  16.889  2.512   1.00 14.19 ? 135 PRO A CB  1 
ATOM   988  C  CG  . PRO A 1 136 ? -4.196  18.256  1.966   1.00 19.25 ? 135 PRO A CG  1 
ATOM   989  C  CD  . PRO A 1 136 ? -2.771  18.467  1.661   1.00 17.95 ? 135 PRO A CD  1 
ATOM   990  N  N   . ILE A 1 137 ? -2.858  14.143  3.241   1.00 9.68  ? 136 ILE A N   1 
ATOM   991  C  CA  . ILE A 1 137 ? -2.461  12.787  2.871   1.00 10.55 ? 136 ILE A CA  1 
ATOM   992  C  C   . ILE A 1 137 ? -3.695  12.035  2.374   1.00 10.42 ? 136 ILE A C   1 
ATOM   993  O  O   . ILE A 1 137 ? -4.723  12.095  3.022   1.00 12.26 ? 136 ILE A O   1 
ATOM   994  C  CB  . ILE A 1 137 ? -1.870  12.101  4.107   1.00 9.83  ? 136 ILE A CB  1 
ATOM   995  C  CG1 . ILE A 1 137 ? -0.525  12.745  4.487   1.00 9.93  ? 136 ILE A CG1 1 
ATOM   996  C  CG2 . ILE A 1 137 ? -1.656  10.572  3.862   1.00 10.73 ? 136 ILE A CG2 1 
ATOM   997  C  CD1 . ILE A 1 137 ? -0.148  12.492  5.975   1.00 15.43 ? 136 ILE A CD1 1 
HETATM 998  N  N   . MSE A 1 138 ? -3.582  11.362  1.233   1.00 10.24 ? 137 MSE A N   1 
HETATM 999  C  CA  . MSE A 1 138 ? -4.657  10.500  0.676   1.00 10.78 ? 137 MSE A CA  1 
HETATM 1000 C  C   . MSE A 1 138 ? -4.600  9.146   1.380   1.00 9.94  ? 137 MSE A C   1 
HETATM 1001 O  O   . MSE A 1 138 ? -3.515  8.570   1.578   1.00 11.71 ? 137 MSE A O   1 
HETATM 1002 C  CB  . MSE A 1 138 ? -4.482  10.264  -0.833  1.00 12.77 ? 137 MSE A CB  1 
HETATM 1003 C  CG  . MSE A 1 138 ? -5.597  9.419   -1.504  1.00 14.02 ? 137 MSE A CG  1 
HETATM 1004 SE SE  . MSE A 1 138 ? -4.891  8.476   -3.074  0.75 15.17 ? 137 MSE A SE  1 
HETATM 1005 C  CE  . MSE A 1 138 ? -3.954  7.055   -2.149  1.00 23.05 ? 137 MSE A CE  1 
ATOM   1006 N  N   . ALA A 1 139 ? -5.760  8.642   1.786   1.00 9.95  ? 138 ALA A N   1 
ATOM   1007 C  CA  . ALA A 1 139 ? -5.865  7.296   2.303   1.00 9.89  ? 138 ALA A CA  1 
ATOM   1008 C  C   . ALA A 1 139 ? -7.033  6.585   1.641   1.00 11.64 ? 138 ALA A C   1 
ATOM   1009 O  O   . ALA A 1 139 ? -8.074  7.195   1.363   1.00 11.91 ? 138 ALA A O   1 
ATOM   1010 C  CB  . ALA A 1 139 ? -6.046  7.302   3.783   1.00 10.36 ? 138 ALA A CB  1 
ATOM   1011 N  N   . ILE A 1 140 ? -6.849  5.287   1.385   1.00 10.47 ? 139 ILE A N   1 
ATOM   1012 C  CA  . ILE A 1 140 ? -7.912  4.449   0.806   1.00 9.84  ? 139 ILE A CA  1 
ATOM   1013 C  C   . ILE A 1 140 ? -7.908  3.156   1.606   1.00 9.55  ? 139 ILE A C   1 
ATOM   1014 O  O   . ILE A 1 140 ? -6.904  2.404   1.591   1.00 9.50  ? 139 ILE A O   1 
ATOM   1015 C  CB  . ILE A 1 140 ? -7.716  4.124   -0.703  1.00 9.69  ? 139 ILE A CB  1 
ATOM   1016 C  CG1 . ILE A 1 140 ? -7.418  5.374   -1.545  1.00 11.50 ? 139 ILE A CG1 1 
ATOM   1017 C  CG2 . ILE A 1 140 ? -8.956  3.329   -1.276  1.00 11.59 ? 139 ILE A CG2 1 
ATOM   1018 C  CD1 . ILE A 1 140 ? -6.824  5.038   -2.897  1.00 14.20 ? 139 ILE A CD1 1 
ATOM   1019 N  N   . PRO A 1 141 ? -8.999  2.914   2.343   1.00 8.97  ? 140 PRO A N   1 
ATOM   1020 C  CA  . PRO A 1 141 ? -9.090  1.612   2.993   1.00 10.21 ? 140 PRO A CA  1 
ATOM   1021 C  C   . PRO A 1 141 ? -9.495  0.543   1.963   1.00 10.16 ? 140 PRO A C   1 
ATOM   1022 O  O   . PRO A 1 141 ? -10.237 0.823   1.017   1.00 9.49  ? 140 PRO A O   1 
ATOM   1023 C  CB  . PRO A 1 141 ? -10.200 1.811   4.007   1.00 13.09 ? 140 PRO A CB  1 
ATOM   1024 C  CG  . PRO A 1 141 ? -11.126 2.845   3.368   1.00 14.81 ? 140 PRO A CG  1 
ATOM   1025 C  CD  . PRO A 1 141 ? -10.206 3.745   2.536   1.00 7.81  ? 140 PRO A CD  1 
ATOM   1026 N  N   . PHE A 1 142 ? -9.004  -0.677  2.149   1.00 9.31  ? 141 PHE A N   1 
ATOM   1027 C  CA  . PHE A 1 142 ? -9.424  -1.836  1.375   1.00 9.44  ? 141 PHE A CA  1 
ATOM   1028 C  C   . PHE A 1 142 ? -9.843  -2.970  2.328   1.00 10.10 ? 141 PHE A C   1 
ATOM   1029 O  O   . PHE A 1 142 ? -9.285  -3.121  3.430   1.00 10.62 ? 141 PHE A O   1 
ATOM   1030 C  CB  . PHE A 1 142 ? -8.280  -2.339  0.495   1.00 10.07 ? 141 PHE A CB  1 
ATOM   1031 C  CG  . PHE A 1 142 ? -7.936  -1.426  -0.627  1.00 8.74  ? 141 PHE A CG  1 
ATOM   1032 C  CD1 . PHE A 1 142 ? -7.133  -0.307  -0.412  1.00 9.83  ? 141 PHE A CD1 1 
ATOM   1033 C  CD2 . PHE A 1 142 ? -8.365  -1.695  -1.924  1.00 9.70  ? 141 PHE A CD2 1 
ATOM   1034 C  CE1 . PHE A 1 142 ? -6.779  0.520   -1.469  1.00 10.46 ? 141 PHE A CE1 1 
ATOM   1035 C  CE2 . PHE A 1 142 ? -8.004  -0.908  -2.969  1.00 9.78  ? 141 PHE A CE2 1 
ATOM   1036 C  CZ  . PHE A 1 142 ? -7.234  0.215   -2.761  1.00 10.53 ? 141 PHE A CZ  1 
ATOM   1037 N  N   . LEU A 1 143 ? -10.839 -3.744  1.900   1.00 8.88  ? 142 LEU A N   1 
ATOM   1038 C  CA  . LEU A 1 143 ? -11.243 -4.934  2.592   1.00 8.32  ? 142 LEU A CA  1 
ATOM   1039 C  C   . LEU A 1 143 ? -10.901 -6.185  1.782   1.00 7.93  ? 142 LEU A C   1 
ATOM   1040 O  O   . LEU A 1 143 ? -11.034 -6.219  0.547   1.00 10.14 ? 142 LEU A O   1 
ATOM   1041 C  CB  . LEU A 1 143 ? -12.756 -4.921  2.856   1.00 9.66  ? 142 LEU A CB  1 
ATOM   1042 C  CG  . LEU A 1 143 ? -13.255 -4.075  4.027   1.00 18.27 ? 142 LEU A CG  1 
ATOM   1043 C  CD1 . LEU A 1 143 ? -14.764 -4.232  4.179   1.00 24.38 ? 142 LEU A CD1 1 
ATOM   1044 C  CD2 . LEU A 1 143 ? -12.612 -4.523  5.318   1.00 31.10 ? 142 LEU A CD2 1 
ATOM   1045 N  N   . THR A 1 144 ? -10.543 -7.251  2.497   1.00 8.84  ? 143 THR A N   1 
ATOM   1046 C  CA  . THR A 1 144 ? -10.405 -8.571  1.916   1.00 6.47  ? 143 THR A CA  1 
ATOM   1047 C  C   . THR A 1 144 ? -11.222 -9.500  2.824   1.00 6.38  ? 143 THR A C   1 
ATOM   1048 O  O   . THR A 1 144 ? -11.699 -9.081  3.892   1.00 9.36  ? 143 THR A O   1 
ATOM   1049 C  CB  . THR A 1 144 ? -8.957  -9.082  1.885   1.00 8.30  ? 143 THR A CB  1 
ATOM   1050 O  OG1 . THR A 1 144 ? -8.516  -9.384  3.214   1.00 8.64  ? 143 THR A OG1 1 
ATOM   1051 C  CG2 . THR A 1 144 ? -7.985  -8.029  1.260   1.00 9.68  ? 143 THR A CG2 1 
ATOM   1052 N  N   . ASN A 1 145 ? -11.337 -10.751 2.408   1.00 8.55  ? 144 ASN A N   1 
ATOM   1053 C  CA  . ASN A 1 145 ? -12.042 -11.731 3.243   1.00 9.24  ? 144 ASN A CA  1 
ATOM   1054 C  C   . ASN A 1 145 ? -11.397 -11.945 4.610   1.00 9.91  ? 144 ASN A C   1 
ATOM   1055 O  O   . ASN A 1 145 ? -12.062 -12.429 5.544   1.00 8.58  ? 144 ASN A O   1 
ATOM   1056 C  CB  . ASN A 1 145 ? -12.122 -13.070 2.536   1.00 11.66 ? 144 ASN A CB  1 
ATOM   1057 C  CG  . ASN A 1 145 ? -12.960 -13.030 1.276   1.00 16.41 ? 144 ASN A CG  1 
ATOM   1058 O  OD1 . ASN A 1 145 ? -13.779 -12.112 1.046   1.00 14.50 ? 144 ASN A OD1 1 
ATOM   1059 N  ND2 . ASN A 1 145 ? -12.734 -14.025 0.421   1.00 21.78 ? 144 ASN A ND2 1 
ATOM   1060 N  N   . HIS A 1 146 ? -10.110 -11.626 4.726   1.00 7.29  ? 145 HIS A N   1 
ATOM   1061 C  CA  . HIS A 1 146 ? -9.378  -11.793 5.970   1.00 8.62  ? 145 HIS A CA  1 
ATOM   1062 C  C   . HIS A 1 146 ? -8.951  -10.528 6.695   1.00 10.35 ? 145 HIS A C   1 
ATOM   1063 O  O   . HIS A 1 146 ? -8.074  -10.583 7.552   1.00 12.42 ? 145 HIS A O   1 
ATOM   1064 C  CB  . HIS A 1 146 ? -8.187  -12.734 5.749   1.00 10.07 ? 145 HIS A CB  1 
ATOM   1065 C  CG  . HIS A 1 146 ? -8.591  -14.101 5.327   1.00 14.85 ? 145 HIS A CG  1 
ATOM   1066 N  ND1 . HIS A 1 146 ? -8.913  -15.083 6.230   1.00 16.72 ? 145 HIS A ND1 1 
ATOM   1067 C  CD2 . HIS A 1 146 ? -8.797  -14.633 4.103   1.00 13.71 ? 145 HIS A CD2 1 
ATOM   1068 C  CE1 . HIS A 1 146 ? -9.267  -16.176 5.578   1.00 13.79 ? 145 HIS A CE1 1 
ATOM   1069 N  NE2 . HIS A 1 146 ? -9.200  -15.937 4.289   1.00 18.20 ? 145 HIS A NE2 1 
ATOM   1070 N  N   . GLY A 1 147 ? -9.522  -9.380  6.348   1.00 11.02 ? 146 GLY A N   1 
ATOM   1071 C  CA  . GLY A 1 147 ? -9.262  -8.188  7.112   1.00 12.05 ? 146 GLY A CA  1 
ATOM   1072 C  C   . GLY A 1 147 ? -9.154  -6.966  6.249   1.00 14.59 ? 146 GLY A C   1 
ATOM   1073 O  O   . GLY A 1 147 ? -9.673  -6.955  5.139   1.00 17.02 ? 146 GLY A O   1 
ATOM   1074 N  N   . GLU A 1 148 ? -8.495  -5.942  6.781   1.00 11.53 ? 147 GLU A N   1 
ATOM   1075 C  CA  A GLU A 1 148 ? -8.398  -4.631  6.161   0.67 11.21 ? 147 GLU A CA  1 
ATOM   1076 C  CA  B GLU A 1 148 ? -8.380  -4.676  6.079   0.33 11.16 ? 147 GLU A CA  1 
ATOM   1077 C  C   . GLU A 1 148 ? -6.940  -4.214  5.946   1.00 9.87  ? 147 GLU A C   1 
ATOM   1078 O  O   . GLU A 1 148 ? -6.025  -4.654  6.679   1.00 8.91  ? 147 GLU A O   1 
ATOM   1079 C  CB  A GLU A 1 148 ? -9.052  -3.615  7.117   0.67 11.71 ? 147 GLU A CB  1 
ATOM   1080 C  CB  B GLU A 1 148 ? -9.151  -3.560  6.792   0.33 10.89 ? 147 GLU A CB  1 
ATOM   1081 C  CG  A GLU A 1 148 ? -9.228  -2.175  6.602   0.67 16.50 ? 147 GLU A CG  1 
ATOM   1082 C  CG  B GLU A 1 148 ? -10.571 -3.877  7.195   0.33 16.85 ? 147 GLU A CG  1 
ATOM   1083 C  CD  A GLU A 1 148 ? -8.028  -1.229  6.760   0.67 29.87 ? 147 GLU A CD  1 
ATOM   1084 C  CD  B GLU A 1 148 ? -10.714 -4.279  8.655   0.33 19.81 ? 147 GLU A CD  1 
ATOM   1085 O  OE1 A GLU A 1 148 ? -7.101  -1.444  7.568   0.67 22.57 ? 147 GLU A OE1 1 
ATOM   1086 O  OE1 B GLU A 1 148 ? -11.614 -3.711  9.320   0.33 28.01 ? 147 GLU A OE1 1 
ATOM   1087 O  OE2 A GLU A 1 148 ? -8.038  -0.207  6.060   0.67 25.23 ? 147 GLU A OE2 1 
ATOM   1088 O  OE2 B GLU A 1 148 ? -9.954  -5.148  9.145   0.33 20.79 ? 147 GLU A OE2 1 
ATOM   1089 N  N   . PHE A 1 149 ? -6.738  -3.335  4.984   1.00 9.48  ? 148 PHE A N   1 
ATOM   1090 C  CA  . PHE A 1 149 ? -5.462  -2.645  4.827   1.00 8.11  ? 148 PHE A CA  1 
ATOM   1091 C  C   . PHE A 1 149 ? -5.728  -1.256  4.273   1.00 12.00 ? 148 PHE A C   1 
ATOM   1092 O  O   . PHE A 1 149 ? -6.775  -1.031  3.661   1.00 11.16 ? 148 PHE A O   1 
ATOM   1093 C  CB  . PHE A 1 149 ? -4.445  -3.420  4.010   1.00 9.31  ? 148 PHE A CB  1 
ATOM   1094 C  CG  . PHE A 1 149 ? -4.797  -3.600  2.540   1.00 10.84 ? 148 PHE A CG  1 
ATOM   1095 C  CD1 . PHE A 1 149 ? -5.523  -4.692  2.108   1.00 10.46 ? 148 PHE A CD1 1 
ATOM   1096 C  CD2 . PHE A 1 149 ? -4.329  -2.708  1.581   1.00 8.78  ? 148 PHE A CD2 1 
ATOM   1097 C  CE1 . PHE A 1 149 ? -5.809  -4.881  0.781   1.00 9.39  ? 148 PHE A CE1 1 
ATOM   1098 C  CE2 . PHE A 1 149 ? -4.594  -2.897  0.254   1.00 10.17 ? 148 PHE A CE2 1 
ATOM   1099 C  CZ  . PHE A 1 149 ? -5.335  -4.004  -0.157  1.00 9.57  ? 148 PHE A CZ  1 
ATOM   1100 N  N   . THR A 1 150 ? -4.795  -0.332  4.503   1.00 9.39  ? 149 THR A N   1 
ATOM   1101 C  CA  . THR A 1 150 ? -4.938  1.046   4.055   1.00 7.57  ? 149 THR A CA  1 
ATOM   1102 C  C   . THR A 1 150 ? -3.754  1.466   3.212   1.00 9.19  ? 149 THR A C   1 
ATOM   1103 O  O   . THR A 1 150 ? -2.603  1.286   3.629   1.00 10.05 ? 149 THR A O   1 
ATOM   1104 C  CB  . THR A 1 150 ? -5.094  2.015   5.241   1.00 12.05 ? 149 THR A CB  1 
ATOM   1105 O  OG1 . THR A 1 150 ? -6.280  1.675   5.962   1.00 15.98 ? 149 THR A OG1 1 
ATOM   1106 C  CG2 . THR A 1 150 ? -5.161  3.447   4.787   1.00 11.95 ? 149 THR A CG2 1 
ATOM   1107 N  N   . VAL A 1 151 ? -4.048  1.994   2.036   1.00 7.89  ? 150 VAL A N   1 
ATOM   1108 C  CA  . VAL A 1 151 ? -3.044  2.562   1.142   1.00 7.70  ? 150 VAL A CA  1 
ATOM   1109 C  C   . VAL A 1 151 ? -3.025  4.097   1.305   1.00 10.07 ? 150 VAL A C   1 
ATOM   1110 O  O   . VAL A 1 151 ? -4.083  4.742   1.316   1.00 9.37  ? 150 VAL A O   1 
ATOM   1111 C  CB  . VAL A 1 151 ? -3.308  2.199   -0.346  1.00 7.71  ? 150 VAL A CB  1 
ATOM   1112 C  CG1 . VAL A 1 151 ? -2.293  2.935   -1.300  1.00 8.42  ? 150 VAL A CG1 1 
ATOM   1113 C  CG2 . VAL A 1 151 ? -3.274  0.676   -0.545  1.00 8.55  ? 150 VAL A CG2 1 
ATOM   1114 N  N   . GLU A 1 152 ? -1.825  4.667   1.498   1.00 8.46  ? 151 GLU A N   1 
ATOM   1115 C  CA  . GLU A 1 152 ? -1.679  6.121   1.608   1.00 8.44  ? 151 GLU A CA  1 
ATOM   1116 C  C   . GLU A 1 152 ? -0.700  6.648   0.564   1.00 9.14  ? 151 GLU A C   1 
ATOM   1117 O  O   . GLU A 1 152 ? 0.176   5.938   0.111   1.00 9.02  ? 151 GLU A O   1 
ATOM   1118 C  CB  . GLU A 1 152 ? -1.208  6.549   3.008   1.00 8.79  ? 151 GLU A CB  1 
ATOM   1119 C  CG  . GLU A 1 152 ? -2.144  6.261   4.115   1.00 9.93  ? 151 GLU A CG  1 
ATOM   1120 C  CD  . GLU A 1 152 ? -1.732  7.033   5.355   1.00 11.82 ? 151 GLU A CD  1 
ATOM   1121 O  OE1 . GLU A 1 152 ? -0.510  7.080   5.655   1.00 12.15 ? 151 GLU A OE1 1 
ATOM   1122 O  OE2 . GLU A 1 152 ? -2.611  7.603   6.042   1.00 14.51 ? 151 GLU A OE2 1 
ATOM   1123 N  N   . PHE A 1 153 ? -0.860  7.925   0.229   1.00 9.55  ? 152 PHE A N   1 
ATOM   1124 C  CA  . PHE A 1 153 ? -0.057  8.613   -0.787  1.00 8.46  ? 152 PHE A CA  1 
ATOM   1125 C  C   . PHE A 1 153 ? -0.063  10.077  -0.423  1.00 9.98  ? 152 PHE A C   1 
ATOM   1126 O  O   . PHE A 1 153 ? -1.112  10.630  -0.073  1.00 9.97  ? 152 PHE A O   1 
ATOM   1127 C  CB  . PHE A 1 153 ? -0.759  8.457   -2.165  1.00 9.52  ? 152 PHE A CB  1 
ATOM   1128 C  CG  . PHE A 1 153 ? -0.233  9.334   -3.299  1.00 9.40  ? 152 PHE A CG  1 
ATOM   1129 C  CD1 . PHE A 1 153 ? 1.097   9.311   -3.720  1.00 10.99 ? 152 PHE A CD1 1 
ATOM   1130 C  CD2 . PHE A 1 153 ? -1.135  10.099  -4.020  1.00 9.88  ? 152 PHE A CD2 1 
ATOM   1131 C  CE1 . PHE A 1 153 ? 1.520   10.069  -4.796  1.00 11.73 ? 152 PHE A CE1 1 
ATOM   1132 C  CE2 . PHE A 1 153 ? -0.732  10.857  -5.094  1.00 13.91 ? 152 PHE A CE2 1 
ATOM   1133 C  CZ  . PHE A 1 153 ? 0.603   10.838  -5.481  1.00 12.56 ? 152 PHE A CZ  1 
ATOM   1134 N  N   . CYS A 1 154 ? 1.103   10.707  -0.514  1.00 8.87  ? 153 CYS A N   1 
ATOM   1135 C  CA  . CYS A 1 154 ? 1.159   12.163  -0.362  1.00 8.35  ? 153 CYS A CA  1 
ATOM   1136 C  C   . CYS A 1 154 ? 2.322   12.705  -1.148  1.00 8.76  ? 153 CYS A C   1 
ATOM   1137 O  O   . CYS A 1 154 ? 3.266   11.974  -1.481  1.00 9.23  ? 153 CYS A O   1 
ATOM   1138 C  CB  . CYS A 1 154 ? 1.312   12.544  1.108   1.00 8.16  ? 153 CYS A CB  1 
ATOM   1139 S  SG  . CYS A 1 154 ? 2.839   11.956  1.912   1.00 11.03 ? 153 CYS A SG  1 
ATOM   1140 N  N   . PHE A 1 155 ? 2.243   13.989  -1.486  1.00 9.81  ? 154 PHE A N   1 
ATOM   1141 C  CA  . PHE A 1 155 ? 3.382   14.682  -2.071  1.00 8.42  ? 154 PHE A CA  1 
ATOM   1142 C  C   . PHE A 1 155 ? 3.247   16.176  -1.761  1.00 10.17 ? 154 PHE A C   1 
ATOM   1143 O  O   . PHE A 1 155 ? 2.154   16.671  -1.471  1.00 11.26 ? 154 PHE A O   1 
ATOM   1144 C  CB  . PHE A 1 155 ? 3.550   14.457  -3.603  1.00 9.06  ? 154 PHE A CB  1 
ATOM   1145 C  CG  . PHE A 1 155 ? 2.392   14.955  -4.428  1.00 13.47 ? 154 PHE A CG  1 
ATOM   1146 C  CD1 . PHE A 1 155 ? 2.302   16.279  -4.805  1.00 15.01 ? 154 PHE A CD1 1 
ATOM   1147 C  CD2 . PHE A 1 155 ? 1.399   14.083  -4.823  1.00 18.95 ? 154 PHE A CD2 1 
ATOM   1148 C  CE1 . PHE A 1 155 ? 1.230   16.731  -5.560  1.00 18.96 ? 154 PHE A CE1 1 
ATOM   1149 C  CE2 . PHE A 1 155 ? 0.332   14.511  -5.594  1.00 19.49 ? 154 PHE A CE2 1 
ATOM   1150 C  CZ  . PHE A 1 155 ? 0.241   15.841  -5.961  1.00 19.55 ? 154 PHE A CZ  1 
ATOM   1151 N  N   . GLU A 1 156 ? 4.386   16.848  -1.826  1.00 10.61 ? 155 GLU A N   1 
ATOM   1152 C  CA  . GLU A 1 156 ? 4.482   18.298  -1.622  1.00 10.29 ? 155 GLU A CA  1 
ATOM   1153 C  C   . GLU A 1 156 ? 5.527   18.842  -2.571  1.00 14.49 ? 155 GLU A C   1 
ATOM   1154 O  O   . GLU A 1 156 ? 6.431   18.124  -3.062  1.00 13.39 ? 155 GLU A O   1 
ATOM   1155 C  CB  . GLU A 1 156 ? 4.869   18.638  -0.186  1.00 12.96 ? 155 GLU A CB  1 
ATOM   1156 C  CG  . GLU A 1 156 ? 6.276   18.271  0.180   1.00 14.09 ? 155 GLU A CG  1 
ATOM   1157 C  CD  . GLU A 1 156 ? 6.647   18.721  1.592   1.00 19.50 ? 155 GLU A CD  1 
ATOM   1158 O  OE1 . GLU A 1 156 ? 5.750   18.889  2.430   1.00 23.77 ? 155 GLU A OE1 1 
ATOM   1159 O  OE2 . GLU A 1 156 ? 7.848   18.898  1.836   1.00 21.96 ? 155 GLU A OE2 1 
ATOM   1160 O  OXT . GLU A 1 156 ? 5.515   20.063  -2.802  1.00 15.55 ? 155 GLU A OXT 1 
HETATM 1161 C  C1  . CIT B 2 .   ? 2.580   19.460  11.399  0.50 22.45 ? 156 CIT A C1  1 
HETATM 1162 O  O1  . CIT B 2 .   ? 2.354   19.126  12.584  0.50 22.02 ? 156 CIT A O1  1 
HETATM 1163 O  O2  . CIT B 2 .   ? 1.630   19.576  10.613  0.50 27.35 ? 156 CIT A O2  1 
HETATM 1164 C  C2  . CIT B 2 .   ? 3.992   19.740  10.946  0.50 31.06 ? 156 CIT A C2  1 
HETATM 1165 C  C3  . CIT B 2 .   ? 4.179   19.581  9.449   0.50 29.90 ? 156 CIT A C3  1 
HETATM 1166 O  O7  . CIT B 2 .   ? 3.517   18.401  8.928   0.50 28.44 ? 156 CIT A O7  1 
HETATM 1167 C  C4  . CIT B 2 .   ? 5.669   19.490  9.208   0.50 29.82 ? 156 CIT A C4  1 
HETATM 1168 C  C5  . CIT B 2 .   ? 5.971   19.689  7.754   0.50 33.19 ? 156 CIT A C5  1 
HETATM 1169 O  O3  . CIT B 2 .   ? 5.618   18.818  6.953   0.50 24.60 ? 156 CIT A O3  1 
HETATM 1170 O  O4  . CIT B 2 .   ? 6.579   20.701  7.343   0.50 39.72 ? 156 CIT A O4  1 
HETATM 1171 C  C6  . CIT B 2 .   ? 3.639   20.825  8.785   0.50 28.63 ? 156 CIT A C6  1 
HETATM 1172 O  O5  . CIT B 2 .   ? 4.130   21.943  9.055   0.50 28.31 ? 156 CIT A O5  1 
HETATM 1173 O  O6  . CIT B 2 .   ? 2.690   20.738  7.980   0.50 23.52 ? 156 CIT A O6  1 
HETATM 1174 C  C1  . MRD C 3 .   ? -3.116  14.122  -1.228  1.00 34.45 ? 157 MRD A C1  1 
HETATM 1175 C  C2  . MRD C 3 .   ? -1.858  14.590  -1.934  1.00 29.76 ? 157 MRD A C2  1 
HETATM 1176 O  O2  . MRD C 3 .   ? -0.804  14.798  -0.956  1.00 21.75 ? 157 MRD A O2  1 
HETATM 1177 C  CM  . MRD C 3 .   ? -1.447  13.404  -2.808  1.00 29.32 ? 157 MRD A CM  1 
HETATM 1178 C  C3  . MRD C 3 .   ? -2.282  15.708  -2.913  1.00 35.52 ? 157 MRD A C3  1 
HETATM 1179 C  C4  . MRD C 3 .   ? -1.897  17.199  -2.839  1.00 40.32 ? 157 MRD A C4  1 
HETATM 1180 O  O4  . MRD C 3 .   ? -0.638  17.462  -2.219  1.00 38.46 ? 157 MRD A O4  1 
HETATM 1181 C  C5  . MRD C 3 .   ? -2.980  18.006  -2.141  1.00 38.32 ? 157 MRD A C5  1 
HETATM 1182 O  O   . HOH D 4 .   ? 3.366   7.441   13.605  1.00 9.21  ? 158 HOH A O   1 
HETATM 1183 O  O   . HOH D 4 .   ? 0.271   8.669   7.576   1.00 10.46 ? 159 HOH A O   1 
HETATM 1184 O  O   . HOH D 4 .   ? 14.701  -0.273  1.373   1.00 12.59 ? 160 HOH A O   1 
HETATM 1185 O  O   . HOH D 4 .   ? 8.565   8.354   3.212   1.00 13.72 ? 161 HOH A O   1 
HETATM 1186 O  O   . HOH D 4 .   ? 9.117   2.341   -5.539  1.00 12.86 ? 162 HOH A O   1 
HETATM 1187 O  O   . HOH D 4 .   ? 0.730   12.106  9.349   1.00 11.97 ? 163 HOH A O   1 
HETATM 1188 O  O   . HOH D 4 .   ? -6.128  -10.807 3.008   1.00 12.61 ? 164 HOH A O   1 
HETATM 1189 O  O   . HOH D 4 .   ? -0.453  3.067   4.958   1.00 10.45 ? 165 HOH A O   1 
HETATM 1190 O  O   . HOH D 4 .   ? 0.266   -15.443 -8.227  1.00 12.28 ? 166 HOH A O   1 
HETATM 1191 O  O   . HOH D 4 .   ? -5.520  -14.596 8.242   1.00 14.09 ? 167 HOH A O   1 
HETATM 1192 O  O   . HOH D 4 .   ? 4.806   8.875   -11.430 1.00 11.78 ? 168 HOH A O   1 
HETATM 1193 O  O   . HOH D 4 .   ? -12.770 5.968   3.856   1.00 13.55 ? 169 HOH A O   1 
HETATM 1194 O  O   . HOH D 4 .   ? 3.288   -0.940  18.143  1.00 18.06 ? 170 HOH A O   1 
HETATM 1195 O  O   . HOH D 4 .   ? -0.201  16.152  6.480   1.00 14.51 ? 171 HOH A O   1 
HETATM 1196 O  O   . HOH D 4 .   ? 9.039   14.802  -11.539 1.00 14.84 ? 172 HOH A O   1 
HETATM 1197 O  O   . HOH D 4 .   ? 3.156   -14.481 -5.418  1.00 16.64 ? 173 HOH A O   1 
HETATM 1198 O  O   . HOH D 4 .   ? 7.041   14.475  -8.880  1.00 17.98 ? 174 HOH A O   1 
HETATM 1199 O  O   . HOH D 4 .   ? -5.779  10.076  11.196  1.00 19.79 ? 175 HOH A O   1 
HETATM 1200 O  O   . HOH D 4 .   ? -5.793  -8.990  12.618  1.00 14.45 ? 176 HOH A O   1 
HETATM 1201 O  O   . HOH D 4 .   ? 6.642   3.296   -12.571 1.00 19.64 ? 177 HOH A O   1 
HETATM 1202 O  O   . HOH D 4 .   ? 3.638   5.683   -17.461 1.00 18.36 ? 178 HOH A O   1 
HETATM 1203 O  O   . HOH D 4 .   ? 13.577  11.904  -8.634  1.00 14.54 ? 179 HOH A O   1 
HETATM 1204 O  O   . HOH D 4 .   ? 8.339   0.487   -7.648  1.00 14.61 ? 180 HOH A O   1 
HETATM 1205 O  O   . HOH D 4 .   ? -7.812  -12.718 1.876   1.00 17.92 ? 181 HOH A O   1 
HETATM 1206 O  O   . HOH D 4 .   ? -12.184 -4.623  -6.352  1.00 29.86 ? 182 HOH A O   1 
HETATM 1207 O  O   . HOH D 4 .   ? -6.720  14.073  -7.091  1.00 22.08 ? 183 HOH A O   1 
HETATM 1208 O  O   . HOH D 4 .   ? 5.306   14.920  1.037   1.00 17.26 ? 184 HOH A O   1 
HETATM 1209 O  O   . HOH D 4 .   ? -11.556 13.875  1.463   1.00 18.54 ? 185 HOH A O   1 
HETATM 1210 O  O   . HOH D 4 .   ? 2.018   15.326  7.916   1.00 15.45 ? 186 HOH A O   1 
HETATM 1211 O  O   . HOH D 4 .   ? 5.853   15.660  -12.892 1.00 21.66 ? 187 HOH A O   1 
HETATM 1212 O  O   . HOH D 4 .   ? 3.081   -7.017  14.007  1.00 22.15 ? 188 HOH A O   1 
HETATM 1213 O  O   . HOH D 4 .   ? -13.657 3.414   -3.965  1.00 30.27 ? 189 HOH A O   1 
HETATM 1214 O  O   . HOH D 4 .   ? 14.682  -8.100  6.231   1.00 29.48 ? 190 HOH A O   1 
HETATM 1215 O  O   . HOH D 4 .   ? -16.112 5.713   -2.720  1.00 25.88 ? 191 HOH A O   1 
HETATM 1216 O  O   . HOH D 4 .   ? 11.867  4.708   -9.711  1.00 22.09 ? 192 HOH A O   1 
HETATM 1217 O  O   . HOH D 4 .   ? -1.298  -16.309 -5.969  1.00 17.06 ? 193 HOH A O   1 
HETATM 1218 O  O   . HOH D 4 .   ? 13.195  -14.831 9.849   1.00 32.22 ? 194 HOH A O   1 
HETATM 1219 O  O   . HOH D 4 .   ? -17.161 -6.384  -2.647  1.00 28.33 ? 195 HOH A O   1 
HETATM 1220 O  O   . HOH D 4 .   ? -8.223  -7.910  10.820  1.00 25.79 ? 196 HOH A O   1 
HETATM 1221 O  O   . HOH D 4 .   ? -5.639  3.219   10.270  1.00 33.79 ? 197 HOH A O   1 
HETATM 1222 O  O   . HOH D 4 .   ? -5.459  -16.848 6.684   1.00 25.70 ? 198 HOH A O   1 
HETATM 1223 O  O   A HOH D 4 .   ? -5.173  -6.648  14.186  0.50 13.09 ? 199 HOH A O   1 
HETATM 1224 O  O   B HOH D 4 .   ? -4.505  -7.502  14.880  0.50 16.00 ? 199 HOH A O   1 
HETATM 1225 O  O   . HOH D 4 .   ? 14.735  -9.708  8.699   1.00 26.92 ? 200 HOH A O   1 
HETATM 1226 O  O   . HOH D 4 .   ? 9.010   18.839  -2.775  1.00 18.37 ? 201 HOH A O   1 
HETATM 1227 O  O   . HOH D 4 .   ? -9.097  15.154  -7.606  1.00 23.20 ? 202 HOH A O   1 
HETATM 1228 O  O   . HOH D 4 .   ? -17.417 12.308  1.031   1.00 32.04 ? 203 HOH A O   1 
HETATM 1229 O  O   . HOH D 4 .   ? 0.900   7.503   16.758  1.00 23.15 ? 204 HOH A O   1 
HETATM 1230 O  O   A HOH D 4 .   ? -11.058 -10.558 -0.698  0.50 17.21 ? 205 HOH A O   1 
HETATM 1231 O  O   B HOH D 4 .   ? -10.197 -11.674 -0.111  0.50 15.07 ? 205 HOH A O   1 
HETATM 1232 O  O   . HOH D 4 .   ? 2.628   -3.919  20.051  1.00 25.65 ? 206 HOH A O   1 
HETATM 1233 O  O   . HOH D 4 .   ? -6.200  5.786   8.568   1.00 36.41 ? 207 HOH A O   1 
HETATM 1234 O  O   . HOH D 4 .   ? -4.963  -16.686 1.766   1.00 28.73 ? 208 HOH A O   1 
HETATM 1235 O  O   A HOH D 4 .   ? -3.302  13.102  13.320  0.50 20.05 ? 209 HOH A O   1 
HETATM 1236 O  O   B HOH D 4 .   ? -4.672  12.657  12.499  0.50 25.29 ? 209 HOH A O   1 
HETATM 1237 O  O   . HOH D 4 .   ? 13.754  15.224  -5.049  1.00 20.06 ? 210 HOH A O   1 
HETATM 1238 O  O   . HOH D 4 .   ? -8.367  4.795   6.139   1.00 33.58 ? 211 HOH A O   1 
HETATM 1239 O  O   A HOH D 4 .   ? 9.721   3.492   -12.027 0.50 17.93 ? 212 HOH A O   1 
HETATM 1240 O  O   B HOH D 4 .   ? 9.900   2.033   -11.405 0.50 22.59 ? 212 HOH A O   1 
HETATM 1241 O  O   . HOH D 4 .   ? -3.138  -4.718  16.647  1.00 33.00 ? 213 HOH A O   1 
HETATM 1242 O  O   . HOH D 4 .   ? -2.367  -14.540 -11.025 1.00 30.36 ? 214 HOH A O   1 
HETATM 1243 O  O   . HOH D 4 .   ? -11.528 -13.081 9.285   1.00 45.72 ? 215 HOH A O   1 
HETATM 1244 O  O   . HOH D 4 .   ? 14.012  14.649  -8.063  1.00 28.04 ? 216 HOH A O   1 
HETATM 1245 O  O   . HOH D 4 .   ? -6.138  -17.309 4.171   1.00 28.75 ? 217 HOH A O   1 
HETATM 1246 O  O   . HOH D 4 .   ? -13.866 8.281   5.264   1.00 21.42 ? 218 HOH A O   1 
HETATM 1247 O  O   . HOH D 4 .   ? 9.374   -17.140 11.233  1.00 25.28 ? 219 HOH A O   1 
HETATM 1248 O  O   . HOH D 4 .   ? 15.846  -0.795  -7.014  1.00 32.22 ? 220 HOH A O   1 
HETATM 1249 O  O   . HOH D 4 .   ? -3.494  -17.405 -7.002  1.00 30.92 ? 221 HOH A O   1 
HETATM 1250 O  O   . HOH D 4 .   ? -10.510 -12.285 -3.043  1.00 31.45 ? 222 HOH A O   1 
HETATM 1251 O  O   . HOH D 4 .   ? 11.407  19.431  -6.169  1.00 42.56 ? 223 HOH A O   1 
HETATM 1252 O  O   . HOH D 4 .   ? -10.197 -16.180 1.106   1.00 39.39 ? 224 HOH A O   1 
HETATM 1253 O  O   . HOH D 4 .   ? 5.240   15.987  -10.247 1.00 39.22 ? 225 HOH A O   1 
HETATM 1254 O  O   . HOH D 4 .   ? -14.605 -11.577 -1.240  1.00 39.12 ? 226 HOH A O   1 
HETATM 1255 O  O   . HOH D 4 .   ? 1.206   2.920   18.422  1.00 33.74 ? 227 HOH A O   1 
HETATM 1256 O  O   . HOH D 4 .   ? -16.523 1.180   -1.763  1.00 24.82 ? 228 HOH A O   1 
HETATM 1257 O  O   . HOH D 4 .   ? -8.404  -14.595 8.845   1.00 34.30 ? 229 HOH A O   1 
HETATM 1258 O  O   . HOH D 4 .   ? 6.046   -20.295 -3.294  1.00 37.26 ? 230 HOH A O   1 
HETATM 1259 O  O   . HOH D 4 .   ? -1.179  -5.599  -14.075 1.00 24.43 ? 231 HOH A O   1 
HETATM 1260 O  O   . HOH D 4 .   ? 12.631  -8.928  12.831  1.00 30.99 ? 232 HOH A O   1 
HETATM 1261 O  O   . HOH D 4 .   ? 6.746   5.432   -13.812 1.00 30.98 ? 233 HOH A O   1 
HETATM 1262 O  O   . HOH D 4 .   ? -7.289  -3.055  -11.641 1.00 33.28 ? 234 HOH A O   1 
HETATM 1263 O  O   . HOH D 4 .   ? -13.068 14.158  -0.941  1.00 48.79 ? 235 HOH A O   1 
HETATM 1264 O  O   . HOH D 4 .   ? -5.473  -16.139 -2.116  1.00 32.77 ? 236 HOH A O   1 
HETATM 1265 O  O   . HOH D 4 .   ? 7.674   7.689   -13.238 1.00 30.15 ? 237 HOH A O   1 
HETATM 1266 O  O   . HOH D 4 .   ? -4.988  -1.476  8.690   1.00 42.26 ? 238 HOH A O   1 
HETATM 1267 O  O   . HOH D 4 .   ? -11.342 5.124   6.000   1.00 27.16 ? 239 HOH A O   1 
HETATM 1268 O  O   . HOH D 4 .   ? 11.751  13.500  -12.013 1.00 30.24 ? 240 HOH A O   1 
HETATM 1269 O  O   . HOH D 4 .   ? -8.851  -14.981 -2.263  1.00 39.77 ? 241 HOH A O   1 
HETATM 1270 O  O   . HOH D 4 .   ? -7.343  18.016  6.809   1.00 20.98 ? 242 HOH A O   1 
HETATM 1271 O  O   A HOH D 4 .   ? 11.811  -0.280  -6.097  0.50 15.92 ? 243 HOH A O   1 
HETATM 1272 O  O   B HOH D 4 .   ? 11.582  -0.620  -7.825  0.50 19.11 ? 243 HOH A O   1 
HETATM 1273 O  O   . HOH D 4 .   ? -2.285  1.976   -11.978 1.00 28.89 ? 244 HOH A O   1 
HETATM 1274 O  O   . HOH D 4 .   ? -5.124  -14.834 11.041  1.00 29.99 ? 245 HOH A O   1 
HETATM 1275 O  O   . HOH D 4 .   ? -15.293 11.164  -7.800  1.00 37.98 ? 246 HOH A O   1 
HETATM 1276 O  O   . HOH D 4 .   ? -3.943  -1.999  14.995  1.00 36.64 ? 247 HOH A O   1 
HETATM 1277 O  O   . HOH D 4 .   ? 11.702  1.881   -8.827  1.00 51.09 ? 248 HOH A O   1 
HETATM 1278 O  O   . HOH D 4 .   ? -10.444 -18.385 3.134   1.00 49.24 ? 249 HOH A O   1 
HETATM 1279 O  O   . HOH D 4 .   ? -11.669 -10.454 9.106   1.00 42.22 ? 250 HOH A O   1 
HETATM 1280 O  O   . HOH D 4 .   ? -7.030  -4.948  13.805  1.00 37.87 ? 251 HOH A O   1 
HETATM 1281 O  O   . HOH D 4 .   ? 1.801   21.182  0.146   1.00 37.14 ? 252 HOH A O   1 
HETATM 1282 O  O   . HOH D 4 .   ? -5.793  -11.382 14.088  1.00 34.79 ? 253 HOH A O   1 
HETATM 1283 O  O   . HOH D 4 .   ? 9.299   -16.233 14.044  1.00 38.15 ? 254 HOH A O   1 
HETATM 1284 O  O   . HOH D 4 .   ? -9.845  -1.735  -10.379 1.00 39.64 ? 255 HOH A O   1 
HETATM 1285 O  O   . HOH D 4 .   ? 13.610  1.289   -6.442  1.00 36.92 ? 256 HOH A O   1 
HETATM 1286 O  O   . HOH D 4 .   ? -14.148 10.823  4.650   1.00 28.98 ? 257 HOH A O   1 
HETATM 1287 O  O   . HOH D 4 .   ? -5.743  -18.149 -5.883  1.00 44.95 ? 258 HOH A O   1 
HETATM 1288 O  O   . HOH D 4 .   ? 7.080   21.548  -4.325  1.00 35.74 ? 259 HOH A O   1 
HETATM 1289 O  O   . HOH D 4 .   ? 4.316   12.672  -17.745 1.00 42.71 ? 260 HOH A O   1 
HETATM 1290 O  O   . HOH D 4 .   ? 13.094  15.720  -11.125 1.00 43.58 ? 261 HOH A O   1 
HETATM 1291 O  O   . HOH D 4 .   ? 3.023   21.396  -2.531  1.00 31.78 ? 262 HOH A O   1 
HETATM 1292 O  O   . HOH D 4 .   ? 15.592  -16.082 7.156   1.00 53.37 ? 263 HOH A O   1 
HETATM 1293 O  O   . HOH D 4 .   ? -4.948  1.256   8.490   1.00 42.65 ? 264 HOH A O   1 
HETATM 1294 O  O   . HOH D 4 .   ? 8.513   16.827  5.809   1.00 27.78 ? 265 HOH A O   1 
HETATM 1295 O  O   . HOH D 4 .   ? -7.167  -15.133 0.651   1.00 43.48 ? 266 HOH A O   1 
HETATM 1296 O  O   . HOH D 4 .   ? -4.443  -13.021 12.788  1.00 29.53 ? 267 HOH A O   1 
HETATM 1297 O  O   . HOH D 4 .   ? -1.761  0.592   -14.312 1.00 56.29 ? 268 HOH A O   1 
HETATM 1298 O  O   . HOH D 4 .   ? 7.196   19.226  4.819   1.00 35.59 ? 269 HOH A O   1 
HETATM 1299 O  O   . HOH D 4 .   ? 14.481  -8.392  2.737   1.00 38.53 ? 270 HOH A O   1 
HETATM 1300 O  O   . HOH D 4 .   ? -11.794 -6.940  -8.404  1.00 40.38 ? 271 HOH A O   1 
HETATM 1301 O  O   . HOH D 4 .   ? 3.915   -6.905  18.118  1.00 26.35 ? 272 HOH A O   1 
HETATM 1302 O  O   . HOH D 4 .   ? -6.580  -7.129  -12.238 1.00 45.40 ? 273 HOH A O   1 
HETATM 1303 O  O   A HOH D 4 .   ? 10.221  17.297  7.836   0.50 26.30 ? 274 HOH A O   1 
HETATM 1304 O  O   B HOH D 4 .   ? 11.531  18.881  7.694   0.50 27.13 ? 274 HOH A O   1 
HETATM 1305 O  O   . HOH D 4 .   ? -0.155  10.932  -20.920 1.00 32.70 ? 275 HOH A O   1 
HETATM 1306 O  O   . HOH D 4 .   ? 8.128   16.141  -13.681 1.00 41.55 ? 276 HOH A O   1 
HETATM 1307 O  O   . HOH D 4 .   ? -20.311 10.526  3.021   1.00 48.06 ? 277 HOH A O   1 
HETATM 1308 O  O   . HOH D 4 .   ? -13.699 12.129  -13.437 1.00 50.61 ? 278 HOH A O   1 
HETATM 1309 O  O   . HOH D 4 .   ? 0.772   22.833  5.386   1.00 50.71 ? 279 HOH A O   1 
HETATM 1310 O  O   . HOH D 4 .   ? 2.196   0.029   20.207  1.00 43.19 ? 280 HOH A O   1 
HETATM 1311 O  O   . HOH D 4 .   ? 14.155  -9.560  14.841  1.00 56.21 ? 281 HOH A O   1 
HETATM 1312 O  O   . HOH D 4 .   ? -4.719  -3.855  13.369  1.00 38.76 ? 282 HOH A O   1 
HETATM 1313 O  O   . HOH D 4 .   ? 8.942   4.191   -14.462 1.00 58.18 ? 283 HOH A O   1 
HETATM 1314 O  O   . HOH D 4 .   ? 11.057  5.638   -12.068 1.00 47.48 ? 284 HOH A O   1 
HETATM 1315 O  O   . HOH D 4 .   ? 11.254  1.832   -13.594 1.00 52.85 ? 285 HOH A O   1 
HETATM 1316 O  O   . HOH D 4 .   ? 12.096  -16.031 12.564  1.00 33.86 ? 286 HOH A O   1 
HETATM 1317 O  O   . HOH D 4 .   ? -13.753 -8.216  -4.116  1.00 37.20 ? 287 HOH A O   1 
HETATM 1318 O  O   . HOH D 4 .   ? 1.098   5.607   19.144  1.00 51.69 ? 288 HOH A O   1 
HETATM 1319 O  O   . HOH D 4 .   ? -17.652 1.277   -4.271  1.00 38.99 ? 289 HOH A O   1 
HETATM 1320 O  O   A HOH D 4 .   ? -20.106 1.458   -5.983  0.50 28.22 ? 290 HOH A O   1 
HETATM 1321 O  O   B HOH D 4 .   ? -20.564 2.595   -7.264  0.50 25.75 ? 290 HOH A O   1 
HETATM 1322 O  O   . HOH D 4 .   ? -14.175 12.462  2.458   1.00 34.78 ? 291 HOH A O   1 
HETATM 1323 O  O   . HOH D 4 .   ? -12.259 -1.863  -7.775  1.00 42.26 ? 292 HOH A O   1 
HETATM 1324 O  O   . HOH D 4 .   ? -8.804  -7.872  -11.101 1.00 48.36 ? 293 HOH A O   1 
HETATM 1325 O  O   . HOH D 4 .   ? -6.189  16.892  10.509  1.00 38.96 ? 294 HOH A O   1 
HETATM 1326 O  O   . HOH D 4 .   ? 11.248  -9.055  -1.478  1.00 42.10 ? 295 HOH A O   1 
HETATM 1327 O  O   . HOH D 4 .   ? -3.625  6.991   -15.259 1.00 35.01 ? 296 HOH A O   1 
# 
